data_1UEY
#
_entry.id   1UEY
#
_cell.length_a   1.000
_cell.length_b   1.000
_cell.length_c   1.000
_cell.angle_alpha   90.00
_cell.angle_beta   90.00
_cell.angle_gamma   90.00
#
_symmetry.space_group_name_H-M   'P 1'
#
_entity_poly.entity_id   1
_entity_poly.type   'polypeptide(L)'
_entity_poly.pdbx_seq_one_letter_code
;GSSGSSGPTPAPVYDVPNPPFDLELTDQLDKSVQLSWTPGDDNNSPITKFIIEYEDAMHKPGLWHHQTEVSGTQTTAQLN
LSPYVNYSFRVMAVNSIGKSLPSEASEQYLTKASEPDKNPTSGPSSG
;
_entity_poly.pdbx_strand_id   A
#
# COMPACT_ATOMS: atom_id res chain seq x y z
N GLY A 1 18.27 15.27 -11.96
CA GLY A 1 18.85 14.39 -10.95
C GLY A 1 20.34 14.70 -10.75
N SER A 2 20.87 14.21 -9.64
CA SER A 2 22.26 14.42 -9.32
C SER A 2 23.15 13.71 -10.34
N SER A 3 24.43 14.03 -10.29
CA SER A 3 25.39 13.42 -11.19
C SER A 3 26.80 13.54 -10.63
N GLY A 4 27.39 12.40 -10.33
CA GLY A 4 28.73 12.36 -9.78
C GLY A 4 29.50 11.13 -10.28
N SER A 5 30.73 11.00 -9.79
CA SER A 5 31.56 9.88 -10.19
C SER A 5 32.87 9.90 -9.38
N SER A 6 33.43 8.71 -9.20
CA SER A 6 34.66 8.57 -8.45
C SER A 6 34.44 8.99 -6.99
N GLY A 7 35.41 8.65 -6.15
CA GLY A 7 35.33 8.98 -4.74
C GLY A 7 35.46 7.72 -3.88
N PRO A 8 36.74 7.43 -3.49
CA PRO A 8 37.01 6.26 -2.66
C PRO A 8 36.58 6.51 -1.21
N THR A 9 35.64 5.70 -0.76
CA THR A 9 35.13 5.81 0.60
C THR A 9 34.14 4.68 0.89
N PRO A 10 34.45 3.91 1.97
CA PRO A 10 33.59 2.82 2.37
C PRO A 10 32.32 3.32 3.04
N ALA A 11 31.52 4.03 2.27
CA ALA A 11 30.27 4.58 2.78
C ALA A 11 29.09 3.88 2.10
N PRO A 12 28.06 3.56 2.92
CA PRO A 12 26.87 2.89 2.41
C PRO A 12 25.99 3.87 1.62
N VAL A 13 24.80 3.39 1.28
CA VAL A 13 23.86 4.20 0.53
C VAL A 13 22.43 3.77 0.88
N TYR A 14 21.60 4.75 1.18
CA TYR A 14 20.22 4.49 1.52
C TYR A 14 19.27 5.14 0.51
N ASP A 15 18.01 5.20 0.89
CA ASP A 15 16.98 5.80 0.03
C ASP A 15 15.61 5.25 0.43
N VAL A 16 15.30 5.41 1.71
CA VAL A 16 14.02 4.95 2.23
C VAL A 16 13.79 3.49 1.78
N PRO A 17 12.85 2.82 2.50
CA PRO A 17 12.53 1.44 2.18
C PRO A 17 11.69 1.34 0.91
N ASN A 18 12.20 0.60 -0.05
CA ASN A 18 11.50 0.44 -1.32
C ASN A 18 10.03 0.12 -1.04
N PRO A 19 9.18 0.34 -2.09
CA PRO A 19 7.76 0.08 -1.97
C PRO A 19 7.47 -1.42 -2.00
N PRO A 20 6.35 -1.81 -1.33
CA PRO A 20 5.95 -3.20 -1.28
C PRO A 20 5.35 -3.65 -2.61
N PHE A 21 5.11 -4.95 -2.70
CA PHE A 21 4.54 -5.52 -3.91
C PHE A 21 3.69 -6.76 -3.59
N ASP A 22 3.10 -7.32 -4.64
CA ASP A 22 2.27 -8.50 -4.48
C ASP A 22 1.09 -8.16 -3.56
N LEU A 23 0.86 -6.87 -3.40
CA LEU A 23 -0.23 -6.41 -2.55
C LEU A 23 -1.46 -7.28 -2.78
N GLU A 24 -2.06 -7.71 -1.68
CA GLU A 24 -3.24 -8.55 -1.74
C GLU A 24 -4.24 -8.16 -0.65
N LEU A 25 -5.44 -8.73 -0.75
CA LEU A 25 -6.49 -8.43 0.22
C LEU A 25 -7.17 -9.74 0.62
N THR A 26 -6.89 -10.15 1.85
CA THR A 26 -7.47 -11.38 2.38
C THR A 26 -7.84 -11.21 3.85
N ASP A 27 -9.00 -11.71 4.21
CA ASP A 27 -9.47 -11.63 5.58
C ASP A 27 -10.29 -12.87 5.92
N GLN A 28 -10.91 -12.85 7.08
CA GLN A 28 -11.73 -13.96 7.53
C GLN A 28 -12.22 -13.72 8.96
N LEU A 29 -12.61 -12.47 9.21
CA LEU A 29 -13.11 -12.10 10.52
C LEU A 29 -14.61 -11.81 10.43
N ASP A 30 -14.92 -10.65 9.87
CA ASP A 30 -16.31 -10.24 9.73
C ASP A 30 -16.36 -8.79 9.26
N LYS A 31 -16.01 -7.89 10.17
CA LYS A 31 -16.02 -6.48 9.86
C LYS A 31 -14.60 -5.91 10.02
N SER A 32 -13.67 -6.52 9.31
CA SER A 32 -12.28 -6.10 9.37
C SER A 32 -11.43 -6.94 8.42
N VAL A 33 -11.06 -6.31 7.31
CA VAL A 33 -10.25 -6.99 6.31
C VAL A 33 -8.77 -6.73 6.59
N GLN A 34 -7.96 -7.73 6.29
CA GLN A 34 -6.52 -7.62 6.51
C GLN A 34 -5.80 -7.36 5.19
N LEU A 35 -4.88 -6.41 5.22
CA LEU A 35 -4.12 -6.06 4.05
C LEU A 35 -2.70 -6.64 4.17
N SER A 36 -2.42 -7.59 3.30
CA SER A 36 -1.11 -8.24 3.29
C SER A 36 -0.21 -7.58 2.25
N TRP A 37 0.92 -7.08 2.72
CA TRP A 37 1.88 -6.42 1.85
C TRP A 37 3.25 -7.06 2.08
N THR A 38 4.14 -6.82 1.12
CA THR A 38 5.49 -7.37 1.21
C THR A 38 6.53 -6.27 1.02
N PRO A 39 7.25 -5.97 2.13
CA PRO A 39 8.28 -4.93 2.10
C PRO A 39 9.52 -5.42 1.37
N GLY A 40 9.77 -4.83 0.21
CA GLY A 40 10.93 -5.21 -0.59
C GLY A 40 12.23 -4.83 0.11
N ASP A 41 13.16 -4.30 -0.66
CA ASP A 41 14.45 -3.90 -0.12
C ASP A 41 14.24 -2.78 0.90
N ASP A 42 15.20 -2.67 1.82
CA ASP A 42 15.13 -1.65 2.85
C ASP A 42 16.16 -0.56 2.55
N ASN A 43 17.10 -0.91 1.68
CA ASN A 43 18.15 0.03 1.31
C ASN A 43 18.95 0.41 2.55
N ASN A 44 19.68 -0.57 3.07
CA ASN A 44 20.50 -0.36 4.25
C ASN A 44 19.59 -0.09 5.45
N SER A 45 18.83 0.99 5.34
CA SER A 45 17.91 1.36 6.41
C SER A 45 16.72 0.40 6.45
N PRO A 46 16.60 -0.31 7.59
CA PRO A 46 15.52 -1.27 7.76
C PRO A 46 14.20 -0.55 8.04
N ILE A 47 13.11 -1.24 7.71
CA ILE A 47 11.78 -0.68 7.91
C ILE A 47 11.50 -0.57 9.42
N THR A 48 10.81 0.49 9.78
CA THR A 48 10.47 0.73 11.17
C THR A 48 8.95 0.83 11.34
N LYS A 49 8.31 1.40 10.33
CA LYS A 49 6.86 1.57 10.36
C LYS A 49 6.31 1.39 8.94
N PHE A 50 5.02 1.11 8.87
CA PHE A 50 4.36 0.92 7.60
C PHE A 50 3.01 1.65 7.55
N ILE A 51 3.00 2.76 6.83
CA ILE A 51 1.79 3.57 6.70
C ILE A 51 0.99 3.07 5.51
N ILE A 52 -0.31 3.33 5.56
CA ILE A 52 -1.20 2.92 4.50
C ILE A 52 -2.11 4.08 4.11
N GLU A 53 -2.67 3.99 2.91
CA GLU A 53 -3.56 5.03 2.42
C GLU A 53 -4.52 4.45 1.37
N TYR A 54 -5.62 5.16 1.17
CA TYR A 54 -6.61 4.74 0.21
C TYR A 54 -7.27 5.94 -0.47
N GLU A 55 -7.84 5.69 -1.64
CA GLU A 55 -8.50 6.74 -2.40
C GLU A 55 -9.95 6.35 -2.70
N ASP A 56 -10.85 7.26 -2.37
CA ASP A 56 -12.26 7.03 -2.60
C ASP A 56 -12.56 7.13 -4.10
N ALA A 57 -12.52 5.99 -4.76
CA ALA A 57 -12.79 5.94 -6.19
C ALA A 57 -14.28 6.12 -6.43
N MET A 58 -15.06 5.76 -5.43
CA MET A 58 -16.51 5.87 -5.52
C MET A 58 -16.96 7.32 -5.31
N HIS A 59 -16.00 8.15 -4.91
CA HIS A 59 -16.29 9.55 -4.68
C HIS A 59 -15.29 10.41 -5.45
N LYS A 60 -14.04 10.35 -5.02
CA LYS A 60 -12.99 11.12 -5.66
C LYS A 60 -11.75 10.22 -5.84
N PRO A 61 -11.63 9.65 -7.07
CA PRO A 61 -10.51 8.78 -7.39
C PRO A 61 -9.24 9.60 -7.60
N GLY A 62 -8.29 9.39 -6.70
CA GLY A 62 -7.02 10.10 -6.79
C GLY A 62 -6.73 10.86 -5.50
N LEU A 63 -7.67 10.78 -4.57
CA LEU A 63 -7.54 11.46 -3.30
C LEU A 63 -7.16 10.44 -2.22
N TRP A 64 -5.86 10.34 -1.97
CA TRP A 64 -5.36 9.41 -0.98
C TRP A 64 -5.41 10.11 0.40
N HIS A 65 -5.87 9.36 1.38
CA HIS A 65 -5.98 9.89 2.73
C HIS A 65 -5.22 8.99 3.70
N HIS A 66 -5.12 9.46 4.94
CA HIS A 66 -4.42 8.70 5.96
C HIS A 66 -5.33 7.58 6.48
N GLN A 67 -4.88 6.35 6.25
CA GLN A 67 -5.64 5.19 6.68
C GLN A 67 -5.15 4.73 8.06
N THR A 68 -4.02 4.04 8.05
CA THR A 68 -3.44 3.53 9.28
C THR A 68 -2.01 3.04 9.04
N GLU A 69 -1.27 2.94 10.13
CA GLU A 69 0.11 2.48 10.05
C GLU A 69 0.36 1.37 11.07
N VAL A 70 1.54 0.77 10.96
CA VAL A 70 1.92 -0.30 11.86
C VAL A 70 3.44 -0.30 12.06
N SER A 71 3.91 -1.28 12.80
CA SER A 71 5.34 -1.40 13.07
C SER A 71 6.06 -1.91 11.83
N GLY A 72 7.39 -1.84 11.89
CA GLY A 72 8.20 -2.29 10.78
C GLY A 72 8.55 -3.78 10.91
N THR A 73 7.72 -4.47 11.67
CA THR A 73 7.93 -5.89 11.89
C THR A 73 6.77 -6.70 11.30
N GLN A 74 5.57 -6.14 11.42
CA GLN A 74 4.38 -6.79 10.90
C GLN A 74 4.22 -6.47 9.42
N THR A 75 3.32 -7.23 8.79
CA THR A 75 3.05 -7.04 7.37
C THR A 75 1.57 -7.23 7.08
N THR A 76 0.78 -7.22 8.15
CA THR A 76 -0.65 -7.40 8.01
C THR A 76 -1.40 -6.44 8.94
N ALA A 77 -2.22 -5.60 8.33
CA ALA A 77 -2.99 -4.62 9.08
C ALA A 77 -4.46 -4.71 8.68
N GLN A 78 -5.33 -4.48 9.65
CA GLN A 78 -6.77 -4.52 9.41
C GLN A 78 -7.25 -3.20 8.83
N LEU A 79 -8.12 -3.30 7.83
CA LEU A 79 -8.66 -2.12 7.18
C LEU A 79 -10.17 -2.05 7.44
N ASN A 80 -10.63 -0.85 7.75
CA ASN A 80 -12.04 -0.65 8.02
C ASN A 80 -12.75 -0.21 6.73
N LEU A 81 -13.58 -1.11 6.21
CA LEU A 81 -14.31 -0.82 4.99
C LEU A 81 -15.79 -0.63 5.32
N SER A 82 -16.49 0.02 4.40
CA SER A 82 -17.91 0.28 4.59
C SER A 82 -18.68 -0.16 3.34
N PRO A 83 -20.03 -0.26 3.51
CA PRO A 83 -20.89 -0.65 2.41
C PRO A 83 -21.07 0.48 1.41
N TYR A 84 -21.06 0.11 0.13
CA TYR A 84 -21.21 1.09 -0.93
C TYR A 84 -20.04 2.07 -0.95
N VAL A 85 -18.84 1.50 -0.97
CA VAL A 85 -17.63 2.32 -0.99
C VAL A 85 -16.55 1.59 -1.79
N ASN A 86 -15.96 2.32 -2.72
CA ASN A 86 -14.91 1.76 -3.56
C ASN A 86 -13.64 2.59 -3.40
N TYR A 87 -12.50 1.91 -3.43
CA TYR A 87 -11.22 2.57 -3.28
C TYR A 87 -10.08 1.55 -3.32
N SER A 88 -8.86 2.08 -3.39
CA SER A 88 -7.69 1.23 -3.42
C SER A 88 -6.94 1.31 -2.08
N PHE A 89 -5.83 0.59 -2.01
CA PHE A 89 -5.03 0.57 -0.80
C PHE A 89 -3.53 0.61 -1.13
N ARG A 90 -2.87 1.62 -0.62
CA ARG A 90 -1.45 1.78 -0.85
C ARG A 90 -0.68 1.68 0.47
N VAL A 91 0.37 0.86 0.45
CA VAL A 91 1.18 0.66 1.63
C VAL A 91 2.48 1.46 1.48
N MET A 92 2.95 2.00 2.60
CA MET A 92 4.17 2.78 2.61
C MET A 92 5.14 2.27 3.68
N ALA A 93 6.42 2.48 3.41
CA ALA A 93 7.45 2.04 4.34
C ALA A 93 8.24 3.26 4.82
N VAL A 94 8.46 3.31 6.12
CA VAL A 94 9.20 4.41 6.73
C VAL A 94 10.31 3.85 7.62
N ASN A 95 11.50 4.39 7.42
CA ASN A 95 12.65 3.96 8.21
C ASN A 95 13.40 5.19 8.72
N SER A 96 14.60 4.94 9.22
CA SER A 96 15.42 6.01 9.75
C SER A 96 15.57 7.12 8.71
N ILE A 97 15.69 6.71 7.46
CA ILE A 97 15.82 7.66 6.36
C ILE A 97 14.56 8.51 6.27
N GLY A 98 13.52 7.91 5.71
CA GLY A 98 12.25 8.62 5.56
C GLY A 98 11.16 7.66 5.08
N LYS A 99 10.09 8.26 4.53
CA LYS A 99 8.98 7.48 4.02
C LYS A 99 9.12 7.32 2.50
N SER A 100 9.02 6.07 2.06
CA SER A 100 9.14 5.77 0.65
C SER A 100 7.80 6.05 -0.05
N LEU A 101 7.80 5.81 -1.36
CA LEU A 101 6.60 6.03 -2.16
C LEU A 101 5.56 4.98 -1.80
N PRO A 102 4.28 5.29 -2.16
CA PRO A 102 3.18 4.37 -1.88
C PRO A 102 3.20 3.19 -2.85
N SER A 103 2.82 2.03 -2.33
CA SER A 103 2.79 0.82 -3.13
C SER A 103 2.05 1.09 -4.44
N GLU A 104 2.42 0.30 -5.45
CA GLU A 104 1.80 0.43 -6.76
C GLU A 104 0.32 0.79 -6.62
N ALA A 105 -0.47 -0.23 -6.30
CA ALA A 105 -1.91 -0.04 -6.13
C ALA A 105 -2.61 -1.39 -6.24
N SER A 106 -3.02 -1.90 -5.08
CA SER A 106 -3.70 -3.18 -5.02
C SER A 106 -4.98 -3.12 -5.84
N GLU A 107 -5.63 -4.27 -5.95
CA GLU A 107 -6.87 -4.37 -6.70
C GLU A 107 -7.92 -3.42 -6.12
N GLN A 108 -9.00 -3.24 -6.87
CA GLN A 108 -10.08 -2.36 -6.45
C GLN A 108 -11.10 -3.14 -5.62
N TYR A 109 -10.94 -3.05 -4.31
CA TYR A 109 -11.85 -3.73 -3.40
C TYR A 109 -13.16 -2.97 -3.25
N LEU A 110 -14.25 -3.60 -3.66
CA LEU A 110 -15.55 -2.98 -3.57
C LEU A 110 -16.43 -3.80 -2.62
N THR A 111 -16.88 -3.13 -1.56
CA THR A 111 -17.72 -3.78 -0.57
C THR A 111 -19.05 -4.21 -1.19
N LYS A 112 -19.87 -4.86 -0.37
CA LYS A 112 -21.17 -5.33 -0.84
C LYS A 112 -22.13 -4.14 -0.95
N ALA A 113 -22.96 -4.18 -1.97
CA ALA A 113 -23.93 -3.13 -2.20
C ALA A 113 -25.25 -3.73 -2.70
N SER A 114 -26.11 -2.87 -3.21
CA SER A 114 -27.39 -3.30 -3.71
C SER A 114 -27.26 -3.75 -5.17
N GLU A 115 -26.21 -4.53 -5.43
CA GLU A 115 -25.96 -5.02 -6.77
C GLU A 115 -24.65 -5.81 -6.80
N PRO A 116 -24.67 -6.93 -7.56
CA PRO A 116 -23.49 -7.78 -7.68
C PRO A 116 -22.46 -7.14 -8.62
N ASP A 117 -21.51 -7.96 -9.04
CA ASP A 117 -20.46 -7.49 -9.93
C ASP A 117 -19.48 -6.62 -9.13
N LYS A 118 -18.20 -6.93 -9.29
CA LYS A 118 -17.16 -6.19 -8.60
C LYS A 118 -17.46 -4.70 -8.69
N ASN A 119 -16.91 -4.07 -9.73
CA ASN A 119 -17.11 -2.65 -9.93
C ASN A 119 -18.39 -2.44 -10.76
N PRO A 120 -19.19 -1.42 -10.31
CA PRO A 120 -20.43 -1.10 -11.00
C PRO A 120 -20.16 -0.37 -12.31
N THR A 121 -19.13 0.47 -12.28
CA THR A 121 -18.76 1.24 -13.45
C THR A 121 -17.42 0.76 -14.01
N SER A 122 -17.51 -0.10 -15.02
CA SER A 122 -16.31 -0.64 -15.64
C SER A 122 -15.83 0.30 -16.74
N GLY A 123 -14.54 0.19 -17.05
CA GLY A 123 -13.93 1.02 -18.07
C GLY A 123 -12.53 0.53 -18.42
N PRO A 124 -12.08 0.89 -19.65
CA PRO A 124 -10.76 0.49 -20.11
C PRO A 124 -9.67 1.31 -19.43
N SER A 125 -9.37 0.94 -18.20
CA SER A 125 -8.35 1.62 -17.42
C SER A 125 -6.98 0.99 -17.69
N SER A 126 -6.02 1.85 -17.98
CA SER A 126 -4.66 1.40 -18.26
C SER A 126 -4.67 0.47 -19.48
N GLY A 127 -4.54 1.08 -20.64
CA GLY A 127 -4.52 0.33 -21.88
C GLY A 127 -3.50 0.91 -22.86
N GLY A 1 18.36 9.89 -16.41
CA GLY A 1 18.88 9.80 -15.05
C GLY A 1 20.30 10.35 -14.96
N SER A 2 20.92 10.12 -13.82
CA SER A 2 22.28 10.60 -13.59
C SER A 2 22.92 9.81 -12.44
N SER A 3 24.23 9.61 -12.56
CA SER A 3 24.96 8.89 -11.55
C SER A 3 26.46 9.20 -11.66
N GLY A 4 27.17 8.91 -10.59
CA GLY A 4 28.60 9.16 -10.56
C GLY A 4 29.39 7.85 -10.45
N SER A 5 30.31 7.82 -9.50
CA SER A 5 31.13 6.63 -9.28
C SER A 5 31.88 6.76 -7.95
N SER A 6 31.33 6.09 -6.94
CA SER A 6 31.94 6.12 -5.62
C SER A 6 31.71 4.77 -4.92
N GLY A 7 32.64 4.44 -4.03
CA GLY A 7 32.56 3.19 -3.29
C GLY A 7 32.09 3.43 -1.85
N PRO A 8 30.92 2.83 -1.53
CA PRO A 8 30.35 2.97 -0.19
C PRO A 8 31.13 2.13 0.83
N THR A 9 32.43 2.39 0.90
CA THR A 9 33.28 1.67 1.83
C THR A 9 33.09 2.18 3.25
N PRO A 10 33.18 3.53 3.40
CA PRO A 10 33.01 4.16 4.68
C PRO A 10 31.54 4.19 5.11
N ALA A 11 30.72 4.78 4.26
CA ALA A 11 29.30 4.87 4.52
C ALA A 11 28.52 4.37 3.31
N PRO A 12 27.43 3.62 3.58
CA PRO A 12 26.59 3.07 2.53
C PRO A 12 25.72 4.16 1.91
N VAL A 13 24.74 3.72 1.13
CA VAL A 13 23.83 4.64 0.48
C VAL A 13 22.39 4.19 0.72
N TYR A 14 21.64 5.04 1.40
CA TYR A 14 20.25 4.74 1.69
C TYR A 14 19.31 5.37 0.66
N ASP A 15 18.04 5.41 1.02
CA ASP A 15 17.03 5.99 0.14
C ASP A 15 15.65 5.45 0.52
N VAL A 16 15.35 5.58 1.80
CA VAL A 16 14.07 5.12 2.31
C VAL A 16 13.82 3.68 1.84
N PRO A 17 12.88 3.00 2.55
CA PRO A 17 12.54 1.63 2.21
C PRO A 17 11.71 1.56 0.93
N ASN A 18 12.23 0.86 -0.06
CA ASN A 18 11.55 0.71 -1.33
C ASN A 18 10.07 0.38 -1.07
N PRO A 19 9.25 0.54 -2.14
CA PRO A 19 7.83 0.26 -2.04
C PRO A 19 7.56 -1.24 -2.02
N PRO A 20 6.44 -1.63 -1.35
CA PRO A 20 6.07 -3.03 -1.24
C PRO A 20 5.49 -3.54 -2.57
N PHE A 21 5.24 -4.83 -2.60
CA PHE A 21 4.69 -5.46 -3.80
C PHE A 21 3.86 -6.69 -3.44
N ASP A 22 3.16 -7.21 -4.43
CA ASP A 22 2.33 -8.38 -4.24
C ASP A 22 1.15 -8.02 -3.33
N LEU A 23 0.90 -6.72 -3.23
CA LEU A 23 -0.19 -6.23 -2.40
C LEU A 23 -1.47 -7.00 -2.72
N GLU A 24 -2.13 -7.48 -1.68
CA GLU A 24 -3.35 -8.24 -1.85
C GLU A 24 -4.30 -7.97 -0.67
N LEU A 25 -5.58 -8.25 -0.91
CA LEU A 25 -6.59 -8.05 0.12
C LEU A 25 -7.34 -9.36 0.34
N THR A 26 -7.14 -9.92 1.53
CA THR A 26 -7.80 -11.17 1.88
C THR A 26 -8.12 -11.19 3.37
N ASP A 27 -9.32 -11.66 3.68
CA ASP A 27 -9.77 -11.74 5.05
C ASP A 27 -10.69 -12.96 5.22
N GLN A 28 -11.34 -13.02 6.36
CA GLN A 28 -12.25 -14.11 6.67
C GLN A 28 -13.43 -13.62 7.48
N LEU A 29 -13.13 -12.84 8.51
CA LEU A 29 -14.16 -12.29 9.37
C LEU A 29 -14.76 -11.05 8.72
N ASP A 30 -16.08 -11.04 8.65
CA ASP A 30 -16.79 -9.92 8.06
C ASP A 30 -16.84 -8.76 9.06
N LYS A 31 -15.89 -7.85 8.91
CA LYS A 31 -15.81 -6.70 9.79
C LYS A 31 -14.53 -5.93 9.49
N SER A 32 -13.42 -6.66 9.52
CA SER A 32 -12.11 -6.05 9.26
C SER A 32 -11.32 -6.92 8.29
N VAL A 33 -11.03 -6.35 7.13
CA VAL A 33 -10.26 -7.07 6.12
C VAL A 33 -8.77 -6.88 6.38
N GLN A 34 -8.03 -7.97 6.20
CA GLN A 34 -6.60 -7.95 6.42
C GLN A 34 -5.87 -7.62 5.11
N LEU A 35 -4.95 -6.67 5.21
CA LEU A 35 -4.19 -6.25 4.04
C LEU A 35 -2.75 -6.77 4.18
N SER A 36 -2.41 -7.72 3.31
CA SER A 36 -1.08 -8.30 3.32
C SER A 36 -0.20 -7.61 2.28
N TRP A 37 0.90 -7.05 2.77
CA TRP A 37 1.84 -6.35 1.90
C TRP A 37 3.22 -6.95 2.12
N THR A 38 4.11 -6.69 1.18
CA THR A 38 5.47 -7.20 1.25
C THR A 38 6.47 -6.06 1.04
N PRO A 39 7.21 -5.73 2.15
CA PRO A 39 8.20 -4.67 2.10
C PRO A 39 9.45 -5.13 1.37
N GLY A 40 9.67 -4.53 0.20
CA GLY A 40 10.82 -4.85 -0.61
C GLY A 40 12.13 -4.46 0.10
N ASP A 41 13.13 -4.13 -0.71
CA ASP A 41 14.41 -3.74 -0.18
C ASP A 41 14.21 -2.64 0.87
N ASP A 42 15.22 -2.50 1.73
CA ASP A 42 15.16 -1.50 2.79
C ASP A 42 16.18 -0.40 2.49
N ASN A 43 17.11 -0.71 1.61
CA ASN A 43 18.15 0.23 1.23
C ASN A 43 18.96 0.60 2.47
N ASN A 44 19.71 -0.38 2.97
CA ASN A 44 20.55 -0.17 4.13
C ASN A 44 19.64 0.07 5.35
N SER A 45 18.87 1.15 5.27
CA SER A 45 17.97 1.50 6.36
C SER A 45 16.79 0.52 6.40
N PRO A 46 16.69 -0.22 7.53
CA PRO A 46 15.63 -1.18 7.70
C PRO A 46 14.30 -0.49 8.00
N ILE A 47 13.21 -1.16 7.64
CA ILE A 47 11.88 -0.63 7.86
C ILE A 47 11.62 -0.53 9.37
N THR A 48 10.90 0.51 9.74
CA THR A 48 10.57 0.73 11.15
C THR A 48 9.06 0.84 11.34
N LYS A 49 8.41 1.42 10.33
CA LYS A 49 6.97 1.58 10.37
C LYS A 49 6.40 1.41 8.96
N PHE A 50 5.11 1.14 8.90
CA PHE A 50 4.43 0.95 7.63
C PHE A 50 3.09 1.68 7.61
N ILE A 51 3.06 2.79 6.87
CA ILE A 51 1.86 3.58 6.76
C ILE A 51 1.02 3.08 5.58
N ILE A 52 -0.28 3.29 5.68
CA ILE A 52 -1.19 2.86 4.64
C ILE A 52 -2.04 4.06 4.18
N GLU A 53 -2.61 3.91 3.00
CA GLU A 53 -3.44 4.96 2.44
C GLU A 53 -4.44 4.38 1.43
N TYR A 54 -5.50 5.14 1.19
CA TYR A 54 -6.53 4.71 0.26
C TYR A 54 -7.17 5.90 -0.45
N GLU A 55 -7.85 5.61 -1.54
CA GLU A 55 -8.50 6.65 -2.32
C GLU A 55 -9.81 6.12 -2.92
N ASP A 56 -10.77 7.03 -3.06
CA ASP A 56 -12.07 6.67 -3.61
C ASP A 56 -12.04 6.87 -5.13
N ALA A 57 -12.51 5.86 -5.84
CA ALA A 57 -12.56 5.92 -7.29
C ALA A 57 -14.00 6.17 -7.74
N MET A 58 -14.93 5.90 -6.85
CA MET A 58 -16.33 6.09 -7.14
C MET A 58 -16.78 7.51 -6.78
N HIS A 59 -15.86 8.25 -6.19
CA HIS A 59 -16.14 9.62 -5.79
C HIS A 59 -15.04 10.55 -6.33
N LYS A 60 -13.90 10.48 -5.67
CA LYS A 60 -12.76 11.30 -6.06
C LYS A 60 -11.53 10.42 -6.23
N PRO A 61 -11.29 9.98 -7.50
CA PRO A 61 -10.16 9.14 -7.80
C PRO A 61 -8.86 9.94 -7.81
N GLY A 62 -7.85 9.38 -7.17
CA GLY A 62 -6.55 10.02 -7.10
C GLY A 62 -6.34 10.69 -5.74
N LEU A 63 -7.45 10.84 -5.02
CA LEU A 63 -7.41 11.46 -3.70
C LEU A 63 -7.09 10.39 -2.66
N TRP A 64 -5.85 10.40 -2.21
CA TRP A 64 -5.40 9.44 -1.21
C TRP A 64 -5.50 10.11 0.16
N HIS A 65 -5.93 9.33 1.14
CA HIS A 65 -6.07 9.83 2.50
C HIS A 65 -5.37 8.89 3.47
N HIS A 66 -4.92 9.45 4.58
CA HIS A 66 -4.23 8.67 5.60
C HIS A 66 -5.20 7.65 6.21
N GLN A 67 -4.76 6.41 6.23
CA GLN A 67 -5.58 5.34 6.78
C GLN A 67 -5.05 4.93 8.15
N THR A 68 -3.91 4.24 8.14
CA THR A 68 -3.31 3.78 9.37
C THR A 68 -1.90 3.25 9.11
N GLU A 69 -1.15 3.08 10.18
CA GLU A 69 0.22 2.59 10.08
C GLU A 69 0.46 1.47 11.09
N VAL A 70 1.60 0.82 10.97
CA VAL A 70 1.96 -0.26 11.87
C VAL A 70 3.48 -0.26 12.07
N SER A 71 3.94 -1.25 12.81
CA SER A 71 5.37 -1.39 13.09
C SER A 71 6.10 -1.84 11.82
N GLY A 72 7.43 -1.77 11.90
CA GLY A 72 8.25 -2.16 10.78
C GLY A 72 8.61 -3.64 10.85
N THR A 73 7.74 -4.40 11.50
CA THR A 73 7.94 -5.83 11.66
C THR A 73 6.78 -6.60 11.05
N GLN A 74 5.57 -6.09 11.27
CA GLN A 74 4.38 -6.71 10.75
C GLN A 74 4.17 -6.33 9.29
N THR A 75 3.41 -7.16 8.59
CA THR A 75 3.12 -6.91 7.19
C THR A 75 1.65 -7.16 6.89
N THR A 76 0.84 -7.10 7.94
CA THR A 76 -0.59 -7.31 7.82
C THR A 76 -1.35 -6.43 8.82
N ALA A 77 -2.32 -5.70 8.29
CA ALA A 77 -3.12 -4.82 9.12
C ALA A 77 -4.59 -4.95 8.71
N GLN A 78 -5.47 -4.72 9.68
CA GLN A 78 -6.90 -4.79 9.43
C GLN A 78 -7.41 -3.46 8.87
N LEU A 79 -8.29 -3.58 7.88
CA LEU A 79 -8.86 -2.40 7.25
C LEU A 79 -10.39 -2.45 7.39
N ASN A 80 -10.94 -1.31 7.81
CA ASN A 80 -12.38 -1.21 7.99
C ASN A 80 -13.00 -0.57 6.75
N LEU A 81 -13.75 -1.38 6.02
CA LEU A 81 -14.40 -0.91 4.81
C LEU A 81 -15.91 -0.79 5.06
N SER A 82 -16.53 0.10 4.29
CA SER A 82 -17.97 0.31 4.42
C SER A 82 -18.66 -0.03 3.11
N PRO A 83 -20.00 -0.24 3.22
CA PRO A 83 -20.80 -0.58 2.05
C PRO A 83 -21.03 0.65 1.17
N TYR A 84 -20.95 0.44 -0.14
CA TYR A 84 -21.14 1.51 -1.09
C TYR A 84 -19.96 2.48 -1.08
N VAL A 85 -18.77 1.90 -1.19
CA VAL A 85 -17.55 2.69 -1.20
C VAL A 85 -16.46 1.94 -1.97
N ASN A 86 -16.04 2.56 -3.06
CA ASN A 86 -15.00 1.97 -3.89
C ASN A 86 -13.70 2.76 -3.73
N TYR A 87 -12.63 2.02 -3.45
CA TYR A 87 -11.34 2.64 -3.27
C TYR A 87 -10.22 1.59 -3.29
N SER A 88 -8.99 2.08 -3.32
CA SER A 88 -7.84 1.20 -3.34
C SER A 88 -7.12 1.24 -2.00
N PHE A 89 -6.04 0.48 -1.92
CA PHE A 89 -5.25 0.42 -0.69
C PHE A 89 -3.78 0.17 -0.99
N ARG A 90 -2.94 1.08 -0.50
CA ARG A 90 -1.52 0.97 -0.72
C ARG A 90 -0.79 0.81 0.62
N VAL A 91 0.51 0.62 0.53
CA VAL A 91 1.33 0.44 1.72
C VAL A 91 2.62 1.24 1.58
N MET A 92 2.97 1.95 2.63
CA MET A 92 4.17 2.77 2.63
C MET A 92 5.15 2.29 3.71
N ALA A 93 6.43 2.52 3.44
CA ALA A 93 7.47 2.13 4.37
C ALA A 93 8.23 3.37 4.85
N VAL A 94 8.53 3.39 6.14
CA VAL A 94 9.24 4.51 6.73
C VAL A 94 10.35 3.98 7.63
N ASN A 95 11.54 4.53 7.44
CA ASN A 95 12.69 4.12 8.22
C ASN A 95 13.42 5.37 8.73
N SER A 96 14.63 5.14 9.24
CA SER A 96 15.43 6.23 9.75
C SER A 96 15.47 7.39 8.75
N ILE A 97 15.66 7.03 7.49
CA ILE A 97 15.72 8.03 6.43
C ILE A 97 14.41 8.82 6.42
N GLY A 98 13.42 8.24 5.76
CA GLY A 98 12.11 8.88 5.66
C GLY A 98 11.07 7.90 5.14
N LYS A 99 10.00 8.46 4.58
CA LYS A 99 8.92 7.66 4.04
C LYS A 99 9.12 7.49 2.53
N SER A 100 8.94 6.26 2.08
CA SER A 100 9.09 5.95 0.66
C SER A 100 7.78 6.19 -0.08
N LEU A 101 7.83 6.01 -1.39
CA LEU A 101 6.65 6.21 -2.21
C LEU A 101 5.60 5.15 -1.85
N PRO A 102 4.33 5.45 -2.25
CA PRO A 102 3.23 4.54 -1.98
C PRO A 102 3.28 3.32 -2.90
N SER A 103 2.89 2.19 -2.35
CA SER A 103 2.88 0.94 -3.10
C SER A 103 2.13 1.13 -4.42
N GLU A 104 2.45 0.28 -5.38
CA GLU A 104 1.82 0.36 -6.69
C GLU A 104 0.34 0.73 -6.54
N ALA A 105 -0.44 -0.26 -6.14
CA ALA A 105 -1.88 -0.05 -5.96
C ALA A 105 -2.58 -1.41 -5.94
N SER A 106 -2.91 -1.84 -4.74
CA SER A 106 -3.60 -3.12 -4.58
C SER A 106 -4.95 -3.08 -5.27
N GLU A 107 -5.50 -4.27 -5.51
CA GLU A 107 -6.79 -4.39 -6.18
C GLU A 107 -7.81 -3.47 -5.50
N GLN A 108 -8.76 -3.01 -6.30
CA GLN A 108 -9.80 -2.13 -5.80
C GLN A 108 -10.89 -2.95 -5.08
N TYR A 109 -10.82 -2.93 -3.77
CA TYR A 109 -11.79 -3.67 -2.96
C TYR A 109 -13.10 -2.89 -2.86
N LEU A 110 -14.17 -3.56 -3.27
CA LEU A 110 -15.50 -2.95 -3.23
C LEU A 110 -16.43 -3.85 -2.42
N THR A 111 -16.86 -3.33 -1.28
CA THR A 111 -17.76 -4.06 -0.41
C THR A 111 -19.13 -4.20 -1.06
N LYS A 112 -19.93 -5.11 -0.50
CA LYS A 112 -21.25 -5.35 -1.02
C LYS A 112 -22.02 -4.03 -1.10
N ALA A 113 -22.68 -3.83 -2.23
CA ALA A 113 -23.45 -2.60 -2.43
C ALA A 113 -24.78 -2.96 -3.10
N SER A 114 -25.47 -3.91 -2.50
CA SER A 114 -26.76 -4.34 -3.03
C SER A 114 -26.70 -4.43 -4.55
N GLU A 115 -25.68 -5.13 -5.04
CA GLU A 115 -25.50 -5.30 -6.47
C GLU A 115 -24.65 -6.54 -6.76
N PRO A 116 -24.94 -7.16 -7.93
CA PRO A 116 -24.21 -8.35 -8.34
C PRO A 116 -22.79 -8.00 -8.81
N ASP A 117 -22.74 -7.07 -9.76
CA ASP A 117 -21.47 -6.64 -10.31
C ASP A 117 -20.46 -6.48 -9.17
N LYS A 118 -19.19 -6.43 -9.55
CA LYS A 118 -18.12 -6.27 -8.57
C LYS A 118 -17.11 -5.24 -9.09
N ASN A 119 -17.35 -3.99 -8.69
CA ASN A 119 -16.47 -2.91 -9.10
C ASN A 119 -16.71 -2.60 -10.57
N PRO A 120 -17.36 -1.44 -10.82
CA PRO A 120 -17.65 -1.02 -12.18
C PRO A 120 -16.39 -0.49 -12.88
N THR A 121 -15.64 0.30 -12.13
CA THR A 121 -14.41 0.87 -12.65
C THR A 121 -13.42 -0.23 -13.04
N SER A 122 -13.36 -0.50 -14.33
CA SER A 122 -12.47 -1.53 -14.83
C SER A 122 -11.39 -0.91 -15.72
N GLY A 123 -10.19 -1.45 -15.62
CA GLY A 123 -9.08 -0.96 -16.41
C GLY A 123 -8.71 -1.93 -17.53
N PRO A 124 -7.39 -2.04 -17.81
CA PRO A 124 -6.90 -2.92 -18.85
C PRO A 124 -6.96 -4.38 -18.39
N SER A 125 -6.56 -5.27 -19.30
CA SER A 125 -6.56 -6.69 -19.00
C SER A 125 -5.38 -7.36 -19.70
N SER A 126 -4.29 -7.50 -18.96
CA SER A 126 -3.09 -8.12 -19.50
C SER A 126 -2.68 -7.43 -20.79
N GLY A 127 -1.84 -6.41 -20.64
CA GLY A 127 -1.35 -5.66 -21.78
C GLY A 127 -1.60 -4.16 -21.60
N GLY A 1 17.78 4.53 -12.02
CA GLY A 1 18.47 5.71 -12.50
C GLY A 1 19.20 6.43 -11.37
N SER A 2 20.52 6.48 -11.49
CA SER A 2 21.34 7.13 -10.48
C SER A 2 22.80 7.17 -10.95
N SER A 3 23.59 7.97 -10.25
CA SER A 3 25.00 8.11 -10.57
C SER A 3 25.75 8.73 -9.39
N GLY A 4 26.93 8.19 -9.13
CA GLY A 4 27.76 8.67 -8.04
C GLY A 4 29.24 8.41 -8.32
N SER A 5 30.06 8.79 -7.35
CA SER A 5 31.50 8.60 -7.47
C SER A 5 31.87 7.16 -7.14
N SER A 6 33.06 6.77 -7.57
CA SER A 6 33.54 5.42 -7.33
C SER A 6 35.04 5.45 -7.03
N GLY A 7 35.35 5.36 -5.75
CA GLY A 7 36.75 5.36 -5.31
C GLY A 7 36.88 4.80 -3.91
N PRO A 8 37.99 5.21 -3.23
CA PRO A 8 38.26 4.76 -1.87
C PRO A 8 37.35 5.46 -0.87
N THR A 9 36.07 5.09 -0.91
CA THR A 9 35.09 5.67 -0.01
C THR A 9 34.18 4.60 0.58
N PRO A 10 34.63 4.05 1.75
CA PRO A 10 33.86 3.01 2.41
C PRO A 10 32.63 3.58 3.11
N ALA A 11 31.55 3.67 2.35
CA ALA A 11 30.30 4.20 2.89
C ALA A 11 29.12 3.57 2.15
N PRO A 12 28.07 3.22 2.94
CA PRO A 12 26.88 2.61 2.37
C PRO A 12 26.03 3.64 1.63
N VAL A 13 24.82 3.22 1.29
CA VAL A 13 23.90 4.11 0.58
C VAL A 13 22.46 3.72 0.93
N TYR A 14 21.66 4.73 1.23
CA TYR A 14 20.27 4.51 1.59
C TYR A 14 19.34 5.17 0.57
N ASP A 15 18.07 5.19 0.91
CA ASP A 15 17.06 5.79 0.04
C ASP A 15 15.68 5.27 0.43
N VAL A 16 15.37 5.41 1.72
CA VAL A 16 14.09 4.96 2.23
C VAL A 16 13.83 3.52 1.76
N PRO A 17 12.88 2.86 2.47
CA PRO A 17 12.53 1.49 2.13
C PRO A 17 11.68 1.43 0.86
N ASN A 18 12.20 0.71 -0.12
CA ASN A 18 11.50 0.56 -1.39
C ASN A 18 10.03 0.27 -1.13
N PRO A 19 9.20 0.47 -2.20
CA PRO A 19 7.78 0.24 -2.09
C PRO A 19 7.47 -1.26 -2.09
N PRO A 20 6.35 -1.62 -1.39
CA PRO A 20 5.94 -3.01 -1.31
C PRO A 20 5.32 -3.48 -2.62
N PHE A 21 5.08 -4.79 -2.70
CA PHE A 21 4.50 -5.38 -3.89
C PHE A 21 3.70 -6.64 -3.54
N ASP A 22 3.03 -7.17 -4.55
CA ASP A 22 2.24 -8.37 -4.36
C ASP A 22 1.09 -8.07 -3.41
N LEU A 23 0.72 -6.80 -3.36
CA LEU A 23 -0.37 -6.37 -2.48
C LEU A 23 -1.60 -7.23 -2.75
N GLU A 24 -2.21 -7.67 -1.66
CA GLU A 24 -3.40 -8.50 -1.76
C GLU A 24 -4.33 -8.24 -0.56
N LEU A 25 -5.55 -8.75 -0.69
CA LEU A 25 -6.54 -8.57 0.35
C LEU A 25 -7.30 -9.88 0.55
N THR A 26 -7.18 -10.42 1.76
CA THR A 26 -7.84 -11.66 2.10
C THR A 26 -8.20 -11.70 3.58
N ASP A 27 -9.49 -11.91 3.85
CA ASP A 27 -9.97 -11.97 5.22
C ASP A 27 -11.11 -12.99 5.31
N GLN A 28 -11.67 -13.10 6.51
CA GLN A 28 -12.75 -14.03 6.75
C GLN A 28 -13.28 -13.88 8.18
N LEU A 29 -13.35 -12.65 8.63
CA LEU A 29 -13.82 -12.36 9.97
C LEU A 29 -15.28 -11.88 9.90
N ASP A 30 -15.45 -10.64 9.48
CA ASP A 30 -16.78 -10.06 9.37
C ASP A 30 -16.65 -8.62 8.88
N LYS A 31 -16.09 -7.78 9.73
CA LYS A 31 -15.91 -6.38 9.40
C LYS A 31 -14.47 -5.96 9.70
N SER A 32 -13.54 -6.69 9.10
CA SER A 32 -12.13 -6.41 9.30
C SER A 32 -11.30 -7.14 8.24
N VAL A 33 -11.07 -6.47 7.13
CA VAL A 33 -10.30 -7.03 6.05
C VAL A 33 -8.81 -6.80 6.31
N GLN A 34 -8.04 -7.87 6.20
CA GLN A 34 -6.61 -7.80 6.42
C GLN A 34 -5.89 -7.44 5.12
N LEU A 35 -4.84 -6.64 5.26
CA LEU A 35 -4.07 -6.21 4.11
C LEU A 35 -2.65 -6.75 4.23
N SER A 36 -2.31 -7.68 3.35
CA SER A 36 -0.99 -8.28 3.36
C SER A 36 -0.11 -7.62 2.29
N TRP A 37 0.96 -7.00 2.75
CA TRP A 37 1.89 -6.33 1.85
C TRP A 37 3.27 -6.97 2.03
N THR A 38 4.14 -6.71 1.06
CA THR A 38 5.48 -7.25 1.10
C THR A 38 6.51 -6.13 0.94
N PRO A 39 7.23 -5.85 2.07
CA PRO A 39 8.23 -4.81 2.06
C PRO A 39 9.50 -5.27 1.33
N GLY A 40 9.68 -4.72 0.14
CA GLY A 40 10.84 -5.06 -0.67
C GLY A 40 12.14 -4.71 0.06
N ASP A 41 13.11 -4.23 -0.72
CA ASP A 41 14.38 -3.85 -0.17
C ASP A 41 14.19 -2.74 0.87
N ASP A 42 15.17 -2.63 1.76
CA ASP A 42 15.12 -1.62 2.80
C ASP A 42 16.17 -0.55 2.51
N ASN A 43 17.09 -0.88 1.64
CA ASN A 43 18.15 0.04 1.27
C ASN A 43 18.97 0.40 2.52
N ASN A 44 19.68 -0.60 3.02
CA ASN A 44 20.50 -0.40 4.20
C ASN A 44 19.60 -0.13 5.41
N SER A 45 18.85 0.96 5.31
CA SER A 45 17.94 1.34 6.38
C SER A 45 16.74 0.39 6.42
N PRO A 46 16.62 -0.34 7.56
CA PRO A 46 15.52 -1.28 7.73
C PRO A 46 14.21 -0.55 8.02
N ILE A 47 13.11 -1.21 7.69
CA ILE A 47 11.79 -0.65 7.90
C ILE A 47 11.53 -0.53 9.41
N THR A 48 10.86 0.54 9.78
CA THR A 48 10.53 0.78 11.17
C THR A 48 9.02 0.90 11.35
N LYS A 49 8.38 1.47 10.35
CA LYS A 49 6.94 1.65 10.38
C LYS A 49 6.37 1.47 8.98
N PHE A 50 5.08 1.18 8.93
CA PHE A 50 4.41 0.98 7.65
C PHE A 50 3.07 1.73 7.62
N ILE A 51 3.06 2.84 6.88
CA ILE A 51 1.87 3.64 6.76
C ILE A 51 1.03 3.14 5.58
N ILE A 52 -0.27 3.37 5.67
CA ILE A 52 -1.19 2.94 4.63
C ILE A 52 -2.05 4.12 4.21
N GLU A 53 -2.63 3.99 3.02
CA GLU A 53 -3.49 5.05 2.49
C GLU A 53 -4.49 4.46 1.49
N TYR A 54 -5.53 5.22 1.22
CA TYR A 54 -6.56 4.81 0.29
C TYR A 54 -7.16 6.00 -0.45
N GLU A 55 -7.81 5.70 -1.57
CA GLU A 55 -8.42 6.74 -2.37
C GLU A 55 -9.85 6.32 -2.77
N ASP A 56 -10.73 7.31 -2.82
CA ASP A 56 -12.11 7.06 -3.18
C ASP A 56 -12.29 7.25 -4.69
N ALA A 57 -12.34 6.13 -5.40
CA ALA A 57 -12.51 6.17 -6.85
C ALA A 57 -13.96 6.48 -7.18
N MET A 58 -14.83 6.27 -6.19
CA MET A 58 -16.25 6.52 -6.37
C MET A 58 -16.58 8.01 -6.17
N HIS A 59 -15.56 8.74 -5.72
CA HIS A 59 -15.72 10.17 -5.49
C HIS A 59 -14.56 10.93 -6.12
N LYS A 60 -13.38 10.77 -5.51
CA LYS A 60 -12.19 11.44 -6.00
C LYS A 60 -11.07 10.41 -6.17
N PRO A 61 -10.94 9.90 -7.41
CA PRO A 61 -9.92 8.91 -7.71
C PRO A 61 -8.53 9.56 -7.80
N GLY A 62 -7.72 9.28 -6.79
CA GLY A 62 -6.37 9.83 -6.74
C GLY A 62 -6.11 10.51 -5.39
N LEU A 63 -7.20 10.82 -4.70
CA LEU A 63 -7.09 11.47 -3.40
C LEU A 63 -6.77 10.41 -2.33
N TRP A 64 -5.52 10.42 -1.90
CA TRP A 64 -5.07 9.48 -0.90
C TRP A 64 -5.21 10.15 0.47
N HIS A 65 -5.72 9.38 1.43
CA HIS A 65 -5.91 9.89 2.77
C HIS A 65 -5.27 8.93 3.78
N HIS A 66 -4.74 9.50 4.85
CA HIS A 66 -4.09 8.72 5.89
C HIS A 66 -5.07 7.69 6.43
N GLN A 67 -4.70 6.42 6.28
CA GLN A 67 -5.54 5.34 6.74
C GLN A 67 -5.07 4.86 8.12
N THR A 68 -3.94 4.17 8.12
CA THR A 68 -3.37 3.66 9.35
C THR A 68 -1.96 3.11 9.11
N GLU A 69 -1.17 3.11 10.17
CA GLU A 69 0.19 2.61 10.09
C GLU A 69 0.43 1.51 11.12
N VAL A 70 1.56 0.84 10.97
CA VAL A 70 1.92 -0.24 11.88
C VAL A 70 3.43 -0.24 12.10
N SER A 71 3.89 -1.24 12.84
CA SER A 71 5.30 -1.37 13.13
C SER A 71 6.07 -1.79 11.87
N GLY A 72 7.39 -1.71 11.97
CA GLY A 72 8.24 -2.08 10.84
C GLY A 72 8.60 -3.56 10.90
N THR A 73 7.65 -4.35 11.40
CA THR A 73 7.86 -5.78 11.51
C THR A 73 6.66 -6.55 10.93
N GLN A 74 5.48 -6.06 11.28
CA GLN A 74 4.25 -6.68 10.81
C GLN A 74 3.98 -6.28 9.36
N THR A 75 3.37 -7.21 8.63
CA THR A 75 3.05 -6.97 7.23
C THR A 75 1.56 -7.17 6.98
N THR A 76 0.80 -7.13 8.06
CA THR A 76 -0.63 -7.30 7.98
C THR A 76 -1.35 -6.29 8.89
N ALA A 77 -2.31 -5.59 8.29
CA ALA A 77 -3.06 -4.58 9.03
C ALA A 77 -4.53 -4.67 8.61
N GLN A 78 -5.40 -4.43 9.58
CA GLN A 78 -6.83 -4.46 9.32
C GLN A 78 -7.28 -3.18 8.64
N LEU A 79 -8.08 -3.35 7.60
CA LEU A 79 -8.59 -2.21 6.85
C LEU A 79 -10.09 -2.06 7.10
N ASN A 80 -10.51 -0.83 7.34
CA ASN A 80 -11.92 -0.55 7.59
C ASN A 80 -12.60 -0.17 6.27
N LEU A 81 -13.44 -1.08 5.79
CA LEU A 81 -14.15 -0.85 4.55
C LEU A 81 -15.61 -0.52 4.86
N SER A 82 -16.28 0.09 3.89
CA SER A 82 -17.68 0.46 4.05
C SER A 82 -18.46 0.07 2.79
N PRO A 83 -19.80 -0.14 2.99
CA PRO A 83 -20.67 -0.51 1.89
C PRO A 83 -20.96 0.70 1.00
N TYR A 84 -20.86 0.46 -0.31
CA TYR A 84 -21.12 1.52 -1.27
C TYR A 84 -20.02 2.58 -1.22
N VAL A 85 -18.79 2.11 -1.22
CA VAL A 85 -17.64 3.01 -1.16
C VAL A 85 -16.44 2.34 -1.84
N ASN A 86 -16.23 2.71 -3.10
CA ASN A 86 -15.12 2.17 -3.86
C ASN A 86 -13.84 2.92 -3.52
N TYR A 87 -12.73 2.20 -3.57
CA TYR A 87 -11.44 2.79 -3.28
C TYR A 87 -10.33 1.74 -3.32
N SER A 88 -9.10 2.22 -3.26
CA SER A 88 -7.94 1.33 -3.29
C SER A 88 -7.22 1.37 -1.94
N PHE A 89 -6.13 0.62 -1.87
CA PHE A 89 -5.34 0.57 -0.66
C PHE A 89 -3.86 0.29 -0.97
N ARG A 90 -3.02 1.19 -0.49
CA ARG A 90 -1.59 1.06 -0.71
C ARG A 90 -0.87 0.84 0.62
N VAL A 91 0.46 0.79 0.53
CA VAL A 91 1.28 0.57 1.71
C VAL A 91 2.60 1.34 1.57
N MET A 92 2.95 2.06 2.62
CA MET A 92 4.17 2.83 2.62
C MET A 92 5.14 2.33 3.69
N ALA A 93 6.43 2.54 3.42
CA ALA A 93 7.46 2.11 4.36
C ALA A 93 8.26 3.33 4.81
N VAL A 94 8.51 3.37 6.11
CA VAL A 94 9.26 4.48 6.69
C VAL A 94 10.37 3.92 7.59
N ASN A 95 11.57 4.44 7.38
CA ASN A 95 12.72 4.01 8.16
C ASN A 95 13.49 5.23 8.66
N SER A 96 14.69 4.98 9.14
CA SER A 96 15.53 6.05 9.66
C SER A 96 15.63 7.18 8.63
N ILE A 97 15.78 6.78 7.37
CA ILE A 97 15.88 7.74 6.29
C ILE A 97 14.61 8.60 6.25
N GLY A 98 13.57 8.02 5.65
CA GLY A 98 12.30 8.72 5.54
C GLY A 98 11.20 7.77 5.06
N LYS A 99 10.14 8.36 4.52
CA LYS A 99 9.03 7.58 4.02
C LYS A 99 9.15 7.42 2.51
N SER A 100 9.10 6.17 2.07
CA SER A 100 9.21 5.86 0.65
C SER A 100 7.87 6.14 -0.05
N LEU A 101 7.90 5.98 -1.36
CA LEU A 101 6.71 6.20 -2.16
C LEU A 101 5.66 5.14 -1.82
N PRO A 102 4.40 5.44 -2.20
CA PRO A 102 3.29 4.53 -1.94
C PRO A 102 3.34 3.34 -2.91
N SER A 103 2.97 2.18 -2.39
CA SER A 103 2.96 0.97 -3.21
C SER A 103 2.12 1.20 -4.47
N GLU A 104 2.41 0.39 -5.48
CA GLU A 104 1.70 0.49 -6.74
C GLU A 104 0.21 0.78 -6.50
N ALA A 105 -0.51 -0.27 -6.12
CA ALA A 105 -1.92 -0.15 -5.84
C ALA A 105 -2.57 -1.54 -5.88
N SER A 106 -3.05 -1.96 -4.72
CA SER A 106 -3.69 -3.25 -4.60
C SER A 106 -4.95 -3.30 -5.46
N GLU A 107 -5.46 -4.51 -5.66
CA GLU A 107 -6.66 -4.69 -6.46
C GLU A 107 -7.79 -3.82 -5.93
N GLN A 108 -8.75 -3.56 -6.80
CA GLN A 108 -9.89 -2.74 -6.44
C GLN A 108 -10.90 -3.55 -5.63
N TYR A 109 -10.80 -3.42 -4.32
CA TYR A 109 -11.70 -4.13 -3.42
C TYR A 109 -13.03 -3.38 -3.25
N LEU A 110 -14.10 -4.05 -3.66
CA LEU A 110 -15.42 -3.46 -3.56
C LEU A 110 -16.28 -4.28 -2.59
N THR A 111 -16.80 -3.60 -1.59
CA THR A 111 -17.64 -4.25 -0.60
C THR A 111 -19.03 -4.51 -1.16
N LYS A 112 -19.71 -5.49 -0.56
CA LYS A 112 -21.05 -5.84 -0.98
C LYS A 112 -21.95 -4.60 -0.93
N ALA A 113 -23.01 -4.65 -1.71
CA ALA A 113 -23.96 -3.54 -1.76
C ALA A 113 -25.25 -4.01 -2.42
N SER A 114 -26.36 -3.72 -1.76
CA SER A 114 -27.66 -4.09 -2.26
C SER A 114 -27.92 -3.42 -3.61
N GLU A 115 -27.33 -3.98 -4.65
CA GLU A 115 -27.48 -3.44 -5.99
C GLU A 115 -26.50 -4.11 -6.95
N PRO A 116 -27.08 -4.75 -8.00
CA PRO A 116 -26.27 -5.42 -9.00
C PRO A 116 -25.59 -4.42 -9.93
N ASP A 117 -24.40 -4.78 -10.38
CA ASP A 117 -23.64 -3.92 -11.27
C ASP A 117 -22.23 -4.49 -11.44
N LYS A 118 -21.33 -3.62 -11.86
CA LYS A 118 -19.95 -4.01 -12.07
C LYS A 118 -19.07 -3.44 -10.95
N ASN A 119 -19.15 -4.10 -9.80
CA ASN A 119 -18.38 -3.66 -8.64
C ASN A 119 -18.86 -4.42 -7.40
N PRO A 120 -20.20 -4.33 -7.17
CA PRO A 120 -20.80 -5.00 -6.02
C PRO A 120 -20.89 -6.50 -6.25
N THR A 121 -19.74 -7.16 -6.19
CA THR A 121 -19.68 -8.59 -6.39
C THR A 121 -20.81 -9.29 -5.62
N SER A 122 -21.26 -10.40 -6.18
CA SER A 122 -22.34 -11.16 -5.55
C SER A 122 -22.72 -12.34 -6.45
N GLY A 123 -23.13 -13.42 -5.80
CA GLY A 123 -23.53 -14.61 -6.52
C GLY A 123 -24.34 -15.55 -5.61
N PRO A 124 -25.21 -16.37 -6.27
CA PRO A 124 -26.04 -17.31 -5.55
C PRO A 124 -25.22 -18.51 -5.05
N SER A 125 -24.50 -19.11 -5.98
CA SER A 125 -23.67 -20.26 -5.65
C SER A 125 -22.22 -20.00 -6.05
N SER A 126 -21.40 -19.72 -5.04
CA SER A 126 -19.99 -19.45 -5.28
C SER A 126 -19.24 -19.43 -3.94
N GLY A 127 -18.39 -20.42 -3.77
CA GLY A 127 -17.60 -20.53 -2.54
C GLY A 127 -18.51 -20.68 -1.32
N GLY A 1 28.51 4.25 -13.38
CA GLY A 1 29.24 5.45 -13.02
C GLY A 1 28.79 6.64 -13.87
N SER A 2 27.61 7.13 -13.57
CA SER A 2 27.05 8.26 -14.31
C SER A 2 27.14 9.53 -13.46
N SER A 3 28.01 10.44 -13.90
CA SER A 3 28.20 11.70 -13.19
C SER A 3 28.67 11.42 -11.76
N GLY A 4 29.98 11.50 -11.58
CA GLY A 4 30.58 11.26 -10.28
C GLY A 4 31.85 10.41 -10.40
N SER A 5 32.65 10.46 -9.35
CA SER A 5 33.90 9.71 -9.33
C SER A 5 33.70 8.42 -8.53
N SER A 6 34.61 7.48 -8.75
CA SER A 6 34.56 6.21 -8.06
C SER A 6 35.94 5.86 -7.50
N GLY A 7 35.93 5.07 -6.43
CA GLY A 7 37.16 4.66 -5.79
C GLY A 7 36.90 4.15 -4.36
N PRO A 8 37.95 4.27 -3.51
CA PRO A 8 37.84 3.82 -2.13
C PRO A 8 37.00 4.80 -1.30
N THR A 9 35.73 4.48 -1.17
CA THR A 9 34.82 5.31 -0.42
C THR A 9 33.79 4.45 0.33
N PRO A 10 34.18 4.05 1.58
CA PRO A 10 33.31 3.22 2.39
C PRO A 10 32.15 4.05 2.98
N ALA A 11 31.04 4.03 2.26
CA ALA A 11 29.86 4.75 2.69
C ALA A 11 28.61 4.11 2.09
N PRO A 12 27.54 4.02 2.93
CA PRO A 12 26.29 3.43 2.51
C PRO A 12 25.52 4.38 1.58
N VAL A 13 24.48 3.84 0.98
CA VAL A 13 23.65 4.63 0.07
C VAL A 13 22.18 4.34 0.35
N TYR A 14 21.63 5.06 1.30
CA TYR A 14 20.23 4.90 1.66
C TYR A 14 19.30 5.50 0.60
N ASP A 15 18.01 5.41 0.87
CA ASP A 15 17.01 5.93 -0.05
C ASP A 15 15.64 5.41 0.35
N VAL A 16 15.33 5.56 1.63
CA VAL A 16 14.04 5.11 2.15
C VAL A 16 13.79 3.66 1.68
N PRO A 17 12.85 3.00 2.39
CA PRO A 17 12.50 1.62 2.07
C PRO A 17 11.64 1.55 0.80
N ASN A 18 12.15 0.82 -0.18
CA ASN A 18 11.45 0.67 -1.45
C ASN A 18 9.98 0.37 -1.17
N PRO A 19 9.15 0.54 -2.24
CA PRO A 19 7.71 0.28 -2.13
C PRO A 19 7.44 -1.22 -2.08
N PRO A 20 6.33 -1.58 -1.36
CA PRO A 20 5.94 -2.97 -1.24
C PRO A 20 5.30 -3.47 -2.54
N PHE A 21 5.12 -4.79 -2.60
CA PHE A 21 4.53 -5.41 -3.77
C PHE A 21 3.80 -6.70 -3.39
N ASP A 22 3.13 -7.28 -4.39
CA ASP A 22 2.39 -8.51 -4.17
C ASP A 22 1.22 -8.24 -3.23
N LEU A 23 0.84 -6.96 -3.16
CA LEU A 23 -0.26 -6.56 -2.31
C LEU A 23 -1.46 -7.48 -2.56
N GLU A 24 -2.16 -7.81 -1.48
CA GLU A 24 -3.32 -8.67 -1.57
C GLU A 24 -4.36 -8.28 -0.52
N LEU A 25 -5.55 -8.83 -0.68
CA LEU A 25 -6.63 -8.55 0.25
C LEU A 25 -7.40 -9.84 0.54
N THR A 26 -7.14 -10.38 1.72
CA THR A 26 -7.80 -11.62 2.13
C THR A 26 -8.09 -11.59 3.63
N ASP A 27 -9.29 -12.05 3.98
CA ASP A 27 -9.71 -12.07 5.37
C ASP A 27 -10.62 -13.28 5.60
N GLN A 28 -11.27 -13.28 6.75
CA GLN A 28 -12.16 -14.37 7.10
C GLN A 28 -13.48 -13.80 7.65
N LEU A 29 -13.35 -12.85 8.56
CA LEU A 29 -14.51 -12.22 9.16
C LEU A 29 -14.89 -10.97 8.36
N ASP A 30 -16.14 -10.94 7.92
CA ASP A 30 -16.64 -9.82 7.15
C ASP A 30 -16.86 -8.63 8.08
N LYS A 31 -15.85 -7.78 8.16
CA LYS A 31 -15.92 -6.59 8.99
C LYS A 31 -14.55 -5.91 9.03
N SER A 32 -13.52 -6.71 9.25
CA SER A 32 -12.16 -6.20 9.31
C SER A 32 -11.26 -7.02 8.39
N VAL A 33 -11.14 -6.56 7.15
CA VAL A 33 -10.31 -7.23 6.18
C VAL A 33 -8.83 -6.95 6.48
N GLN A 34 -8.00 -7.94 6.16
CA GLN A 34 -6.57 -7.82 6.40
C GLN A 34 -5.84 -7.53 5.08
N LEU A 35 -4.98 -6.52 5.13
CA LEU A 35 -4.22 -6.14 3.96
C LEU A 35 -2.79 -6.68 4.08
N SER A 36 -2.44 -7.57 3.16
CA SER A 36 -1.12 -8.17 3.16
C SER A 36 -0.22 -7.45 2.15
N TRP A 37 0.92 -7.00 2.64
CA TRP A 37 1.88 -6.29 1.79
C TRP A 37 3.26 -6.92 2.00
N THR A 38 4.15 -6.66 1.06
CA THR A 38 5.50 -7.18 1.14
C THR A 38 6.53 -6.06 0.94
N PRO A 39 7.23 -5.73 2.05
CA PRO A 39 8.24 -4.69 2.02
C PRO A 39 9.50 -5.17 1.31
N GLY A 40 9.73 -4.62 0.12
CA GLY A 40 10.90 -4.99 -0.67
C GLY A 40 12.18 -4.61 0.06
N ASP A 41 13.14 -4.12 -0.71
CA ASP A 41 14.42 -3.73 -0.16
C ASP A 41 14.20 -2.65 0.91
N ASP A 42 15.18 -2.52 1.78
CA ASP A 42 15.11 -1.54 2.85
C ASP A 42 16.08 -0.40 2.56
N ASN A 43 17.01 -0.68 1.66
CA ASN A 43 18.01 0.31 1.29
C ASN A 43 18.83 0.70 2.52
N ASN A 44 19.57 -0.27 3.03
CA ASN A 44 20.40 -0.05 4.19
C ASN A 44 19.50 0.18 5.42
N SER A 45 18.69 1.22 5.33
CA SER A 45 17.78 1.56 6.42
C SER A 45 16.63 0.56 6.46
N PRO A 46 16.56 -0.18 7.60
CA PRO A 46 15.52 -1.18 7.78
C PRO A 46 14.18 -0.51 8.10
N ILE A 47 13.11 -1.16 7.66
CA ILE A 47 11.77 -0.65 7.89
C ILE A 47 11.48 -0.63 9.39
N THR A 48 10.78 0.42 9.81
CA THR A 48 10.43 0.57 11.21
C THR A 48 8.92 0.74 11.38
N LYS A 49 8.32 1.39 10.39
CA LYS A 49 6.89 1.62 10.40
C LYS A 49 6.33 1.41 9.00
N PHE A 50 5.03 1.13 8.95
CA PHE A 50 4.36 0.92 7.68
C PHE A 50 3.02 1.66 7.63
N ILE A 51 3.03 2.76 6.90
CA ILE A 51 1.84 3.58 6.77
C ILE A 51 1.02 3.08 5.57
N ILE A 52 -0.28 3.34 5.63
CA ILE A 52 -1.19 2.91 4.57
C ILE A 52 -2.07 4.09 4.17
N GLU A 53 -2.62 3.99 2.97
CA GLU A 53 -3.49 5.03 2.46
C GLU A 53 -4.44 4.47 1.39
N TYR A 54 -5.51 5.20 1.14
CA TYR A 54 -6.49 4.79 0.16
C TYR A 54 -7.05 5.99 -0.59
N GLU A 55 -7.55 5.72 -1.80
CA GLU A 55 -8.12 6.77 -2.63
C GLU A 55 -9.58 6.46 -2.94
N ASP A 56 -10.42 7.46 -2.79
CA ASP A 56 -11.84 7.31 -3.05
C ASP A 56 -12.10 7.51 -4.55
N ALA A 57 -12.05 6.40 -5.27
CA ALA A 57 -12.27 6.43 -6.71
C ALA A 57 -13.77 6.58 -6.98
N MET A 58 -14.55 6.45 -5.92
CA MET A 58 -15.99 6.56 -6.03
C MET A 58 -16.44 8.02 -5.96
N HIS A 59 -15.60 8.83 -5.33
CA HIS A 59 -15.89 10.24 -5.18
C HIS A 59 -14.76 11.07 -5.78
N LYS A 60 -13.66 11.12 -5.05
CA LYS A 60 -12.49 11.87 -5.50
C LYS A 60 -11.33 10.90 -5.76
N PRO A 61 -11.18 10.52 -7.05
CA PRO A 61 -10.13 9.60 -7.44
C PRO A 61 -8.76 10.30 -7.45
N GLY A 62 -7.82 9.71 -6.73
CA GLY A 62 -6.48 10.26 -6.66
C GLY A 62 -6.23 10.88 -5.28
N LEU A 63 -7.33 11.18 -4.60
CA LEU A 63 -7.23 11.79 -3.27
C LEU A 63 -6.94 10.69 -2.24
N TRP A 64 -5.68 10.62 -1.85
CA TRP A 64 -5.26 9.62 -0.87
C TRP A 64 -5.40 10.24 0.53
N HIS A 65 -5.86 9.42 1.45
CA HIS A 65 -6.04 9.86 2.82
C HIS A 65 -5.28 8.95 3.78
N HIS A 66 -5.02 9.47 4.96
CA HIS A 66 -4.29 8.71 5.97
C HIS A 66 -5.20 7.62 6.55
N GLN A 67 -4.85 6.39 6.22
CA GLN A 67 -5.62 5.24 6.69
C GLN A 67 -5.13 4.80 8.07
N THR A 68 -3.97 4.17 8.06
CA THR A 68 -3.37 3.69 9.30
C THR A 68 -1.94 3.19 9.05
N GLU A 69 -1.17 3.14 10.12
CA GLU A 69 0.21 2.69 10.04
C GLU A 69 0.47 1.59 11.06
N VAL A 70 1.53 0.83 10.82
CA VAL A 70 1.90 -0.26 11.70
C VAL A 70 3.42 -0.26 11.89
N SER A 71 3.89 -1.27 12.61
CA SER A 71 5.32 -1.41 12.87
C SER A 71 6.01 -2.05 11.65
N GLY A 72 7.33 -1.92 11.63
CA GLY A 72 8.11 -2.47 10.54
C GLY A 72 8.38 -3.96 10.76
N THR A 73 7.78 -4.49 11.82
CA THR A 73 7.95 -5.88 12.15
C THR A 73 6.78 -6.71 11.59
N GLN A 74 5.67 -6.01 11.35
CA GLN A 74 4.50 -6.67 10.82
C GLN A 74 4.33 -6.35 9.33
N THR A 75 3.42 -7.06 8.69
CA THR A 75 3.15 -6.85 7.29
C THR A 75 1.67 -7.10 6.97
N THR A 76 0.86 -7.04 8.02
CA THR A 76 -0.57 -7.26 7.87
C THR A 76 -1.35 -6.34 8.80
N ALA A 77 -2.26 -5.58 8.22
CA ALA A 77 -3.08 -4.66 8.98
C ALA A 77 -4.55 -4.81 8.56
N GLN A 78 -5.43 -4.51 9.51
CA GLN A 78 -6.86 -4.61 9.24
C GLN A 78 -7.37 -3.32 8.60
N LEU A 79 -8.10 -3.49 7.52
CA LEU A 79 -8.66 -2.35 6.81
C LEU A 79 -10.17 -2.31 7.03
N ASN A 80 -10.65 -1.13 7.40
CA ASN A 80 -12.07 -0.95 7.64
C ASN A 80 -12.75 -0.48 6.34
N LEU A 81 -13.53 -1.37 5.77
CA LEU A 81 -14.24 -1.07 4.53
C LEU A 81 -15.71 -0.79 4.85
N SER A 82 -16.30 0.08 4.05
CA SER A 82 -17.70 0.43 4.23
C SER A 82 -18.49 0.15 2.95
N PRO A 83 -19.83 0.01 3.12
CA PRO A 83 -20.70 -0.26 1.99
C PRO A 83 -20.89 0.98 1.12
N TYR A 84 -20.86 0.78 -0.19
CA TYR A 84 -21.03 1.87 -1.12
C TYR A 84 -19.82 2.80 -1.11
N VAL A 85 -18.64 2.19 -1.15
CA VAL A 85 -17.40 2.94 -1.14
C VAL A 85 -16.33 2.16 -1.90
N ASN A 86 -15.86 2.76 -2.98
CA ASN A 86 -14.84 2.14 -3.81
C ASN A 86 -13.53 2.90 -3.65
N TYR A 87 -12.44 2.14 -3.53
CA TYR A 87 -11.13 2.73 -3.38
C TYR A 87 -10.04 1.66 -3.36
N SER A 88 -8.80 2.12 -3.38
CA SER A 88 -7.66 1.21 -3.36
C SER A 88 -6.93 1.33 -2.02
N PHE A 89 -5.87 0.54 -1.89
CA PHE A 89 -5.08 0.54 -0.68
C PHE A 89 -3.58 0.55 -1.00
N ARG A 90 -2.90 1.56 -0.50
CA ARG A 90 -1.47 1.70 -0.72
C ARG A 90 -0.71 1.57 0.60
N VAL A 91 0.41 0.86 0.55
CA VAL A 91 1.23 0.66 1.73
C VAL A 91 2.55 1.43 1.57
N MET A 92 2.93 2.11 2.64
CA MET A 92 4.16 2.89 2.63
C MET A 92 5.14 2.38 3.69
N ALA A 93 6.41 2.61 3.43
CA ALA A 93 7.45 2.19 4.35
C ALA A 93 8.25 3.41 4.82
N VAL A 94 8.52 3.44 6.12
CA VAL A 94 9.26 4.55 6.70
C VAL A 94 10.37 3.98 7.59
N ASN A 95 11.58 4.50 7.37
CA ASN A 95 12.73 4.06 8.13
C ASN A 95 13.51 5.28 8.61
N SER A 96 14.70 5.02 9.14
CA SER A 96 15.55 6.09 9.65
C SER A 96 15.56 7.26 8.66
N ILE A 97 15.69 6.91 7.38
CA ILE A 97 15.72 7.91 6.33
C ILE A 97 14.42 8.72 6.36
N GLY A 98 13.44 8.23 5.61
CA GLY A 98 12.14 8.88 5.54
C GLY A 98 11.07 7.91 5.07
N LYS A 99 10.01 8.48 4.48
CA LYS A 99 8.91 7.68 3.99
C LYS A 99 9.05 7.53 2.47
N SER A 100 9.00 6.28 2.03
CA SER A 100 9.12 5.98 0.61
C SER A 100 7.79 6.26 -0.09
N LEU A 101 7.77 6.00 -1.39
CA LEU A 101 6.58 6.22 -2.19
C LEU A 101 5.54 5.15 -1.84
N PRO A 102 4.26 5.44 -2.20
CA PRO A 102 3.17 4.52 -1.95
C PRO A 102 3.21 3.34 -2.92
N SER A 103 2.80 2.18 -2.41
CA SER A 103 2.78 0.97 -3.22
C SER A 103 1.98 1.22 -4.49
N GLU A 104 2.30 0.44 -5.51
CA GLU A 104 1.63 0.55 -6.79
C GLU A 104 0.13 0.86 -6.57
N ALA A 105 -0.61 -0.18 -6.27
CA ALA A 105 -2.05 -0.03 -6.04
C ALA A 105 -2.72 -1.40 -6.13
N SER A 106 -3.17 -1.89 -4.99
CA SER A 106 -3.82 -3.18 -4.93
C SER A 106 -5.14 -3.13 -5.70
N GLU A 107 -5.83 -4.27 -5.72
CA GLU A 107 -7.10 -4.36 -6.42
C GLU A 107 -8.13 -3.45 -5.77
N GLN A 108 -9.28 -3.34 -6.43
CA GLN A 108 -10.35 -2.49 -5.94
C GLN A 108 -11.36 -3.32 -5.15
N TYR A 109 -11.20 -3.31 -3.83
CA TYR A 109 -12.08 -4.06 -2.96
C TYR A 109 -13.40 -3.31 -2.75
N LEU A 110 -14.48 -3.93 -3.20
CA LEU A 110 -15.80 -3.34 -3.06
C LEU A 110 -16.73 -4.34 -2.37
N THR A 111 -17.17 -3.96 -1.18
CA THR A 111 -18.07 -4.81 -0.41
C THR A 111 -19.47 -4.78 -1.01
N LYS A 112 -20.32 -5.64 -0.48
CA LYS A 112 -21.70 -5.73 -0.95
C LYS A 112 -22.32 -4.33 -0.95
N ALA A 113 -22.94 -3.99 -2.07
CA ALA A 113 -23.57 -2.70 -2.20
C ALA A 113 -24.82 -2.83 -3.08
N SER A 114 -25.71 -3.71 -2.64
CA SER A 114 -26.95 -3.96 -3.37
C SER A 114 -26.65 -4.18 -4.85
N GLU A 115 -25.82 -5.19 -5.11
CA GLU A 115 -25.45 -5.51 -6.47
C GLU A 115 -24.64 -6.82 -6.51
N PRO A 116 -24.80 -7.57 -7.63
CA PRO A 116 -24.09 -8.83 -7.78
C PRO A 116 -22.62 -8.59 -8.12
N ASP A 117 -22.41 -7.90 -9.23
CA ASP A 117 -21.05 -7.60 -9.68
C ASP A 117 -20.20 -7.24 -8.45
N LYS A 118 -18.89 -7.41 -8.63
CA LYS A 118 -17.95 -7.11 -7.55
C LYS A 118 -17.61 -5.62 -7.59
N ASN A 119 -17.04 -5.20 -8.71
CA ASN A 119 -16.66 -3.81 -8.87
C ASN A 119 -17.10 -3.33 -10.26
N PRO A 120 -17.74 -2.13 -10.26
CA PRO A 120 -18.23 -1.55 -11.51
C PRO A 120 -17.07 -0.98 -12.34
N THR A 121 -16.12 -0.37 -11.65
CA THR A 121 -14.97 0.21 -12.30
C THR A 121 -14.00 -0.89 -12.77
N SER A 122 -13.71 -0.87 -14.05
CA SER A 122 -12.81 -1.85 -14.63
C SER A 122 -11.62 -1.15 -15.29
N GLY A 123 -10.53 -1.90 -15.41
CA GLY A 123 -9.32 -1.36 -16.02
C GLY A 123 -9.27 -1.69 -17.51
N PRO A 124 -8.02 -1.95 -17.99
CA PRO A 124 -7.82 -2.27 -19.39
C PRO A 124 -8.28 -3.70 -19.70
N SER A 125 -9.59 -3.88 -19.68
CA SER A 125 -10.16 -5.20 -19.95
C SER A 125 -10.60 -5.29 -21.41
N SER A 126 -10.21 -6.38 -22.04
CA SER A 126 -10.55 -6.61 -23.44
C SER A 126 -11.69 -7.62 -23.54
N GLY A 127 -12.73 -7.23 -24.28
CA GLY A 127 -13.88 -8.09 -24.46
C GLY A 127 -13.77 -8.87 -25.77
N GLY A 1 21.03 10.23 -16.79
CA GLY A 1 21.88 9.11 -16.39
C GLY A 1 23.18 9.61 -15.76
N SER A 2 23.63 8.88 -14.75
CA SER A 2 24.86 9.22 -14.07
C SER A 2 25.98 8.28 -14.49
N SER A 3 27.11 8.87 -14.86
CA SER A 3 28.26 8.10 -15.29
C SER A 3 29.33 8.10 -14.19
N GLY A 4 29.96 6.95 -14.02
CA GLY A 4 30.99 6.81 -13.01
C GLY A 4 31.07 5.37 -12.49
N SER A 5 32.23 5.04 -11.94
CA SER A 5 32.45 3.71 -11.41
C SER A 5 33.33 3.78 -10.17
N SER A 6 34.51 4.33 -10.36
CA SER A 6 35.47 4.47 -9.26
C SER A 6 34.99 5.54 -8.28
N GLY A 7 35.29 5.31 -7.01
CA GLY A 7 34.89 6.23 -5.97
C GLY A 7 34.77 5.53 -4.62
N PRO A 8 35.84 5.70 -3.78
CA PRO A 8 35.87 5.09 -2.46
C PRO A 8 34.94 5.83 -1.50
N THR A 9 34.30 5.05 -0.64
CA THR A 9 33.38 5.61 0.35
C THR A 9 32.87 4.52 1.28
N PRO A 10 33.07 4.75 2.60
CA PRO A 10 32.64 3.80 3.61
C PRO A 10 31.12 3.86 3.80
N ALA A 11 30.66 5.04 4.18
CA ALA A 11 29.23 5.25 4.40
C ALA A 11 28.45 4.59 3.27
N PRO A 12 27.34 3.91 3.66
CA PRO A 12 26.49 3.23 2.68
C PRO A 12 25.64 4.24 1.91
N VAL A 13 24.64 3.71 1.20
CA VAL A 13 23.76 4.54 0.42
C VAL A 13 22.31 4.15 0.70
N TYR A 14 21.61 5.05 1.38
CA TYR A 14 20.22 4.80 1.72
C TYR A 14 19.28 5.43 0.69
N ASP A 15 17.99 5.34 0.97
CA ASP A 15 16.99 5.89 0.08
C ASP A 15 15.61 5.37 0.47
N VAL A 16 15.31 5.49 1.76
CA VAL A 16 14.03 5.02 2.27
C VAL A 16 13.79 3.59 1.81
N PRO A 17 12.83 2.91 2.50
CA PRO A 17 12.49 1.54 2.17
C PRO A 17 11.65 1.48 0.89
N ASN A 18 12.18 0.74 -0.09
CA ASN A 18 11.49 0.59 -1.36
C ASN A 18 10.01 0.29 -1.10
N PRO A 19 9.20 0.43 -2.18
CA PRO A 19 7.77 0.17 -2.08
C PRO A 19 7.49 -1.33 -2.04
N PRO A 20 6.40 -1.68 -1.31
CA PRO A 20 6.01 -3.08 -1.16
C PRO A 20 5.36 -3.60 -2.45
N PHE A 21 5.16 -4.90 -2.49
CA PHE A 21 4.55 -5.54 -3.65
C PHE A 21 3.80 -6.81 -3.25
N ASP A 22 3.11 -7.38 -4.24
CA ASP A 22 2.34 -8.59 -3.99
C ASP A 22 1.10 -8.25 -3.17
N LEU A 23 0.87 -6.96 -3.01
CA LEU A 23 -0.28 -6.49 -2.25
C LEU A 23 -1.48 -7.38 -2.56
N GLU A 24 -2.22 -7.71 -1.52
CA GLU A 24 -3.40 -8.54 -1.66
C GLU A 24 -4.44 -8.19 -0.59
N LEU A 25 -5.66 -8.65 -0.83
CA LEU A 25 -6.74 -8.39 0.10
C LEU A 25 -7.59 -9.66 0.26
N THR A 26 -7.37 -10.34 1.37
CA THR A 26 -8.10 -11.57 1.65
C THR A 26 -8.41 -11.68 3.14
N ASP A 27 -9.70 -11.77 3.44
CA ASP A 27 -10.14 -11.89 4.82
C ASP A 27 -11.38 -12.77 4.89
N GLN A 28 -11.62 -13.31 6.08
CA GLN A 28 -12.78 -14.17 6.28
C GLN A 28 -13.53 -13.75 7.55
N LEU A 29 -14.00 -12.51 7.55
CA LEU A 29 -14.73 -11.99 8.69
C LEU A 29 -15.79 -11.00 8.19
N ASP A 30 -15.35 -10.10 7.34
CA ASP A 30 -16.25 -9.09 6.78
C ASP A 30 -16.47 -7.98 7.82
N LYS A 31 -15.45 -7.16 7.96
CA LYS A 31 -15.51 -6.05 8.89
C LYS A 31 -14.13 -5.40 9.03
N SER A 32 -13.12 -6.26 9.13
CA SER A 32 -11.75 -5.79 9.26
C SER A 32 -10.82 -6.65 8.41
N VAL A 33 -10.96 -6.50 7.10
CA VAL A 33 -10.14 -7.26 6.16
C VAL A 33 -8.67 -7.04 6.48
N GLN A 34 -7.87 -8.06 6.22
CA GLN A 34 -6.45 -7.99 6.48
C GLN A 34 -5.69 -7.69 5.19
N LEU A 35 -4.95 -6.59 5.22
CA LEU A 35 -4.18 -6.17 4.06
C LEU A 35 -2.76 -6.74 4.17
N SER A 36 -2.41 -7.58 3.21
CA SER A 36 -1.09 -8.18 3.19
C SER A 36 -0.19 -7.45 2.19
N TRP A 37 0.98 -7.06 2.67
CA TRP A 37 1.93 -6.36 1.83
C TRP A 37 3.32 -6.98 2.05
N THR A 38 4.20 -6.75 1.10
CA THR A 38 5.56 -7.27 1.18
C THR A 38 6.58 -6.16 1.01
N PRO A 39 7.28 -5.84 2.13
CA PRO A 39 8.29 -4.79 2.12
C PRO A 39 9.56 -5.27 1.42
N GLY A 40 9.78 -4.72 0.24
CA GLY A 40 10.96 -5.08 -0.54
C GLY A 40 12.24 -4.68 0.18
N ASP A 41 13.19 -4.18 -0.59
CA ASP A 41 14.47 -3.77 -0.03
C ASP A 41 14.24 -2.68 1.02
N ASP A 42 15.18 -2.56 1.93
CA ASP A 42 15.09 -1.57 2.99
C ASP A 42 16.08 -0.44 2.71
N ASN A 43 17.02 -0.72 1.82
CA ASN A 43 18.03 0.27 1.45
C ASN A 43 18.83 0.65 2.70
N ASN A 44 19.60 -0.30 3.20
CA ASN A 44 20.40 -0.08 4.38
C ASN A 44 19.49 0.15 5.58
N SER A 45 18.69 1.20 5.50
CA SER A 45 17.78 1.53 6.58
C SER A 45 16.63 0.53 6.62
N PRO A 46 16.56 -0.24 7.74
CA PRO A 46 15.52 -1.23 7.91
C PRO A 46 14.17 -0.58 8.23
N ILE A 47 13.13 -1.17 7.68
CA ILE A 47 11.79 -0.65 7.89
C ILE A 47 11.51 -0.54 9.39
N THR A 48 10.82 0.52 9.76
CA THR A 48 10.50 0.74 11.17
C THR A 48 8.98 0.85 11.34
N LYS A 49 8.32 1.40 10.33
CA LYS A 49 6.89 1.56 10.36
C LYS A 49 6.32 1.39 8.95
N PHE A 50 5.03 1.11 8.89
CA PHE A 50 4.36 0.92 7.61
C PHE A 50 3.02 1.66 7.59
N ILE A 51 3.00 2.77 6.87
CA ILE A 51 1.80 3.56 6.75
C ILE A 51 0.97 3.07 5.55
N ILE A 52 -0.32 3.36 5.60
CA ILE A 52 -1.21 2.95 4.54
C ILE A 52 -2.09 4.14 4.14
N GLU A 53 -2.62 4.05 2.92
CA GLU A 53 -3.46 5.11 2.40
C GLU A 53 -4.41 4.56 1.33
N TYR A 54 -5.56 5.22 1.21
CA TYR A 54 -6.55 4.80 0.22
C TYR A 54 -7.15 6.01 -0.49
N GLU A 55 -7.77 5.74 -1.63
CA GLU A 55 -8.38 6.78 -2.42
C GLU A 55 -9.82 6.39 -2.79
N ASP A 56 -10.72 7.36 -2.65
CA ASP A 56 -12.11 7.14 -2.97
C ASP A 56 -12.34 7.35 -4.46
N ALA A 57 -12.35 6.24 -5.19
CA ALA A 57 -12.55 6.29 -6.63
C ALA A 57 -14.04 6.47 -6.93
N MET A 58 -14.86 6.08 -5.95
CA MET A 58 -16.30 6.20 -6.10
C MET A 58 -16.76 7.63 -5.86
N HIS A 59 -15.79 8.49 -5.56
CA HIS A 59 -16.09 9.89 -5.31
C HIS A 59 -15.00 10.77 -5.95
N LYS A 60 -13.81 10.69 -5.39
CA LYS A 60 -12.69 11.46 -5.89
C LYS A 60 -11.48 10.55 -6.06
N PRO A 61 -11.32 10.03 -7.30
CA PRO A 61 -10.22 9.14 -7.61
C PRO A 61 -8.91 9.91 -7.75
N GLY A 62 -7.95 9.57 -6.89
CA GLY A 62 -6.66 10.23 -6.90
C GLY A 62 -6.40 10.95 -5.58
N LEU A 63 -7.46 11.07 -4.79
CA LEU A 63 -7.35 11.73 -3.49
C LEU A 63 -7.04 10.68 -2.42
N TRP A 64 -5.76 10.56 -2.10
CA TRP A 64 -5.33 9.60 -1.09
C TRP A 64 -5.38 10.29 0.27
N HIS A 65 -5.84 9.54 1.26
CA HIS A 65 -5.94 10.06 2.61
C HIS A 65 -5.25 9.11 3.58
N HIS A 66 -4.94 9.64 4.76
CA HIS A 66 -4.29 8.85 5.79
C HIS A 66 -5.23 7.77 6.30
N GLN A 67 -4.75 6.54 6.26
CA GLN A 67 -5.54 5.40 6.72
C GLN A 67 -5.06 4.93 8.09
N THR A 68 -3.93 4.25 8.08
CA THR A 68 -3.36 3.73 9.31
C THR A 68 -1.93 3.24 9.07
N GLU A 69 -1.21 3.04 10.16
CA GLU A 69 0.17 2.58 10.09
C GLU A 69 0.41 1.48 11.12
N VAL A 70 1.54 0.80 10.96
CA VAL A 70 1.91 -0.27 11.87
C VAL A 70 3.42 -0.26 12.08
N SER A 71 3.90 -1.25 12.83
CA SER A 71 5.31 -1.37 13.10
C SER A 71 6.05 -1.82 11.85
N GLY A 72 7.38 -1.76 11.93
CA GLY A 72 8.22 -2.17 10.82
C GLY A 72 8.59 -3.64 10.91
N THR A 73 7.71 -4.40 11.55
CA THR A 73 7.93 -5.83 11.71
C THR A 73 6.76 -6.61 11.12
N GLN A 74 5.56 -6.11 11.37
CA GLN A 74 4.36 -6.76 10.86
C GLN A 74 4.14 -6.41 9.39
N THR A 75 3.42 -7.28 8.70
CA THR A 75 3.13 -7.07 7.30
C THR A 75 1.64 -7.31 7.01
N THR A 76 0.86 -7.27 8.08
CA THR A 76 -0.57 -7.48 7.97
C THR A 76 -1.32 -6.55 8.91
N ALA A 77 -2.14 -5.68 8.32
CA ALA A 77 -2.92 -4.74 9.10
C ALA A 77 -4.38 -4.78 8.63
N GLN A 78 -5.28 -4.77 9.60
CA GLN A 78 -6.70 -4.81 9.30
C GLN A 78 -7.15 -3.48 8.69
N LEU A 79 -8.00 -3.59 7.67
CA LEU A 79 -8.51 -2.42 7.00
C LEU A 79 -10.02 -2.31 7.23
N ASN A 80 -10.42 -1.18 7.80
CA ASN A 80 -11.83 -0.95 8.09
C ASN A 80 -12.51 -0.42 6.83
N LEU A 81 -13.32 -1.27 6.23
CA LEU A 81 -14.04 -0.89 5.02
C LEU A 81 -15.50 -0.58 5.38
N SER A 82 -16.10 0.27 4.56
CA SER A 82 -17.49 0.66 4.78
C SER A 82 -18.34 0.25 3.58
N PRO A 83 -19.68 0.14 3.82
CA PRO A 83 -20.60 -0.23 2.77
C PRO A 83 -20.83 0.92 1.80
N TYR A 84 -20.87 0.57 0.52
CA TYR A 84 -21.07 1.57 -0.53
C TYR A 84 -19.92 2.56 -0.57
N VAL A 85 -18.79 2.10 -1.09
CA VAL A 85 -17.61 2.93 -1.20
C VAL A 85 -16.46 2.12 -1.80
N ASN A 86 -16.07 2.51 -3.00
CA ASN A 86 -14.99 1.83 -3.70
C ASN A 86 -13.70 2.64 -3.55
N TYR A 87 -12.60 1.92 -3.47
CA TYR A 87 -11.30 2.56 -3.33
C TYR A 87 -10.17 1.52 -3.24
N SER A 88 -8.96 2.00 -3.42
CA SER A 88 -7.80 1.11 -3.37
C SER A 88 -7.03 1.35 -2.07
N PHE A 89 -5.92 0.63 -1.94
CA PHE A 89 -5.09 0.75 -0.75
C PHE A 89 -3.60 0.77 -1.12
N ARG A 90 -2.88 1.68 -0.49
CA ARG A 90 -1.45 1.82 -0.74
C ARG A 90 -0.66 1.68 0.56
N VAL A 91 0.34 0.83 0.52
CA VAL A 91 1.18 0.60 1.68
C VAL A 91 2.49 1.38 1.53
N MET A 92 2.89 2.01 2.61
CA MET A 92 4.11 2.80 2.62
C MET A 92 5.09 2.29 3.68
N ALA A 93 6.37 2.55 3.44
CA ALA A 93 7.40 2.12 4.37
C ALA A 93 8.20 3.35 4.82
N VAL A 94 8.47 3.38 6.12
CA VAL A 94 9.23 4.48 6.69
C VAL A 94 10.34 3.92 7.59
N ASN A 95 11.53 4.46 7.38
CA ASN A 95 12.69 4.03 8.15
C ASN A 95 13.44 5.25 8.67
N SER A 96 14.64 5.01 9.16
CA SER A 96 15.48 6.08 9.67
C SER A 96 15.53 7.24 8.68
N ILE A 97 15.65 6.88 7.40
CA ILE A 97 15.71 7.88 6.36
C ILE A 97 14.41 8.69 6.35
N GLY A 98 13.39 8.13 5.71
CA GLY A 98 12.10 8.79 5.65
C GLY A 98 11.02 7.82 5.14
N LYS A 99 9.96 8.40 4.59
CA LYS A 99 8.86 7.60 4.08
C LYS A 99 9.03 7.44 2.57
N SER A 100 8.94 6.19 2.13
CA SER A 100 9.09 5.88 0.72
C SER A 100 7.75 6.10 -0.01
N LEU A 101 7.78 5.89 -1.31
CA LEU A 101 6.58 6.05 -2.12
C LEU A 101 5.58 4.95 -1.78
N PRO A 102 4.30 5.19 -2.17
CA PRO A 102 3.25 4.22 -1.92
C PRO A 102 3.35 3.04 -2.88
N SER A 103 3.04 1.86 -2.36
CA SER A 103 3.09 0.65 -3.17
C SER A 103 2.32 0.86 -4.47
N GLU A 104 2.58 -0.02 -5.42
CA GLU A 104 1.91 0.04 -6.71
C GLU A 104 0.46 0.50 -6.53
N ALA A 105 -0.39 -0.45 -6.16
CA ALA A 105 -1.79 -0.16 -5.96
C ALA A 105 -2.58 -1.47 -5.98
N SER A 106 -2.82 -2.01 -4.79
CA SER A 106 -3.58 -3.24 -4.66
C SER A 106 -4.88 -3.15 -5.45
N GLU A 107 -5.52 -4.30 -5.62
CA GLU A 107 -6.77 -4.37 -6.34
C GLU A 107 -7.80 -3.43 -5.71
N GLN A 108 -8.85 -3.15 -6.47
CA GLN A 108 -9.91 -2.28 -5.99
C GLN A 108 -10.98 -3.08 -5.26
N TYR A 109 -10.90 -3.05 -3.94
CA TYR A 109 -11.87 -3.77 -3.11
C TYR A 109 -13.19 -3.01 -3.01
N LEU A 110 -14.27 -3.73 -3.28
CA LEU A 110 -15.59 -3.14 -3.22
C LEU A 110 -16.42 -3.85 -2.14
N THR A 111 -16.84 -3.05 -1.16
CA THR A 111 -17.64 -3.60 -0.07
C THR A 111 -19.02 -4.02 -0.57
N LYS A 112 -19.85 -4.46 0.37
CA LYS A 112 -21.19 -4.90 0.04
C LYS A 112 -22.05 -3.68 -0.31
N ALA A 113 -23.14 -3.94 -1.01
CA ALA A 113 -24.05 -2.89 -1.41
C ALA A 113 -25.32 -3.50 -1.99
N SER A 114 -26.15 -2.64 -2.56
CA SER A 114 -27.40 -3.09 -3.14
C SER A 114 -27.23 -3.33 -4.65
N GLU A 115 -26.41 -4.33 -4.95
CA GLU A 115 -26.14 -4.66 -6.34
C GLU A 115 -25.24 -5.90 -6.42
N PRO A 116 -25.56 -6.80 -7.39
CA PRO A 116 -24.78 -8.01 -7.57
C PRO A 116 -23.46 -7.71 -8.26
N ASP A 117 -22.81 -8.77 -8.74
CA ASP A 117 -21.54 -8.63 -9.41
C ASP A 117 -20.47 -8.26 -8.39
N LYS A 118 -19.22 -8.31 -8.84
CA LYS A 118 -18.10 -7.98 -7.98
C LYS A 118 -17.91 -6.46 -7.96
N ASN A 119 -17.31 -5.96 -9.03
CA ASN A 119 -17.06 -4.53 -9.14
C ASN A 119 -17.66 -4.01 -10.44
N PRO A 120 -18.86 -3.41 -10.33
CA PRO A 120 -19.54 -2.87 -11.49
C PRO A 120 -18.89 -1.56 -11.96
N THR A 121 -18.00 -1.70 -12.93
CA THR A 121 -17.29 -0.55 -13.48
C THR A 121 -17.39 -0.54 -15.00
N SER A 122 -16.97 -1.65 -15.60
CA SER A 122 -17.00 -1.78 -17.04
C SER A 122 -18.01 -2.86 -17.45
N GLY A 123 -17.77 -4.07 -16.96
CA GLY A 123 -18.64 -5.18 -17.26
C GLY A 123 -18.06 -6.05 -18.39
N PRO A 124 -18.68 -7.24 -18.57
CA PRO A 124 -18.23 -8.16 -19.61
C PRO A 124 -18.67 -7.68 -21.00
N SER A 125 -17.78 -7.86 -21.96
CA SER A 125 -18.07 -7.45 -23.33
C SER A 125 -17.05 -8.09 -24.28
N SER A 126 -17.43 -8.12 -25.55
CA SER A 126 -16.57 -8.70 -26.57
C SER A 126 -16.26 -7.65 -27.64
N GLY A 127 -15.04 -7.72 -28.15
CA GLY A 127 -14.60 -6.78 -29.18
C GLY A 127 -13.19 -6.28 -28.90
N GLY A 1 14.66 5.66 -10.96
CA GLY A 1 14.94 6.95 -10.34
C GLY A 1 16.38 7.01 -9.84
N SER A 2 16.54 6.67 -8.57
CA SER A 2 17.85 6.69 -7.95
C SER A 2 18.50 8.06 -8.12
N SER A 3 19.56 8.28 -7.35
CA SER A 3 20.28 9.54 -7.40
C SER A 3 21.45 9.52 -6.42
N GLY A 4 22.58 10.00 -6.88
CA GLY A 4 23.78 10.05 -6.06
C GLY A 4 25.02 9.71 -6.87
N SER A 5 26.10 9.43 -6.16
CA SER A 5 27.37 9.09 -6.80
C SER A 5 28.30 8.41 -5.81
N SER A 6 29.34 7.79 -6.34
CA SER A 6 30.31 7.10 -5.51
C SER A 6 31.73 7.34 -6.04
N GLY A 7 32.69 7.22 -5.14
CA GLY A 7 34.08 7.43 -5.50
C GLY A 7 35.02 6.81 -4.46
N PRO A 8 36.21 7.43 -4.31
CA PRO A 8 37.20 6.95 -3.36
C PRO A 8 36.79 7.29 -1.92
N THR A 9 35.80 6.55 -1.44
CA THR A 9 35.30 6.76 -0.08
C THR A 9 34.26 5.71 0.28
N PRO A 10 34.54 4.98 1.40
CA PRO A 10 33.63 3.94 1.86
C PRO A 10 32.39 4.55 2.51
N ALA A 11 31.34 4.68 1.71
CA ALA A 11 30.09 5.24 2.19
C ALA A 11 28.93 4.51 1.55
N PRO A 12 27.91 4.18 2.40
CA PRO A 12 26.73 3.47 1.93
C PRO A 12 25.81 4.41 1.14
N VAL A 13 24.63 3.90 0.84
CA VAL A 13 23.66 4.67 0.09
C VAL A 13 22.24 4.20 0.46
N TYR A 14 21.41 5.17 0.81
CA TYR A 14 20.03 4.86 1.18
C TYR A 14 19.04 5.50 0.20
N ASP A 15 17.79 5.56 0.62
CA ASP A 15 16.75 6.13 -0.21
C ASP A 15 15.39 5.56 0.23
N VAL A 16 15.11 5.69 1.51
CA VAL A 16 13.86 5.19 2.06
C VAL A 16 13.65 3.75 1.60
N PRO A 17 12.73 3.05 2.32
CA PRO A 17 12.43 1.67 2.01
C PRO A 17 11.56 1.56 0.75
N ASN A 18 12.06 0.82 -0.22
CA ASN A 18 11.34 0.64 -1.47
C ASN A 18 9.88 0.33 -1.18
N PRO A 19 9.03 0.48 -2.23
CA PRO A 19 7.61 0.21 -2.10
C PRO A 19 7.33 -1.28 -2.04
N PRO A 20 6.22 -1.64 -1.33
CA PRO A 20 5.84 -3.04 -1.20
C PRO A 20 5.23 -3.56 -2.49
N PHE A 21 5.05 -4.87 -2.54
CA PHE A 21 4.47 -5.51 -3.72
C PHE A 21 3.76 -6.81 -3.33
N ASP A 22 3.10 -7.39 -4.32
CA ASP A 22 2.37 -8.63 -4.10
C ASP A 22 1.12 -8.36 -3.27
N LEU A 23 0.84 -7.07 -3.09
CA LEU A 23 -0.31 -6.65 -2.31
C LEU A 23 -1.50 -7.54 -2.66
N GLU A 24 -2.31 -7.82 -1.65
CA GLU A 24 -3.48 -8.65 -1.84
C GLU A 24 -4.52 -8.36 -0.75
N LEU A 25 -5.72 -8.87 -0.97
CA LEU A 25 -6.81 -8.68 -0.02
C LEU A 25 -7.53 -10.01 0.20
N THR A 26 -7.31 -10.56 1.38
CA THR A 26 -7.94 -11.83 1.73
C THR A 26 -8.17 -11.92 3.24
N ASP A 27 -9.42 -12.20 3.60
CA ASP A 27 -9.78 -12.31 5.00
C ASP A 27 -10.82 -13.42 5.17
N GLN A 28 -11.11 -13.73 6.42
CA GLN A 28 -12.10 -14.76 6.73
C GLN A 28 -12.90 -14.37 7.97
N LEU A 29 -13.13 -13.07 8.10
CA LEU A 29 -13.89 -12.55 9.23
C LEU A 29 -14.79 -11.41 8.76
N ASP A 30 -16.09 -11.65 8.84
CA ASP A 30 -17.06 -10.65 8.43
C ASP A 30 -17.08 -9.52 9.46
N LYS A 31 -15.96 -8.82 9.53
CA LYS A 31 -15.84 -7.71 10.47
C LYS A 31 -14.76 -6.75 9.97
N SER A 32 -13.61 -7.32 9.63
CA SER A 32 -12.50 -6.53 9.14
C SER A 32 -11.59 -7.40 8.27
N VAL A 33 -11.21 -6.84 7.12
CA VAL A 33 -10.35 -7.55 6.19
C VAL A 33 -8.89 -7.38 6.63
N GLN A 34 -8.03 -8.16 6.01
CA GLN A 34 -6.61 -8.12 6.32
C GLN A 34 -5.80 -7.80 5.06
N LEU A 35 -5.04 -6.71 5.15
CA LEU A 35 -4.21 -6.28 4.03
C LEU A 35 -2.78 -6.80 4.23
N SER A 36 -2.39 -7.70 3.36
CA SER A 36 -1.06 -8.27 3.42
C SER A 36 -0.15 -7.62 2.37
N TRP A 37 0.89 -6.96 2.87
CA TRP A 37 1.84 -6.29 1.98
C TRP A 37 3.21 -6.90 2.22
N THR A 38 4.11 -6.65 1.27
CA THR A 38 5.46 -7.17 1.36
C THR A 38 6.47 -6.05 1.11
N PRO A 39 7.22 -5.70 2.20
CA PRO A 39 8.22 -4.66 2.11
C PRO A 39 9.47 -5.15 1.36
N GLY A 40 9.67 -4.60 0.18
CA GLY A 40 10.81 -4.97 -0.64
C GLY A 40 12.12 -4.58 0.04
N ASP A 41 13.05 -4.08 -0.77
CA ASP A 41 14.34 -3.67 -0.27
C ASP A 41 14.15 -2.57 0.77
N ASP A 42 15.16 -2.39 1.61
CA ASP A 42 15.11 -1.39 2.65
C ASP A 42 16.11 -0.27 2.33
N ASN A 43 17.04 -0.60 1.45
CA ASN A 43 18.06 0.35 1.04
C ASN A 43 18.88 0.76 2.26
N ASN A 44 19.65 -0.19 2.76
CA ASN A 44 20.50 0.05 3.91
C ASN A 44 19.60 0.30 5.14
N SER A 45 18.82 1.37 5.06
CA SER A 45 17.93 1.72 6.14
C SER A 45 16.77 0.73 6.21
N PRO A 46 16.70 0.00 7.36
CA PRO A 46 15.64 -0.97 7.56
C PRO A 46 14.31 -0.29 7.87
N ILE A 47 13.23 -0.99 7.55
CA ILE A 47 11.89 -0.46 7.78
C ILE A 47 11.65 -0.37 9.28
N THR A 48 10.91 0.67 9.66
CA THR A 48 10.60 0.89 11.07
C THR A 48 9.09 0.96 11.26
N LYS A 49 8.42 1.53 10.27
CA LYS A 49 6.98 1.67 10.32
C LYS A 49 6.39 1.49 8.92
N PHE A 50 5.11 1.19 8.88
CA PHE A 50 4.42 1.00 7.61
C PHE A 50 3.06 1.70 7.61
N ILE A 51 3.02 2.81 6.89
CA ILE A 51 1.80 3.60 6.80
C ILE A 51 0.97 3.09 5.62
N ILE A 52 -0.33 3.35 5.69
CA ILE A 52 -1.23 2.92 4.64
C ILE A 52 -2.14 4.10 4.24
N GLU A 53 -2.69 4.00 3.04
CA GLU A 53 -3.57 5.04 2.54
C GLU A 53 -4.53 4.47 1.49
N TYR A 54 -5.57 5.24 1.20
CA TYR A 54 -6.55 4.82 0.22
C TYR A 54 -7.14 6.03 -0.52
N GLU A 55 -7.70 5.75 -1.69
CA GLU A 55 -8.29 6.80 -2.50
C GLU A 55 -9.75 6.49 -2.77
N ASP A 56 -10.63 7.37 -2.29
CA ASP A 56 -12.05 7.19 -2.48
C ASP A 56 -12.38 7.23 -3.97
N ALA A 57 -12.23 6.08 -4.61
CA ALA A 57 -12.49 5.96 -6.03
C ALA A 57 -13.96 6.29 -6.29
N MET A 58 -14.80 5.90 -5.34
CA MET A 58 -16.23 6.15 -5.45
C MET A 58 -16.54 7.64 -5.39
N HIS A 59 -15.96 8.29 -4.37
CA HIS A 59 -16.17 9.71 -4.18
C HIS A 59 -15.28 10.49 -5.14
N LYS A 60 -13.97 10.40 -4.88
CA LYS A 60 -12.99 11.10 -5.71
C LYS A 60 -11.75 10.22 -5.86
N PRO A 61 -11.59 9.66 -7.09
CA PRO A 61 -10.44 8.81 -7.37
C PRO A 61 -9.16 9.64 -7.54
N GLY A 62 -8.14 9.23 -6.83
CA GLY A 62 -6.85 9.93 -6.89
C GLY A 62 -6.57 10.68 -5.58
N LEU A 63 -7.62 10.86 -4.81
CA LEU A 63 -7.51 11.56 -3.54
C LEU A 63 -7.14 10.55 -2.44
N TRP A 64 -5.84 10.46 -2.17
CA TRP A 64 -5.35 9.54 -1.16
C TRP A 64 -5.46 10.25 0.20
N HIS A 65 -5.86 9.47 1.20
CA HIS A 65 -6.01 10.00 2.55
C HIS A 65 -5.33 9.06 3.54
N HIS A 66 -4.93 9.64 4.66
CA HIS A 66 -4.25 8.87 5.70
C HIS A 66 -5.19 7.77 6.21
N GLN A 67 -4.69 6.55 6.20
CA GLN A 67 -5.48 5.42 6.66
C GLN A 67 -4.99 4.96 8.04
N THR A 68 -3.86 4.28 8.04
CA THR A 68 -3.28 3.79 9.28
C THR A 68 -1.85 3.29 9.05
N GLU A 69 -1.12 3.13 10.14
CA GLU A 69 0.24 2.67 10.07
C GLU A 69 0.50 1.59 11.11
N VAL A 70 1.61 0.88 10.95
CA VAL A 70 1.97 -0.18 11.87
C VAL A 70 3.49 -0.17 12.07
N SER A 71 3.96 -1.15 12.83
CA SER A 71 5.38 -1.26 13.11
C SER A 71 6.12 -1.73 11.86
N GLY A 72 7.44 -1.64 11.92
CA GLY A 72 8.28 -2.05 10.81
C GLY A 72 8.64 -3.54 10.91
N THR A 73 7.79 -4.27 11.61
CA THR A 73 8.01 -5.69 11.79
C THR A 73 6.85 -6.49 11.20
N GLN A 74 5.65 -5.95 11.37
CA GLN A 74 4.45 -6.60 10.86
C GLN A 74 4.21 -6.19 9.41
N THR A 75 3.38 -6.98 8.74
CA THR A 75 3.05 -6.71 7.35
C THR A 75 1.58 -7.01 7.08
N THR A 76 0.81 -7.04 8.16
CA THR A 76 -0.61 -7.31 8.06
C THR A 76 -1.40 -6.41 9.01
N ALA A 77 -2.31 -5.64 8.43
CA ALA A 77 -3.13 -4.74 9.21
C ALA A 77 -4.58 -4.86 8.77
N GLN A 78 -5.47 -4.89 9.75
CA GLN A 78 -6.89 -5.00 9.48
C GLN A 78 -7.43 -3.71 8.87
N LEU A 79 -8.14 -3.86 7.77
CA LEU A 79 -8.72 -2.72 7.08
C LEU A 79 -10.24 -2.75 7.20
N ASN A 80 -10.80 -1.62 7.63
CA ASN A 80 -12.24 -1.52 7.80
C ASN A 80 -12.83 -0.82 6.58
N LEU A 81 -13.54 -1.60 5.77
CA LEU A 81 -14.17 -1.06 4.57
C LEU A 81 -15.68 -1.00 4.78
N SER A 82 -16.29 0.01 4.17
CA SER A 82 -17.73 0.19 4.27
C SER A 82 -18.43 -0.47 3.08
N PRO A 83 -19.78 -0.61 3.22
CA PRO A 83 -20.57 -1.21 2.17
C PRO A 83 -20.76 -0.25 1.00
N TYR A 84 -20.88 1.04 1.33
CA TYR A 84 -21.05 2.05 0.31
C TYR A 84 -19.80 2.93 0.18
N VAL A 85 -18.85 2.44 -0.60
CA VAL A 85 -17.61 3.15 -0.82
C VAL A 85 -16.63 2.26 -1.58
N ASN A 86 -15.73 2.90 -2.30
CA ASN A 86 -14.73 2.17 -3.07
C ASN A 86 -13.42 2.94 -3.04
N TYR A 87 -12.33 2.20 -3.21
CA TYR A 87 -11.00 2.80 -3.19
C TYR A 87 -9.92 1.72 -3.24
N SER A 88 -8.68 2.17 -3.37
CA SER A 88 -7.55 1.27 -3.42
C SER A 88 -6.81 1.28 -2.09
N PHE A 89 -5.74 0.51 -2.03
CA PHE A 89 -4.94 0.43 -0.82
C PHE A 89 -3.44 0.55 -1.14
N ARG A 90 -2.81 1.55 -0.52
CA ARG A 90 -1.40 1.78 -0.74
C ARG A 90 -0.63 1.66 0.58
N VAL A 91 0.38 0.82 0.58
CA VAL A 91 1.18 0.61 1.76
C VAL A 91 2.52 1.36 1.61
N MET A 92 2.85 2.13 2.63
CA MET A 92 4.08 2.89 2.62
C MET A 92 5.07 2.37 3.66
N ALA A 93 6.34 2.61 3.41
CA ALA A 93 7.39 2.16 4.32
C ALA A 93 8.19 3.37 4.80
N VAL A 94 8.40 3.42 6.11
CA VAL A 94 9.14 4.51 6.70
C VAL A 94 10.30 3.95 7.53
N ASN A 95 11.48 4.51 7.31
CA ASN A 95 12.66 4.07 8.03
C ASN A 95 13.41 5.31 8.57
N SER A 96 14.63 5.05 9.01
CA SER A 96 15.47 6.13 9.53
C SER A 96 15.55 7.28 8.53
N ILE A 97 15.61 6.91 7.27
CA ILE A 97 15.69 7.90 6.21
C ILE A 97 14.40 8.71 6.18
N GLY A 98 13.36 8.11 5.61
CA GLY A 98 12.07 8.77 5.53
C GLY A 98 10.99 7.80 5.01
N LYS A 99 9.92 8.38 4.51
CA LYS A 99 8.81 7.59 3.98
C LYS A 99 8.97 7.45 2.47
N SER A 100 8.83 6.22 2.01
CA SER A 100 8.95 5.94 0.58
C SER A 100 7.61 6.16 -0.11
N LEU A 101 7.62 6.00 -1.43
CA LEU A 101 6.42 6.18 -2.22
C LEU A 101 5.43 5.07 -1.87
N PRO A 102 4.14 5.31 -2.24
CA PRO A 102 3.08 4.35 -1.96
C PRO A 102 3.17 3.17 -2.92
N SER A 103 2.87 1.99 -2.40
CA SER A 103 2.90 0.78 -3.19
C SER A 103 2.08 0.96 -4.47
N GLU A 104 2.32 0.08 -5.42
CA GLU A 104 1.61 0.13 -6.69
C GLU A 104 0.16 0.56 -6.47
N ALA A 105 -0.66 -0.43 -6.16
CA ALA A 105 -2.08 -0.18 -5.92
C ALA A 105 -2.85 -1.49 -6.03
N SER A 106 -3.02 -2.15 -4.89
CA SER A 106 -3.73 -3.41 -4.86
C SER A 106 -5.04 -3.30 -5.63
N GLU A 107 -5.67 -4.44 -5.85
CA GLU A 107 -6.93 -4.48 -6.57
C GLU A 107 -7.91 -3.46 -5.99
N GLN A 108 -9.02 -3.28 -6.69
CA GLN A 108 -10.04 -2.35 -6.26
C GLN A 108 -11.13 -3.08 -5.46
N TYR A 109 -11.00 -3.01 -4.15
CA TYR A 109 -11.96 -3.66 -3.27
C TYR A 109 -13.25 -2.83 -3.17
N LEU A 110 -14.34 -3.45 -3.59
CA LEU A 110 -15.64 -2.79 -3.55
C LEU A 110 -16.67 -3.74 -2.93
N THR A 111 -16.99 -3.46 -1.67
CA THR A 111 -17.96 -4.27 -0.95
C THR A 111 -19.34 -4.17 -1.61
N LYS A 112 -20.33 -4.68 -0.90
CA LYS A 112 -21.69 -4.67 -1.41
C LYS A 112 -22.39 -3.38 -0.94
N ALA A 113 -23.46 -3.04 -1.64
CA ALA A 113 -24.22 -1.85 -1.31
C ALA A 113 -25.53 -1.85 -2.09
N SER A 114 -26.24 -0.73 -2.00
CA SER A 114 -27.51 -0.60 -2.68
C SER A 114 -27.28 -0.17 -4.14
N GLU A 115 -26.74 -1.08 -4.91
CA GLU A 115 -26.45 -0.81 -6.31
C GLU A 115 -25.87 -2.05 -6.99
N PRO A 116 -26.20 -2.20 -8.30
CA PRO A 116 -25.71 -3.33 -9.07
C PRO A 116 -24.23 -3.16 -9.42
N ASP A 117 -23.79 -3.96 -10.38
CA ASP A 117 -22.40 -3.91 -10.82
C ASP A 117 -21.50 -4.35 -9.66
N LYS A 118 -20.25 -4.61 -10.00
CA LYS A 118 -19.27 -5.03 -9.01
C LYS A 118 -17.94 -4.34 -9.28
N ASN A 119 -17.91 -3.05 -8.98
CA ASN A 119 -16.72 -2.25 -9.18
C ASN A 119 -16.31 -2.32 -10.66
N PRO A 120 -16.53 -1.17 -11.36
CA PRO A 120 -16.20 -1.09 -12.77
C PRO A 120 -14.69 -0.96 -12.97
N THR A 121 -14.05 -2.11 -13.14
CA THR A 121 -12.61 -2.14 -13.34
C THR A 121 -12.28 -2.41 -14.82
N SER A 122 -13.19 -3.12 -15.47
CA SER A 122 -13.02 -3.44 -16.87
C SER A 122 -14.16 -4.34 -17.35
N GLY A 123 -14.64 -4.06 -18.56
CA GLY A 123 -15.73 -4.82 -19.14
C GLY A 123 -15.24 -5.63 -20.34
N PRO A 124 -16.04 -6.69 -20.67
CA PRO A 124 -15.70 -7.54 -21.81
C PRO A 124 -16.00 -6.85 -23.13
N SER A 125 -14.95 -6.30 -23.72
CA SER A 125 -15.10 -5.61 -25.00
C SER A 125 -14.22 -6.28 -26.05
N SER A 126 -14.72 -6.27 -27.28
CA SER A 126 -14.01 -6.88 -28.39
C SER A 126 -14.09 -5.98 -29.62
N GLY A 127 -13.05 -6.05 -30.45
CA GLY A 127 -13.00 -5.25 -31.65
C GLY A 127 -11.68 -4.48 -31.75
N GLY A 1 19.91 9.65 -11.48
CA GLY A 1 21.33 9.81 -11.71
C GLY A 1 22.05 10.22 -10.42
N SER A 2 23.32 9.85 -10.35
CA SER A 2 24.13 10.16 -9.18
C SER A 2 25.57 10.44 -9.61
N SER A 3 26.23 11.30 -8.85
CA SER A 3 27.60 11.66 -9.13
C SER A 3 28.53 11.10 -8.05
N GLY A 4 29.81 11.07 -8.36
CA GLY A 4 30.81 10.56 -7.43
C GLY A 4 31.08 9.08 -7.69
N SER A 5 32.37 8.74 -7.66
CA SER A 5 32.78 7.36 -7.89
C SER A 5 34.26 7.19 -7.54
N SER A 6 34.62 5.96 -7.23
CA SER A 6 35.99 5.65 -6.86
C SER A 6 36.34 6.32 -5.53
N GLY A 7 37.09 5.58 -4.72
CA GLY A 7 37.50 6.09 -3.42
C GLY A 7 36.92 5.24 -2.29
N PRO A 8 37.40 5.52 -1.05
CA PRO A 8 36.95 4.80 0.13
C PRO A 8 35.54 5.24 0.54
N THR A 9 34.63 4.29 0.54
CA THR A 9 33.25 4.58 0.91
C THR A 9 32.78 3.60 1.99
N PRO A 10 33.00 4.03 3.27
CA PRO A 10 32.60 3.20 4.40
C PRO A 10 31.09 3.25 4.61
N ALA A 11 30.58 4.46 4.76
CA ALA A 11 29.15 4.66 4.97
C ALA A 11 28.39 4.09 3.76
N PRO A 12 27.25 3.41 4.07
CA PRO A 12 26.43 2.83 3.02
C PRO A 12 25.63 3.90 2.28
N VAL A 13 24.60 3.46 1.58
CA VAL A 13 23.75 4.37 0.83
C VAL A 13 22.29 4.02 1.07
N TYR A 14 21.62 4.89 1.79
CA TYR A 14 20.21 4.69 2.11
C TYR A 14 19.31 5.33 1.05
N ASP A 15 18.01 5.24 1.29
CA ASP A 15 17.04 5.80 0.37
C ASP A 15 15.65 5.27 0.72
N VAL A 16 15.31 5.40 1.99
CA VAL A 16 14.01 4.95 2.47
C VAL A 16 13.76 3.52 1.99
N PRO A 17 12.79 2.85 2.67
CA PRO A 17 12.45 1.48 2.33
C PRO A 17 11.64 1.43 1.03
N ASN A 18 12.17 0.70 0.06
CA ASN A 18 11.51 0.56 -1.23
C ASN A 18 10.01 0.31 -0.99
N PRO A 19 9.22 0.51 -2.08
CA PRO A 19 7.78 0.31 -2.01
C PRO A 19 7.44 -1.18 -1.99
N PRO A 20 6.36 -1.51 -1.23
CA PRO A 20 5.93 -2.89 -1.12
C PRO A 20 5.20 -3.34 -2.40
N PHE A 21 5.22 -4.65 -2.62
CA PHE A 21 4.57 -5.22 -3.80
C PHE A 21 3.78 -6.47 -3.43
N ASP A 22 3.21 -7.09 -4.46
CA ASP A 22 2.43 -8.30 -4.26
C ASP A 22 1.20 -7.98 -3.40
N LEU A 23 0.94 -6.69 -3.25
CA LEU A 23 -0.19 -6.23 -2.46
C LEU A 23 -1.39 -7.12 -2.76
N GLU A 24 -1.91 -7.72 -1.70
CA GLU A 24 -3.07 -8.60 -1.82
C GLU A 24 -4.05 -8.34 -0.68
N LEU A 25 -5.23 -8.95 -0.81
CA LEU A 25 -6.27 -8.79 0.19
C LEU A 25 -6.86 -10.17 0.52
N THR A 26 -6.78 -10.52 1.80
CA THR A 26 -7.30 -11.81 2.25
C THR A 26 -7.75 -11.71 3.70
N ASP A 27 -9.03 -11.97 3.91
CA ASP A 27 -9.60 -11.93 5.25
C ASP A 27 -10.62 -13.05 5.41
N GLN A 28 -11.35 -13.00 6.52
CA GLN A 28 -12.36 -14.01 6.80
C GLN A 28 -13.18 -13.60 8.03
N LEU A 29 -13.54 -12.33 8.07
CA LEU A 29 -14.32 -11.81 9.18
C LEU A 29 -15.61 -11.19 8.65
N ASP A 30 -16.25 -10.40 9.50
CA ASP A 30 -17.50 -9.76 9.13
C ASP A 30 -17.20 -8.36 8.59
N LYS A 31 -16.64 -7.53 9.46
CA LYS A 31 -16.30 -6.17 9.10
C LYS A 31 -14.84 -5.89 9.45
N SER A 32 -13.95 -6.58 8.75
CA SER A 32 -12.53 -6.42 8.98
C SER A 32 -11.73 -7.26 7.98
N VAL A 33 -10.96 -6.57 7.15
CA VAL A 33 -10.16 -7.23 6.14
C VAL A 33 -8.68 -6.94 6.40
N GLN A 34 -7.87 -7.98 6.27
CA GLN A 34 -6.44 -7.85 6.49
C GLN A 34 -5.73 -7.54 5.16
N LEU A 35 -4.79 -6.61 5.25
CA LEU A 35 -4.03 -6.21 4.07
C LEU A 35 -2.60 -6.73 4.20
N SER A 36 -2.27 -7.66 3.33
CA SER A 36 -0.94 -8.25 3.32
C SER A 36 -0.06 -7.59 2.25
N TRP A 37 1.03 -7.00 2.70
CA TRP A 37 1.94 -6.32 1.80
C TRP A 37 3.32 -6.97 1.96
N THR A 38 4.17 -6.72 0.97
CA THR A 38 5.51 -7.27 0.98
C THR A 38 6.55 -6.15 0.88
N PRO A 39 7.25 -5.92 2.03
CA PRO A 39 8.27 -4.89 2.08
C PRO A 39 9.54 -5.33 1.35
N GLY A 40 9.73 -4.76 0.16
CA GLY A 40 10.89 -5.09 -0.65
C GLY A 40 12.18 -4.73 0.08
N ASP A 41 13.14 -4.22 -0.68
CA ASP A 41 14.41 -3.84 -0.12
C ASP A 41 14.20 -2.73 0.92
N ASP A 42 15.11 -2.69 1.88
CA ASP A 42 15.03 -1.70 2.95
C ASP A 42 16.08 -0.61 2.69
N ASN A 43 17.02 -0.93 1.82
CA ASN A 43 18.08 0.01 1.48
C ASN A 43 18.87 0.35 2.74
N ASN A 44 19.59 -0.64 3.25
CA ASN A 44 20.38 -0.45 4.45
C ASN A 44 19.46 -0.21 5.64
N SER A 45 18.69 0.87 5.55
CA SER A 45 17.78 1.23 6.61
C SER A 45 16.58 0.27 6.60
N PRO A 46 16.44 -0.48 7.73
CA PRO A 46 15.35 -1.43 7.87
C PRO A 46 14.02 -0.72 8.14
N ILE A 47 12.94 -1.38 7.75
CA ILE A 47 11.62 -0.83 7.94
C ILE A 47 11.34 -0.69 9.44
N THR A 48 10.66 0.39 9.79
CA THR A 48 10.31 0.65 11.18
C THR A 48 8.80 0.81 11.34
N LYS A 49 8.18 1.36 10.31
CA LYS A 49 6.74 1.58 10.32
C LYS A 49 6.20 1.40 8.90
N PHE A 50 4.91 1.10 8.83
CA PHE A 50 4.25 0.91 7.55
C PHE A 50 2.92 1.65 7.50
N ILE A 51 2.89 2.72 6.72
CA ILE A 51 1.69 3.52 6.58
C ILE A 51 0.85 2.97 5.44
N ILE A 52 -0.44 3.27 5.49
CA ILE A 52 -1.36 2.80 4.47
C ILE A 52 -2.25 3.97 4.02
N GLU A 53 -2.44 4.06 2.72
CA GLU A 53 -3.27 5.13 2.16
C GLU A 53 -4.32 4.54 1.22
N TYR A 54 -5.36 5.32 0.98
CA TYR A 54 -6.43 4.89 0.11
C TYR A 54 -7.06 6.08 -0.62
N GLU A 55 -7.66 5.79 -1.77
CA GLU A 55 -8.30 6.82 -2.57
C GLU A 55 -9.70 6.38 -2.99
N ASP A 56 -10.61 7.33 -2.99
CA ASP A 56 -11.99 7.06 -3.38
C ASP A 56 -12.14 7.26 -4.88
N ALA A 57 -12.63 6.21 -5.54
CA ALA A 57 -12.82 6.26 -6.98
C ALA A 57 -14.29 6.53 -7.27
N MET A 58 -15.11 6.43 -6.23
CA MET A 58 -16.53 6.67 -6.36
C MET A 58 -16.89 8.12 -6.05
N HIS A 59 -15.89 8.85 -5.56
CA HIS A 59 -16.07 10.25 -5.21
C HIS A 59 -14.93 11.08 -5.81
N LYS A 60 -13.80 11.05 -5.12
CA LYS A 60 -12.64 11.79 -5.57
C LYS A 60 -11.48 10.82 -5.82
N PRO A 61 -11.35 10.41 -7.11
CA PRO A 61 -10.29 9.49 -7.50
C PRO A 61 -8.93 10.19 -7.54
N GLY A 62 -7.91 9.45 -7.14
CA GLY A 62 -6.57 9.99 -7.12
C GLY A 62 -6.23 10.59 -5.75
N LEU A 63 -7.28 10.96 -5.03
CA LEU A 63 -7.11 11.56 -3.72
C LEU A 63 -6.81 10.45 -2.70
N TRP A 64 -5.53 10.33 -2.37
CA TRP A 64 -5.10 9.32 -1.41
C TRP A 64 -5.14 9.95 -0.01
N HIS A 65 -5.69 9.20 0.92
CA HIS A 65 -5.80 9.65 2.29
C HIS A 65 -5.01 8.72 3.21
N HIS A 66 -4.80 9.19 4.43
CA HIS A 66 -4.07 8.41 5.41
C HIS A 66 -5.03 7.47 6.14
N GLN A 67 -4.81 6.18 5.93
CA GLN A 67 -5.65 5.17 6.56
C GLN A 67 -5.13 4.85 7.96
N THR A 68 -4.07 4.06 7.99
CA THR A 68 -3.46 3.67 9.25
C THR A 68 -2.05 3.12 9.03
N GLU A 69 -1.27 3.13 10.09
CA GLU A 69 0.10 2.64 10.02
C GLU A 69 0.34 1.59 11.10
N VAL A 70 1.40 0.82 10.90
CA VAL A 70 1.75 -0.23 11.84
C VAL A 70 3.26 -0.23 12.06
N SER A 71 3.72 -1.20 12.84
CA SER A 71 5.14 -1.32 13.13
C SER A 71 5.89 -1.85 11.90
N GLY A 72 7.21 -1.79 11.98
CA GLY A 72 8.05 -2.25 10.89
C GLY A 72 8.40 -3.73 11.07
N THR A 73 7.56 -4.42 11.82
CA THR A 73 7.78 -5.84 12.07
C THR A 73 6.64 -6.66 11.49
N GLN A 74 5.43 -6.09 11.54
CA GLN A 74 4.26 -6.76 11.03
C GLN A 74 4.09 -6.47 9.53
N THR A 75 3.37 -7.35 8.86
CA THR A 75 3.13 -7.20 7.43
C THR A 75 1.65 -7.41 7.12
N THR A 76 0.83 -7.28 8.15
CA THR A 76 -0.60 -7.45 8.00
C THR A 76 -1.37 -6.51 8.92
N ALA A 77 -2.23 -5.69 8.33
CA ALA A 77 -3.02 -4.75 9.09
C ALA A 77 -4.47 -4.81 8.63
N GLN A 78 -5.37 -4.70 9.59
CA GLN A 78 -6.80 -4.73 9.28
C GLN A 78 -7.25 -3.41 8.68
N LEU A 79 -8.06 -3.51 7.65
CA LEU A 79 -8.57 -2.32 6.98
C LEU A 79 -10.07 -2.19 7.25
N ASN A 80 -10.45 -1.04 7.79
CA ASN A 80 -11.84 -0.78 8.10
C ASN A 80 -12.54 -0.20 6.87
N LEU A 81 -13.42 -1.02 6.29
CA LEU A 81 -14.15 -0.61 5.12
C LEU A 81 -15.61 -0.33 5.50
N SER A 82 -16.27 0.46 4.66
CA SER A 82 -17.65 0.82 4.91
C SER A 82 -18.48 0.60 3.63
N PRO A 83 -19.81 0.46 3.82
CA PRO A 83 -20.71 0.26 2.70
C PRO A 83 -20.93 1.56 1.93
N TYR A 84 -21.05 1.41 0.61
CA TYR A 84 -21.26 2.56 -0.26
C TYR A 84 -20.00 3.42 -0.33
N VAL A 85 -18.86 2.74 -0.46
CA VAL A 85 -17.58 3.43 -0.56
C VAL A 85 -16.62 2.58 -1.37
N ASN A 86 -16.04 3.21 -2.38
CA ASN A 86 -15.09 2.53 -3.25
C ASN A 86 -13.73 3.22 -3.16
N TYR A 87 -12.69 2.39 -3.14
CA TYR A 87 -11.33 2.91 -3.06
C TYR A 87 -10.31 1.76 -3.08
N SER A 88 -9.04 2.16 -3.14
CA SER A 88 -7.96 1.18 -3.17
C SER A 88 -7.22 1.19 -1.84
N PHE A 89 -6.19 0.35 -1.77
CA PHE A 89 -5.39 0.26 -0.56
C PHE A 89 -3.90 0.37 -0.88
N ARG A 90 -3.27 1.36 -0.27
CA ARG A 90 -1.85 1.59 -0.48
C ARG A 90 -1.06 1.22 0.76
N VAL A 91 0.23 0.96 0.57
CA VAL A 91 1.10 0.60 1.67
C VAL A 91 2.43 1.33 1.52
N MET A 92 2.82 2.02 2.59
CA MET A 92 4.06 2.76 2.59
C MET A 92 5.00 2.25 3.69
N ALA A 93 6.29 2.54 3.51
CA ALA A 93 7.29 2.12 4.46
C ALA A 93 8.13 3.33 4.88
N VAL A 94 8.34 3.44 6.18
CA VAL A 94 9.12 4.54 6.73
C VAL A 94 10.18 3.99 7.67
N ASN A 95 11.41 4.49 7.51
CA ASN A 95 12.51 4.06 8.33
C ASN A 95 13.27 5.29 8.84
N SER A 96 14.45 5.03 9.40
CA SER A 96 15.28 6.10 9.93
C SER A 96 15.34 7.25 8.92
N ILE A 97 15.54 6.88 7.66
CA ILE A 97 15.62 7.88 6.60
C ILE A 97 14.33 8.69 6.57
N GLY A 98 13.34 8.16 5.86
CA GLY A 98 12.06 8.84 5.75
C GLY A 98 10.98 7.87 5.24
N LYS A 99 9.96 8.46 4.63
CA LYS A 99 8.86 7.67 4.10
C LYS A 99 9.08 7.44 2.59
N SER A 100 8.92 6.20 2.18
CA SER A 100 9.10 5.84 0.78
C SER A 100 7.80 6.10 0.01
N LEU A 101 7.93 6.15 -1.30
CA LEU A 101 6.79 6.39 -2.16
C LEU A 101 5.68 5.39 -1.81
N PRO A 102 4.43 5.74 -2.26
CA PRO A 102 3.29 4.89 -2.00
C PRO A 102 3.31 3.64 -2.88
N SER A 103 2.93 2.52 -2.29
CA SER A 103 2.90 1.26 -3.02
C SER A 103 2.06 1.41 -4.28
N GLU A 104 2.34 0.53 -5.25
CA GLU A 104 1.61 0.55 -6.50
C GLU A 104 0.13 0.80 -6.26
N ALA A 105 -0.60 -0.29 -6.07
CA ALA A 105 -2.03 -0.20 -5.84
C ALA A 105 -2.68 -1.56 -6.08
N SER A 106 -3.26 -2.11 -5.04
CA SER A 106 -3.91 -3.41 -5.13
C SER A 106 -5.33 -3.24 -5.70
N GLU A 107 -5.92 -4.37 -6.04
CA GLU A 107 -7.27 -4.36 -6.60
C GLU A 107 -8.17 -3.44 -5.79
N GLN A 108 -9.19 -2.92 -6.46
CA GLN A 108 -10.13 -2.02 -5.81
C GLN A 108 -11.15 -2.82 -4.99
N TYR A 109 -10.92 -2.84 -3.68
CA TYR A 109 -11.82 -3.56 -2.79
C TYR A 109 -13.09 -2.76 -2.53
N LEU A 110 -14.18 -3.21 -3.15
CA LEU A 110 -15.46 -2.55 -2.99
C LEU A 110 -16.31 -3.32 -1.98
N THR A 111 -16.82 -2.58 -1.01
CA THR A 111 -17.65 -3.18 0.02
C THR A 111 -19.05 -3.46 -0.51
N LYS A 112 -19.93 -3.87 0.40
CA LYS A 112 -21.30 -4.17 0.03
C LYS A 112 -22.06 -2.86 -0.19
N ALA A 113 -22.94 -2.90 -1.19
CA ALA A 113 -23.74 -1.73 -1.51
C ALA A 113 -24.95 -2.16 -2.35
N SER A 114 -25.64 -1.16 -2.88
CA SER A 114 -26.81 -1.41 -3.70
C SER A 114 -26.43 -1.43 -5.18
N GLU A 115 -25.63 -2.43 -5.54
CA GLU A 115 -25.19 -2.57 -6.91
C GLU A 115 -24.35 -3.85 -7.08
N PRO A 116 -24.63 -4.57 -8.19
CA PRO A 116 -23.91 -5.81 -8.46
C PRO A 116 -22.50 -5.51 -8.97
N ASP A 117 -21.91 -6.53 -9.59
CA ASP A 117 -20.56 -6.40 -10.12
C ASP A 117 -19.59 -6.14 -8.97
N LYS A 118 -18.30 -6.29 -9.27
CA LYS A 118 -17.27 -6.08 -8.27
C LYS A 118 -17.08 -4.57 -8.06
N ASN A 119 -16.60 -3.92 -9.12
CA ASN A 119 -16.37 -2.49 -9.06
C ASN A 119 -16.91 -1.84 -10.34
N PRO A 120 -18.18 -1.36 -10.24
CA PRO A 120 -18.82 -0.71 -11.38
C PRO A 120 -18.27 0.70 -11.60
N THR A 121 -18.23 1.09 -12.86
CA THR A 121 -17.71 2.41 -13.22
C THR A 121 -18.34 2.87 -14.54
N SER A 122 -19.67 2.87 -14.56
CA SER A 122 -20.40 3.29 -15.74
C SER A 122 -19.75 4.54 -16.33
N GLY A 123 -20.06 4.79 -17.60
CA GLY A 123 -19.51 5.94 -18.29
C GLY A 123 -18.12 5.64 -18.85
N PRO A 124 -17.75 6.41 -19.91
CA PRO A 124 -16.45 6.24 -20.54
C PRO A 124 -15.34 6.83 -19.67
N SER A 125 -15.65 7.95 -19.03
CA SER A 125 -14.69 8.63 -18.18
C SER A 125 -13.55 9.20 -19.02
N SER A 126 -12.69 8.31 -19.48
CA SER A 126 -11.55 8.71 -20.29
C SER A 126 -12.05 9.37 -21.59
N GLY A 127 -11.25 10.31 -22.07
CA GLY A 127 -11.59 11.01 -23.30
C GLY A 127 -11.27 12.50 -23.18
N GLY A 1 10.83 9.18 -11.10
CA GLY A 1 11.75 9.09 -9.98
C GLY A 1 13.17 8.78 -10.45
N SER A 2 13.80 7.84 -9.76
CA SER A 2 15.16 7.45 -10.09
C SER A 2 16.13 8.59 -9.77
N SER A 3 17.37 8.21 -9.50
CA SER A 3 18.40 9.18 -9.18
C SER A 3 19.75 8.49 -9.08
N GLY A 4 20.79 9.31 -8.97
CA GLY A 4 22.15 8.79 -8.87
C GLY A 4 22.42 8.24 -7.47
N SER A 5 23.69 8.01 -7.19
CA SER A 5 24.10 7.49 -5.89
C SER A 5 25.62 7.51 -5.78
N SER A 6 26.11 8.43 -4.96
CA SER A 6 27.55 8.56 -4.76
C SER A 6 27.83 9.78 -3.88
N GLY A 7 28.83 9.63 -3.02
CA GLY A 7 29.22 10.70 -2.12
C GLY A 7 30.34 10.25 -1.18
N PRO A 8 29.95 9.87 0.05
CA PRO A 8 30.91 9.42 1.05
C PRO A 8 31.39 8.01 0.74
N THR A 9 32.70 7.83 0.83
CA THR A 9 33.32 6.55 0.55
C THR A 9 32.93 5.54 1.64
N PRO A 10 33.18 5.95 2.92
CA PRO A 10 32.86 5.10 4.06
C PRO A 10 31.36 5.06 4.31
N ALA A 11 30.87 3.89 4.66
CA ALA A 11 29.45 3.70 4.94
C ALA A 11 28.69 3.59 3.62
N PRO A 12 27.67 2.69 3.63
CA PRO A 12 26.86 2.47 2.44
C PRO A 12 25.88 3.62 2.23
N VAL A 13 25.24 3.61 1.07
CA VAL A 13 24.27 4.64 0.73
C VAL A 13 22.87 4.17 1.11
N TYR A 14 22.35 4.78 2.17
CA TYR A 14 21.02 4.43 2.65
C TYR A 14 19.94 5.00 1.73
N ASP A 15 18.70 4.89 2.18
CA ASP A 15 17.57 5.38 1.41
C ASP A 15 16.28 4.76 1.94
N VAL A 16 15.21 5.54 1.87
CA VAL A 16 13.91 5.08 2.34
C VAL A 16 13.71 3.61 1.93
N PRO A 17 12.77 2.94 2.64
CA PRO A 17 12.48 1.55 2.36
C PRO A 17 11.67 1.40 1.07
N ASN A 18 12.27 0.72 0.12
CA ASN A 18 11.63 0.50 -1.17
C ASN A 18 10.14 0.21 -0.94
N PRO A 19 9.34 0.43 -2.02
CA PRO A 19 7.91 0.19 -1.94
C PRO A 19 7.60 -1.30 -1.97
N PRO A 20 6.50 -1.68 -1.26
CA PRO A 20 6.08 -3.07 -1.20
C PRO A 20 5.43 -3.51 -2.51
N PHE A 21 5.25 -4.81 -2.64
CA PHE A 21 4.63 -5.36 -3.84
C PHE A 21 3.86 -6.65 -3.51
N ASP A 22 3.24 -7.20 -4.54
CA ASP A 22 2.48 -8.43 -4.38
C ASP A 22 1.29 -8.16 -3.45
N LEU A 23 0.96 -6.89 -3.32
CA LEU A 23 -0.14 -6.48 -2.46
C LEU A 23 -1.36 -7.37 -2.77
N GLU A 24 -2.12 -7.65 -1.72
CA GLU A 24 -3.31 -8.47 -1.87
C GLU A 24 -4.29 -8.20 -0.71
N LEU A 25 -5.49 -8.74 -0.87
CA LEU A 25 -6.52 -8.57 0.14
C LEU A 25 -7.21 -9.90 0.40
N THR A 26 -7.00 -10.42 1.60
CA THR A 26 -7.61 -11.70 1.98
C THR A 26 -7.87 -11.73 3.49
N ASP A 27 -9.09 -12.09 3.83
CA ASP A 27 -9.49 -12.17 5.23
C ASP A 27 -10.47 -13.32 5.41
N GLN A 28 -10.65 -13.72 6.66
CA GLN A 28 -11.55 -14.81 6.98
C GLN A 28 -12.37 -14.46 8.22
N LEU A 29 -13.06 -13.33 8.15
CA LEU A 29 -13.88 -12.87 9.25
C LEU A 29 -14.62 -11.60 8.84
N ASP A 30 -15.93 -11.72 8.71
CA ASP A 30 -16.76 -10.59 8.33
C ASP A 30 -16.78 -9.58 9.48
N LYS A 31 -15.72 -8.78 9.56
CA LYS A 31 -15.63 -7.77 10.60
C LYS A 31 -14.46 -6.82 10.27
N SER A 32 -13.34 -7.42 9.90
CA SER A 32 -12.16 -6.64 9.56
C SER A 32 -11.29 -7.44 8.58
N VAL A 33 -11.03 -6.82 7.44
CA VAL A 33 -10.20 -7.44 6.42
C VAL A 33 -8.73 -7.17 6.71
N GLN A 34 -7.90 -8.14 6.39
CA GLN A 34 -6.46 -8.01 6.61
C GLN A 34 -5.74 -7.72 5.29
N LEU A 35 -4.88 -6.72 5.32
CA LEU A 35 -4.14 -6.34 4.13
C LEU A 35 -2.70 -6.83 4.27
N SER A 36 -2.34 -7.76 3.40
CA SER A 36 -1.00 -8.33 3.41
C SER A 36 -0.14 -7.67 2.33
N TRP A 37 0.97 -7.11 2.78
CA TRP A 37 1.89 -6.43 1.86
C TRP A 37 3.28 -7.05 2.05
N THR A 38 4.13 -6.81 1.06
CA THR A 38 5.49 -7.33 1.11
C THR A 38 6.50 -6.19 0.97
N PRO A 39 7.22 -5.93 2.10
CA PRO A 39 8.23 -4.88 2.12
C PRO A 39 9.48 -5.30 1.37
N GLY A 40 9.70 -4.65 0.23
CA GLY A 40 10.87 -4.96 -0.59
C GLY A 40 12.16 -4.65 0.16
N ASP A 41 13.15 -4.19 -0.59
CA ASP A 41 14.43 -3.85 -0.01
C ASP A 41 14.25 -2.73 1.01
N ASP A 42 15.25 -2.60 1.88
CA ASP A 42 15.22 -1.56 2.90
C ASP A 42 16.28 -0.51 2.60
N ASN A 43 17.23 -0.90 1.76
CA ASN A 43 18.31 0.00 1.39
C ASN A 43 19.10 0.40 2.64
N ASN A 44 19.79 -0.57 3.19
CA ASN A 44 20.58 -0.34 4.39
C ASN A 44 19.65 -0.04 5.57
N SER A 45 18.89 1.03 5.42
CA SER A 45 17.95 1.44 6.45
C SER A 45 16.76 0.49 6.49
N PRO A 46 16.65 -0.24 7.64
CA PRO A 46 15.56 -1.18 7.81
C PRO A 46 14.24 -0.47 8.07
N ILE A 47 13.15 -1.16 7.78
CA ILE A 47 11.82 -0.60 7.98
C ILE A 47 11.54 -0.50 9.49
N THR A 48 10.71 0.47 9.84
CA THR A 48 10.35 0.68 11.23
C THR A 48 8.83 0.77 11.37
N LYS A 49 8.20 1.38 10.38
CA LYS A 49 6.76 1.52 10.38
C LYS A 49 6.23 1.40 8.95
N PHE A 50 4.94 1.11 8.85
CA PHE A 50 4.31 0.96 7.55
C PHE A 50 2.97 1.71 7.52
N ILE A 51 2.95 2.80 6.76
CA ILE A 51 1.75 3.61 6.64
C ILE A 51 0.91 3.07 5.48
N ILE A 52 -0.39 3.37 5.53
CA ILE A 52 -1.31 2.93 4.50
C ILE A 52 -2.15 4.12 4.04
N GLU A 53 -2.62 4.02 2.80
CA GLU A 53 -3.44 5.07 2.23
C GLU A 53 -4.50 4.48 1.30
N TYR A 54 -5.49 5.29 0.99
CA TYR A 54 -6.57 4.86 0.11
C TYR A 54 -7.20 6.05 -0.61
N GLU A 55 -7.84 5.75 -1.74
CA GLU A 55 -8.49 6.79 -2.53
C GLU A 55 -9.93 6.37 -2.87
N ASP A 56 -10.83 7.33 -2.75
CA ASP A 56 -12.22 7.08 -3.04
C ASP A 56 -12.48 7.32 -4.54
N ALA A 57 -12.45 6.22 -5.28
CA ALA A 57 -12.68 6.30 -6.71
C ALA A 57 -14.17 6.50 -6.98
N MET A 58 -14.97 6.19 -5.97
CA MET A 58 -16.40 6.34 -6.08
C MET A 58 -16.83 7.79 -5.83
N HIS A 59 -15.86 8.60 -5.44
CA HIS A 59 -16.12 10.00 -5.16
C HIS A 59 -14.99 10.85 -5.76
N LYS A 60 -13.82 10.75 -5.15
CA LYS A 60 -12.67 11.52 -5.62
C LYS A 60 -11.51 10.55 -5.87
N PRO A 61 -11.39 10.13 -7.15
CA PRO A 61 -10.33 9.22 -7.55
C PRO A 61 -8.98 9.93 -7.61
N GLY A 62 -7.96 9.28 -7.08
CA GLY A 62 -6.62 9.84 -7.09
C GLY A 62 -6.32 10.52 -5.74
N LEU A 63 -7.38 10.79 -4.99
CA LEU A 63 -7.24 11.43 -3.70
C LEU A 63 -6.91 10.37 -2.64
N TRP A 64 -5.62 10.24 -2.39
CA TRP A 64 -5.15 9.27 -1.40
C TRP A 64 -5.12 9.97 -0.03
N HIS A 65 -5.54 9.23 0.97
CA HIS A 65 -5.57 9.74 2.33
C HIS A 65 -4.79 8.82 3.25
N HIS A 66 -4.73 9.20 4.52
CA HIS A 66 -4.02 8.42 5.51
C HIS A 66 -5.00 7.49 6.24
N GLN A 67 -4.80 6.20 6.03
CA GLN A 67 -5.66 5.21 6.65
C GLN A 67 -5.13 4.84 8.03
N THR A 68 -4.08 4.04 8.04
CA THR A 68 -3.46 3.61 9.28
C THR A 68 -2.05 3.09 9.03
N GLU A 69 -1.27 3.05 10.11
CA GLU A 69 0.11 2.58 10.02
C GLU A 69 0.36 1.49 11.06
N VAL A 70 1.46 0.78 10.87
CA VAL A 70 1.83 -0.29 11.78
C VAL A 70 3.35 -0.28 11.99
N SER A 71 3.82 -1.26 12.73
CA SER A 71 5.24 -1.39 13.00
C SER A 71 5.96 -1.98 11.80
N GLY A 72 7.28 -1.90 11.83
CA GLY A 72 8.09 -2.43 10.75
C GLY A 72 8.43 -3.91 10.98
N THR A 73 7.66 -4.52 11.86
CA THR A 73 7.85 -5.93 12.19
C THR A 73 6.71 -6.77 11.62
N GLN A 74 5.55 -6.13 11.49
CA GLN A 74 4.38 -6.80 10.98
C GLN A 74 4.20 -6.51 9.48
N THR A 75 3.31 -7.27 8.86
CA THR A 75 3.05 -7.11 7.44
C THR A 75 1.56 -7.31 7.15
N THR A 76 0.77 -7.28 8.21
CA THR A 76 -0.67 -7.47 8.08
C THR A 76 -1.40 -6.49 9.00
N ALA A 77 -2.27 -5.70 8.37
CA ALA A 77 -3.04 -4.71 9.11
C ALA A 77 -4.53 -4.84 8.73
N GLN A 78 -5.38 -4.65 9.71
CA GLN A 78 -6.81 -4.74 9.50
C GLN A 78 -7.34 -3.45 8.86
N LEU A 79 -8.15 -3.63 7.83
CA LEU A 79 -8.72 -2.50 7.12
C LEU A 79 -10.24 -2.49 7.32
N ASN A 80 -10.72 -1.43 7.95
CA ASN A 80 -12.14 -1.29 8.22
C ASN A 80 -12.83 -0.77 6.96
N LEU A 81 -13.58 -1.66 6.32
CA LEU A 81 -14.30 -1.30 5.11
C LEU A 81 -15.76 -1.00 5.45
N SER A 82 -16.37 -0.17 4.63
CA SER A 82 -17.76 0.20 4.83
C SER A 82 -18.55 0.03 3.53
N PRO A 83 -19.89 -0.05 3.68
CA PRO A 83 -20.77 -0.22 2.54
C PRO A 83 -20.91 1.09 1.76
N TYR A 84 -21.04 0.96 0.44
CA TYR A 84 -21.17 2.11 -0.42
C TYR A 84 -19.93 3.00 -0.35
N VAL A 85 -18.86 2.50 -0.94
CA VAL A 85 -17.61 3.23 -0.96
C VAL A 85 -16.53 2.38 -1.62
N ASN A 86 -16.10 2.83 -2.80
CA ASN A 86 -15.08 2.12 -3.55
C ASN A 86 -13.76 2.91 -3.48
N TYR A 87 -12.70 2.17 -3.17
CA TYR A 87 -11.39 2.78 -3.07
C TYR A 87 -10.28 1.72 -3.11
N SER A 88 -9.05 2.19 -3.22
CA SER A 88 -7.90 1.30 -3.27
C SER A 88 -7.17 1.31 -1.93
N PHE A 89 -6.10 0.54 -1.88
CA PHE A 89 -5.30 0.46 -0.68
C PHE A 89 -3.80 0.59 -0.99
N ARG A 90 -3.16 1.52 -0.29
CA ARG A 90 -1.75 1.76 -0.49
C ARG A 90 -0.94 1.27 0.72
N VAL A 91 0.37 1.32 0.58
CA VAL A 91 1.25 0.89 1.65
C VAL A 91 2.58 1.62 1.54
N MET A 92 2.91 2.34 2.61
CA MET A 92 4.16 3.10 2.65
C MET A 92 5.08 2.59 3.76
N ALA A 93 6.38 2.72 3.52
CA ALA A 93 7.37 2.28 4.49
C ALA A 93 8.22 3.47 4.92
N VAL A 94 8.49 3.53 6.21
CA VAL A 94 9.29 4.62 6.76
C VAL A 94 10.40 4.03 7.64
N ASN A 95 11.61 4.49 7.38
CA ASN A 95 12.77 4.02 8.15
C ASN A 95 13.56 5.22 8.64
N SER A 96 14.71 4.93 9.26
CA SER A 96 15.57 5.97 9.78
C SER A 96 15.62 7.14 8.80
N ILE A 97 15.82 6.82 7.54
CA ILE A 97 15.88 7.84 6.50
C ILE A 97 14.58 8.63 6.48
N GLY A 98 13.60 8.09 5.78
CA GLY A 98 12.29 8.74 5.68
C GLY A 98 11.24 7.76 5.15
N LYS A 99 10.18 8.33 4.59
CA LYS A 99 9.10 7.54 4.04
C LYS A 99 9.33 7.34 2.54
N SER A 100 9.19 6.09 2.11
CA SER A 100 9.38 5.76 0.71
C SER A 100 8.08 6.02 -0.07
N LEU A 101 8.15 5.80 -1.37
CA LEU A 101 7.01 6.00 -2.24
C LEU A 101 5.91 5.01 -1.86
N PRO A 102 4.66 5.34 -2.28
CA PRO A 102 3.51 4.48 -1.99
C PRO A 102 3.52 3.24 -2.89
N SER A 103 3.13 2.13 -2.31
CA SER A 103 3.08 0.87 -3.05
C SER A 103 2.27 1.05 -4.33
N GLU A 104 2.58 0.20 -5.31
CA GLU A 104 1.89 0.26 -6.59
C GLU A 104 0.42 0.62 -6.39
N ALA A 105 -0.36 -0.39 -6.01
CA ALA A 105 -1.77 -0.19 -5.78
C ALA A 105 -2.49 -1.54 -5.89
N SER A 106 -3.04 -1.97 -4.76
CA SER A 106 -3.75 -3.24 -4.71
C SER A 106 -5.10 -3.10 -5.41
N GLU A 107 -5.73 -4.25 -5.65
CA GLU A 107 -7.02 -4.27 -6.31
C GLU A 107 -8.01 -3.33 -5.60
N GLN A 108 -8.96 -2.84 -6.37
CA GLN A 108 -9.96 -1.93 -5.82
C GLN A 108 -11.03 -2.73 -5.06
N TYR A 109 -10.89 -2.74 -3.74
CA TYR A 109 -11.84 -3.44 -2.89
C TYR A 109 -13.13 -2.64 -2.73
N LEU A 110 -14.18 -3.14 -3.37
CA LEU A 110 -15.47 -2.48 -3.29
C LEU A 110 -16.46 -3.37 -2.54
N THR A 111 -16.94 -2.86 -1.43
CA THR A 111 -17.89 -3.60 -0.61
C THR A 111 -19.27 -3.60 -1.26
N LYS A 112 -20.14 -4.45 -0.74
CA LYS A 112 -21.50 -4.56 -1.25
C LYS A 112 -22.19 -3.20 -1.14
N ALA A 113 -23.16 -2.99 -2.02
CA ALA A 113 -23.91 -1.74 -2.02
C ALA A 113 -24.80 -1.69 -3.26
N SER A 114 -26.07 -1.42 -3.03
CA SER A 114 -27.04 -1.35 -4.11
C SER A 114 -26.79 -0.08 -4.94
N GLU A 115 -25.73 -0.12 -5.72
CA GLU A 115 -25.38 1.02 -6.56
C GLU A 115 -24.02 0.78 -7.23
N PRO A 116 -24.05 0.69 -8.58
CA PRO A 116 -22.83 0.46 -9.34
C PRO A 116 -22.00 1.74 -9.43
N ASP A 117 -20.73 1.56 -9.75
CA ASP A 117 -19.82 2.68 -9.86
C ASP A 117 -18.41 2.17 -10.15
N LYS A 118 -18.24 1.63 -11.35
CA LYS A 118 -16.95 1.10 -11.76
C LYS A 118 -16.45 0.11 -10.70
N ASN A 119 -17.25 -0.91 -10.46
CA ASN A 119 -16.90 -1.92 -9.49
C ASN A 119 -16.43 -3.18 -10.21
N PRO A 120 -15.64 -4.00 -9.47
CA PRO A 120 -15.10 -5.24 -10.02
C PRO A 120 -16.20 -6.31 -10.12
N THR A 121 -16.91 -6.48 -9.01
CA THR A 121 -17.98 -7.46 -8.95
C THR A 121 -19.16 -7.01 -9.81
N SER A 122 -19.73 -7.96 -10.54
CA SER A 122 -20.86 -7.68 -11.39
C SER A 122 -22.14 -8.25 -10.77
N GLY A 123 -22.84 -7.39 -10.05
CA GLY A 123 -24.08 -7.78 -9.40
C GLY A 123 -23.87 -9.06 -8.57
N PRO A 124 -25.00 -9.76 -8.30
CA PRO A 124 -24.96 -10.99 -7.53
C PRO A 124 -24.41 -12.14 -8.36
N SER A 125 -23.08 -12.22 -8.39
CA SER A 125 -22.41 -13.26 -9.14
C SER A 125 -21.73 -14.25 -8.18
N SER A 126 -20.86 -13.71 -7.36
CA SER A 126 -20.13 -14.53 -6.39
C SER A 126 -20.27 -13.91 -4.99
N GLY A 127 -21.02 -14.60 -4.14
CA GLY A 127 -21.24 -14.15 -2.78
C GLY A 127 -20.24 -14.79 -1.82
N GLY A 1 20.83 4.93 -13.93
CA GLY A 1 22.20 4.86 -13.44
C GLY A 1 23.13 4.25 -14.50
N SER A 2 24.12 5.04 -14.87
CA SER A 2 25.09 4.60 -15.87
C SER A 2 26.43 5.30 -15.65
N SER A 3 27.49 4.51 -15.74
CA SER A 3 28.84 5.05 -15.55
C SER A 3 29.00 5.55 -14.11
N GLY A 4 30.20 5.39 -13.60
CA GLY A 4 30.51 5.82 -12.25
C GLY A 4 31.74 5.09 -11.70
N SER A 5 32.63 5.87 -11.09
CA SER A 5 33.84 5.30 -10.52
C SER A 5 33.57 4.77 -9.12
N SER A 6 34.53 4.03 -8.60
CA SER A 6 34.40 3.45 -7.27
C SER A 6 35.75 3.52 -6.55
N GLY A 7 35.68 3.96 -5.30
CA GLY A 7 36.88 4.06 -4.48
C GLY A 7 36.54 3.92 -3.00
N PRO A 8 37.16 4.82 -2.17
CA PRO A 8 36.93 4.79 -0.73
C PRO A 8 35.56 5.36 -0.39
N THR A 9 34.63 4.46 -0.14
CA THR A 9 33.27 4.85 0.21
C THR A 9 32.73 3.98 1.35
N PRO A 10 32.98 4.46 2.60
CA PRO A 10 32.53 3.73 3.78
C PRO A 10 31.01 3.89 3.97
N ALA A 11 30.57 5.14 3.89
CA ALA A 11 29.16 5.44 4.05
C ALA A 11 28.36 4.75 2.93
N PRO A 12 27.27 4.05 3.35
CA PRO A 12 26.43 3.35 2.40
C PRO A 12 25.54 4.34 1.62
N VAL A 13 24.55 3.78 0.95
CA VAL A 13 23.63 4.59 0.16
C VAL A 13 22.19 4.17 0.48
N TYR A 14 21.48 5.08 1.13
CA TYR A 14 20.10 4.83 1.50
C TYR A 14 19.14 5.40 0.46
N ASP A 15 17.87 5.47 0.83
CA ASP A 15 16.85 5.99 -0.06
C ASP A 15 15.49 5.42 0.34
N VAL A 16 15.17 5.57 1.63
CA VAL A 16 13.91 5.08 2.14
C VAL A 16 13.72 3.62 1.71
N PRO A 17 12.81 2.92 2.43
CA PRO A 17 12.53 1.52 2.13
C PRO A 17 11.67 1.39 0.87
N ASN A 18 12.21 0.67 -0.11
CA ASN A 18 11.50 0.47 -1.36
C ASN A 18 10.04 0.15 -1.07
N PRO A 19 9.19 0.36 -2.11
CA PRO A 19 7.77 0.10 -1.98
C PRO A 19 7.47 -1.40 -2.00
N PRO A 20 6.37 -1.78 -1.30
CA PRO A 20 5.97 -3.19 -1.23
C PRO A 20 5.34 -3.64 -2.56
N PHE A 21 5.14 -4.94 -2.66
CA PHE A 21 4.54 -5.52 -3.85
C PHE A 21 3.77 -6.79 -3.52
N ASP A 22 3.26 -7.42 -4.57
CA ASP A 22 2.50 -8.65 -4.41
C ASP A 22 1.35 -8.41 -3.43
N LEU A 23 1.01 -7.14 -3.27
CA LEU A 23 -0.07 -6.75 -2.37
C LEU A 23 -1.24 -7.73 -2.55
N GLU A 24 -1.98 -7.91 -1.47
CA GLU A 24 -3.12 -8.81 -1.48
C GLU A 24 -4.15 -8.37 -0.43
N LEU A 25 -5.35 -8.95 -0.55
CA LEU A 25 -6.41 -8.63 0.38
C LEU A 25 -7.07 -9.94 0.85
N THR A 26 -6.76 -10.31 2.09
CA THR A 26 -7.30 -11.52 2.66
C THR A 26 -7.60 -11.32 4.16
N ASP A 27 -8.73 -11.85 4.59
CA ASP A 27 -9.14 -11.73 5.97
C ASP A 27 -9.89 -13.00 6.38
N GLN A 28 -10.49 -12.94 7.56
CA GLN A 28 -11.24 -14.06 8.09
C GLN A 28 -11.77 -13.75 9.49
N LEU A 29 -12.20 -12.51 9.65
CA LEU A 29 -12.75 -12.07 10.93
C LEU A 29 -14.26 -11.88 10.80
N ASP A 30 -14.62 -10.77 10.16
CA ASP A 30 -16.03 -10.46 9.97
C ASP A 30 -16.15 -9.05 9.37
N LYS A 31 -15.86 -8.07 10.20
CA LYS A 31 -15.94 -6.68 9.78
C LYS A 31 -14.56 -6.03 9.93
N SER A 32 -13.58 -6.64 9.30
CA SER A 32 -12.22 -6.13 9.36
C SER A 32 -11.32 -6.91 8.39
N VAL A 33 -11.13 -6.33 7.21
CA VAL A 33 -10.32 -6.96 6.19
C VAL A 33 -8.84 -6.65 6.47
N GLN A 34 -8.01 -7.65 6.25
CA GLN A 34 -6.58 -7.52 6.47
C GLN A 34 -5.85 -7.32 5.13
N LEU A 35 -5.01 -6.31 5.10
CA LEU A 35 -4.24 -6.01 3.89
C LEU A 35 -2.82 -6.58 4.04
N SER A 36 -2.50 -7.52 3.17
CA SER A 36 -1.18 -8.13 3.20
C SER A 36 -0.27 -7.47 2.17
N TRP A 37 0.87 -7.00 2.65
CA TRP A 37 1.83 -6.33 1.78
C TRP A 37 3.19 -7.01 1.99
N THR A 38 4.08 -6.78 1.03
CA THR A 38 5.41 -7.35 1.09
C THR A 38 6.47 -6.26 1.05
N PRO A 39 7.16 -6.07 2.21
CA PRO A 39 8.20 -5.06 2.30
C PRO A 39 9.47 -5.50 1.57
N GLY A 40 9.74 -4.84 0.45
CA GLY A 40 10.91 -5.15 -0.34
C GLY A 40 12.20 -4.73 0.39
N ASP A 41 13.13 -4.21 -0.39
CA ASP A 41 14.40 -3.77 0.16
C ASP A 41 14.15 -2.67 1.19
N ASP A 42 15.14 -2.46 2.03
CA ASP A 42 15.04 -1.44 3.07
C ASP A 42 16.02 -0.30 2.75
N ASN A 43 16.95 -0.59 1.85
CA ASN A 43 17.94 0.40 1.46
C ASN A 43 18.75 0.82 2.68
N ASN A 44 19.55 -0.11 3.17
CA ASN A 44 20.39 0.15 4.34
C ASN A 44 19.49 0.34 5.56
N SER A 45 18.68 1.39 5.50
CA SER A 45 17.77 1.70 6.58
C SER A 45 16.64 0.66 6.64
N PRO A 46 16.60 -0.09 7.77
CA PRO A 46 15.58 -1.11 7.96
C PRO A 46 14.22 -0.48 8.29
N ILE A 47 13.19 -1.02 7.66
CA ILE A 47 11.84 -0.51 7.87
C ILE A 47 11.58 -0.40 9.38
N THR A 48 10.86 0.66 9.73
CA THR A 48 10.52 0.89 11.13
C THR A 48 9.01 0.96 11.31
N LYS A 49 8.35 1.50 10.30
CA LYS A 49 6.90 1.63 10.33
C LYS A 49 6.35 1.45 8.92
N PHE A 50 5.06 1.11 8.86
CA PHE A 50 4.40 0.90 7.59
C PHE A 50 3.04 1.59 7.56
N ILE A 51 3.00 2.73 6.89
CA ILE A 51 1.77 3.49 6.78
C ILE A 51 0.98 3.02 5.56
N ILE A 52 -0.32 3.25 5.60
CA ILE A 52 -1.19 2.85 4.50
C ILE A 52 -2.11 4.02 4.15
N GLU A 53 -2.65 3.95 2.94
CA GLU A 53 -3.55 4.99 2.46
C GLU A 53 -4.52 4.42 1.42
N TYR A 54 -5.55 5.21 1.13
CA TYR A 54 -6.56 4.79 0.16
C TYR A 54 -7.15 6.00 -0.55
N GLU A 55 -7.60 5.77 -1.78
CA GLU A 55 -8.19 6.82 -2.58
C GLU A 55 -9.63 6.46 -2.94
N ASP A 56 -10.50 7.45 -2.82
CA ASP A 56 -11.90 7.25 -3.13
C ASP A 56 -12.11 7.38 -4.64
N ALA A 57 -12.17 6.23 -5.30
CA ALA A 57 -12.37 6.21 -6.74
C ALA A 57 -13.87 6.21 -7.05
N MET A 58 -14.65 6.55 -6.03
CA MET A 58 -16.09 6.59 -6.18
C MET A 58 -16.59 8.04 -6.32
N HIS A 59 -15.79 8.95 -5.79
CA HIS A 59 -16.13 10.36 -5.85
C HIS A 59 -14.91 11.17 -6.30
N LYS A 60 -13.90 11.19 -5.43
CA LYS A 60 -12.68 11.92 -5.70
C LYS A 60 -11.53 10.92 -5.82
N PRO A 61 -11.28 10.48 -7.09
CA PRO A 61 -10.20 9.54 -7.35
C PRO A 61 -8.84 10.22 -7.30
N GLY A 62 -7.88 9.52 -6.73
CA GLY A 62 -6.54 10.04 -6.61
C GLY A 62 -6.30 10.63 -5.21
N LEU A 63 -7.39 11.09 -4.62
CA LEU A 63 -7.32 11.69 -3.30
C LEU A 63 -7.05 10.59 -2.26
N TRP A 64 -5.79 10.45 -1.90
CA TRP A 64 -5.38 9.45 -0.93
C TRP A 64 -5.59 10.03 0.47
N HIS A 65 -5.92 9.15 1.41
CA HIS A 65 -6.16 9.56 2.77
C HIS A 65 -5.38 8.65 3.73
N HIS A 66 -5.20 9.14 4.94
CA HIS A 66 -4.48 8.38 5.96
C HIS A 66 -5.37 7.25 6.49
N GLN A 67 -4.90 6.03 6.31
CA GLN A 67 -5.64 4.87 6.76
C GLN A 67 -5.14 4.43 8.14
N THR A 68 -3.98 3.77 8.13
CA THR A 68 -3.39 3.29 9.37
C THR A 68 -1.95 2.85 9.12
N GLU A 69 -1.24 2.60 10.22
CA GLU A 69 0.14 2.17 10.14
C GLU A 69 0.44 1.12 11.22
N VAL A 70 1.57 0.46 11.06
CA VAL A 70 1.98 -0.56 12.00
C VAL A 70 3.49 -0.49 12.21
N SER A 71 4.00 -1.43 12.99
CA SER A 71 5.42 -1.49 13.28
C SER A 71 6.19 -1.80 11.99
N GLY A 72 7.52 -1.73 12.10
CA GLY A 72 8.38 -2.03 10.96
C GLY A 72 8.65 -3.52 10.85
N THR A 73 7.83 -4.29 11.54
CA THR A 73 7.98 -5.74 11.52
C THR A 73 6.66 -6.41 11.13
N GLN A 74 5.66 -5.57 10.93
CA GLN A 74 4.34 -6.06 10.54
C GLN A 74 4.22 -6.13 9.02
N THR A 75 3.21 -6.86 8.57
CA THR A 75 2.97 -7.02 7.15
C THR A 75 1.49 -7.27 6.87
N THR A 76 0.68 -6.93 7.87
CA THR A 76 -0.76 -7.11 7.75
C THR A 76 -1.50 -6.15 8.68
N ALA A 77 -2.38 -5.35 8.09
CA ALA A 77 -3.15 -4.39 8.86
C ALA A 77 -4.61 -4.46 8.43
N GLN A 78 -5.49 -4.25 9.41
CA GLN A 78 -6.92 -4.28 9.15
C GLN A 78 -7.38 -2.99 8.48
N LEU A 79 -8.03 -3.15 7.34
CA LEU A 79 -8.53 -2.01 6.59
C LEU A 79 -10.03 -1.85 6.84
N ASN A 80 -10.39 -0.68 7.34
CA ASN A 80 -11.79 -0.38 7.63
C ASN A 80 -12.49 0.07 6.34
N LEU A 81 -13.35 -0.79 5.85
CA LEU A 81 -14.09 -0.50 4.62
C LEU A 81 -15.54 -0.14 4.99
N SER A 82 -16.13 0.69 4.14
CA SER A 82 -17.50 1.11 4.36
C SER A 82 -18.35 0.79 3.12
N PRO A 83 -19.69 0.74 3.34
CA PRO A 83 -20.62 0.44 2.26
C PRO A 83 -20.78 1.66 1.34
N TYR A 84 -20.87 1.36 0.05
CA TYR A 84 -21.03 2.40 -0.94
C TYR A 84 -19.80 3.32 -0.98
N VAL A 85 -18.64 2.70 -0.80
CA VAL A 85 -17.39 3.44 -0.81
C VAL A 85 -16.31 2.61 -1.51
N ASN A 86 -15.94 3.07 -2.69
CA ASN A 86 -14.93 2.38 -3.48
C ASN A 86 -13.59 3.12 -3.34
N TYR A 87 -12.51 2.33 -3.34
CA TYR A 87 -11.18 2.90 -3.21
C TYR A 87 -10.12 1.80 -3.25
N SER A 88 -8.87 2.24 -3.27
CA SER A 88 -7.76 1.30 -3.31
C SER A 88 -6.99 1.35 -1.97
N PHE A 89 -5.92 0.56 -1.92
CA PHE A 89 -5.11 0.50 -0.72
C PHE A 89 -3.62 0.52 -1.07
N ARG A 90 -2.93 1.51 -0.52
CA ARG A 90 -1.51 1.65 -0.78
C ARG A 90 -0.73 1.55 0.54
N VAL A 91 0.34 0.77 0.50
CA VAL A 91 1.18 0.58 1.68
C VAL A 91 2.47 1.39 1.52
N MET A 92 2.91 1.94 2.64
CA MET A 92 4.13 2.74 2.64
C MET A 92 5.12 2.23 3.68
N ALA A 93 6.40 2.51 3.43
CA ALA A 93 7.45 2.09 4.34
C ALA A 93 8.27 3.30 4.77
N VAL A 94 8.36 3.48 6.08
CA VAL A 94 9.11 4.61 6.63
C VAL A 94 10.26 4.07 7.49
N ASN A 95 11.42 4.66 7.28
CA ASN A 95 12.61 4.25 8.02
C ASN A 95 13.31 5.50 8.57
N SER A 96 14.53 5.29 9.03
CA SER A 96 15.32 6.38 9.58
C SER A 96 15.43 7.52 8.55
N ILE A 97 15.48 7.12 7.29
CA ILE A 97 15.58 8.09 6.20
C ILE A 97 14.29 8.89 6.13
N GLY A 98 13.26 8.26 5.58
CA GLY A 98 11.97 8.90 5.44
C GLY A 98 10.90 7.90 4.99
N LYS A 99 9.83 8.44 4.43
CA LYS A 99 8.73 7.60 3.96
C LYS A 99 8.89 7.37 2.46
N SER A 100 8.92 6.09 2.09
CA SER A 100 9.07 5.73 0.69
C SER A 100 7.74 5.96 -0.05
N LEU A 101 7.79 5.75 -1.35
CA LEU A 101 6.61 5.93 -2.18
C LEU A 101 5.55 4.89 -1.81
N PRO A 102 4.28 5.21 -2.15
CA PRO A 102 3.17 4.32 -1.85
C PRO A 102 3.17 3.12 -2.80
N SER A 103 2.82 1.96 -2.25
CA SER A 103 2.78 0.74 -3.02
C SER A 103 2.03 0.99 -4.34
N GLU A 104 2.40 0.21 -5.34
CA GLU A 104 1.77 0.34 -6.65
C GLU A 104 0.29 0.71 -6.50
N ALA A 105 -0.51 -0.29 -6.17
CA ALA A 105 -1.94 -0.09 -5.99
C ALA A 105 -2.65 -1.44 -6.04
N SER A 106 -3.03 -1.92 -4.87
CA SER A 106 -3.73 -3.19 -4.77
C SER A 106 -4.96 -3.19 -5.68
N GLU A 107 -5.73 -4.26 -5.57
CA GLU A 107 -6.94 -4.40 -6.37
C GLU A 107 -8.04 -3.50 -5.82
N GLN A 108 -9.06 -3.28 -6.65
CA GLN A 108 -10.18 -2.45 -6.26
C GLN A 108 -11.21 -3.27 -5.48
N TYR A 109 -11.10 -3.18 -4.16
CA TYR A 109 -12.02 -3.91 -3.29
C TYR A 109 -13.28 -3.10 -3.02
N LEU A 110 -14.38 -3.55 -3.61
CA LEU A 110 -15.65 -2.88 -3.45
C LEU A 110 -16.56 -3.73 -2.55
N THR A 111 -16.73 -3.25 -1.32
CA THR A 111 -17.57 -3.96 -0.36
C THR A 111 -19.01 -4.04 -0.87
N LYS A 112 -19.81 -4.81 -0.14
CA LYS A 112 -21.21 -4.99 -0.52
C LYS A 112 -22.10 -4.34 0.55
N ALA A 113 -23.22 -3.81 0.10
CA ALA A 113 -24.16 -3.16 1.01
C ALA A 113 -25.58 -3.66 0.70
N SER A 114 -25.71 -4.97 0.62
CA SER A 114 -27.00 -5.58 0.32
C SER A 114 -27.44 -5.22 -1.10
N GLU A 115 -26.55 -5.51 -2.05
CA GLU A 115 -26.82 -5.23 -3.44
C GLU A 115 -25.57 -5.50 -4.30
N PRO A 116 -25.76 -6.32 -5.36
CA PRO A 116 -24.67 -6.66 -6.25
C PRO A 116 -24.34 -5.49 -7.18
N ASP A 117 -23.17 -5.59 -7.80
CA ASP A 117 -22.73 -4.54 -8.71
C ASP A 117 -21.24 -4.71 -8.98
N LYS A 118 -20.87 -4.56 -10.25
CA LYS A 118 -19.48 -4.69 -10.65
C LYS A 118 -18.84 -3.31 -10.72
N ASN A 119 -18.56 -2.76 -9.55
CA ASN A 119 -17.95 -1.44 -9.46
C ASN A 119 -18.86 -0.42 -10.15
N PRO A 120 -18.61 0.88 -9.81
CA PRO A 120 -19.39 1.96 -10.38
C PRO A 120 -18.99 2.23 -11.83
N THR A 121 -19.91 1.92 -12.73
CA THR A 121 -19.66 2.12 -14.15
C THR A 121 -18.97 3.47 -14.39
N SER A 122 -18.00 3.44 -15.29
CA SER A 122 -17.25 4.64 -15.62
C SER A 122 -16.41 5.08 -14.40
N GLY A 123 -15.16 4.68 -14.42
CA GLY A 123 -14.25 5.03 -13.34
C GLY A 123 -12.79 4.95 -13.79
N PRO A 124 -11.94 5.79 -13.12
CA PRO A 124 -10.52 5.82 -13.46
C PRO A 124 -9.80 4.59 -12.91
N SER A 125 -9.31 3.78 -13.83
CA SER A 125 -8.59 2.56 -13.46
C SER A 125 -8.13 1.82 -14.72
N SER A 126 -7.19 0.92 -14.52
CA SER A 126 -6.66 0.13 -15.61
C SER A 126 -7.77 -0.69 -16.26
N GLY A 127 -7.44 -1.31 -17.39
CA GLY A 127 -8.40 -2.11 -18.11
C GLY A 127 -7.69 -3.10 -19.04
N GLY A 1 17.58 7.41 -16.86
CA GLY A 1 18.56 7.37 -15.78
C GLY A 1 19.89 6.81 -16.28
N SER A 2 20.97 7.41 -15.79
CA SER A 2 22.30 6.98 -16.18
C SER A 2 23.32 7.42 -15.13
N SER A 3 24.06 6.45 -14.62
CA SER A 3 25.07 6.73 -13.60
C SER A 3 25.76 5.43 -13.19
N GLY A 4 26.99 5.58 -12.72
CA GLY A 4 27.77 4.43 -12.29
C GLY A 4 29.06 4.87 -11.59
N SER A 5 29.26 4.33 -10.40
CA SER A 5 30.44 4.66 -9.62
C SER A 5 30.55 3.73 -8.41
N SER A 6 31.55 2.87 -8.45
CA SER A 6 31.78 1.92 -7.36
C SER A 6 33.27 1.64 -7.22
N GLY A 7 33.78 1.93 -6.03
CA GLY A 7 35.18 1.72 -5.74
C GLY A 7 35.45 1.76 -4.23
N PRO A 8 36.64 2.32 -3.87
CA PRO A 8 37.02 2.43 -2.48
C PRO A 8 36.23 3.54 -1.78
N THR A 9 34.97 3.25 -1.50
CA THR A 9 34.11 4.21 -0.83
C THR A 9 33.40 3.56 0.35
N PRO A 10 34.06 3.66 1.54
CA PRO A 10 33.50 3.09 2.76
C PRO A 10 32.35 3.94 3.28
N ALA A 11 31.16 3.63 2.80
CA ALA A 11 29.97 4.36 3.21
C ALA A 11 28.73 3.73 2.55
N PRO A 12 27.64 3.63 3.35
CA PRO A 12 26.40 3.06 2.86
C PRO A 12 25.68 4.05 1.94
N VAL A 13 24.65 3.54 1.27
CA VAL A 13 23.87 4.37 0.36
C VAL A 13 22.38 4.08 0.58
N TYR A 14 21.81 4.79 1.53
CA TYR A 14 20.40 4.63 1.85
C TYR A 14 19.51 5.25 0.77
N ASP A 15 18.21 5.20 1.00
CA ASP A 15 17.26 5.75 0.06
C ASP A 15 15.86 5.26 0.41
N VAL A 16 15.51 5.42 1.68
CA VAL A 16 14.20 4.99 2.16
C VAL A 16 13.95 3.55 1.71
N PRO A 17 12.97 2.90 2.40
CA PRO A 17 12.62 1.52 2.09
C PRO A 17 11.80 1.46 0.80
N ASN A 18 12.31 0.67 -0.14
CA ASN A 18 11.64 0.51 -1.41
C ASN A 18 10.15 0.26 -1.18
N PRO A 19 9.35 0.43 -2.27
CA PRO A 19 7.92 0.24 -2.19
C PRO A 19 7.57 -1.25 -2.13
N PRO A 20 6.46 -1.56 -1.41
CA PRO A 20 6.02 -2.94 -1.27
C PRO A 20 5.36 -3.44 -2.55
N PHE A 21 5.02 -4.71 -2.54
CA PHE A 21 4.40 -5.33 -3.70
C PHE A 21 3.50 -6.50 -3.28
N ASP A 22 2.81 -7.07 -4.27
CA ASP A 22 1.93 -8.18 -4.02
C ASP A 22 0.78 -7.73 -3.11
N LEU A 23 0.62 -6.42 -3.03
CA LEU A 23 -0.43 -5.84 -2.22
C LEU A 23 -1.76 -6.51 -2.55
N GLU A 24 -2.45 -6.96 -1.50
CA GLU A 24 -3.73 -7.62 -1.68
C GLU A 24 -4.50 -7.63 -0.36
N LEU A 25 -5.82 -7.67 -0.48
CA LEU A 25 -6.68 -7.69 0.69
C LEU A 25 -7.11 -9.13 1.00
N THR A 26 -6.47 -9.69 2.01
CA THR A 26 -6.77 -11.06 2.40
C THR A 26 -7.39 -11.09 3.80
N ASP A 27 -8.64 -11.55 3.85
CA ASP A 27 -9.35 -11.63 5.11
C ASP A 27 -10.16 -12.93 5.14
N GLN A 28 -11.09 -12.98 6.08
CA GLN A 28 -11.93 -14.16 6.24
C GLN A 28 -13.33 -13.76 6.71
N LEU A 29 -13.36 -13.00 7.79
CA LEU A 29 -14.62 -12.55 8.36
C LEU A 29 -15.05 -11.26 7.65
N ASP A 30 -16.34 -11.18 7.38
CA ASP A 30 -16.89 -10.02 6.70
C ASP A 30 -17.14 -8.91 7.74
N LYS A 31 -16.08 -8.19 8.06
CA LYS A 31 -16.17 -7.11 9.02
C LYS A 31 -14.82 -6.39 9.11
N SER A 32 -13.77 -7.20 9.20
CA SER A 32 -12.42 -6.64 9.28
C SER A 32 -11.51 -7.33 8.26
N VAL A 33 -11.20 -6.59 7.21
CA VAL A 33 -10.34 -7.10 6.15
C VAL A 33 -8.88 -6.81 6.50
N GLN A 34 -8.03 -7.77 6.20
CA GLN A 34 -6.61 -7.63 6.47
C GLN A 34 -5.84 -7.41 5.16
N LEU A 35 -5.08 -6.32 5.14
CA LEU A 35 -4.30 -5.98 3.97
C LEU A 35 -2.90 -6.60 4.10
N SER A 36 -2.52 -7.36 3.08
CA SER A 36 -1.22 -8.00 3.07
C SER A 36 -0.30 -7.32 2.06
N TRP A 37 0.84 -6.86 2.55
CA TRP A 37 1.80 -6.19 1.71
C TRP A 37 3.17 -6.87 1.90
N THR A 38 4.07 -6.60 0.97
CA THR A 38 5.39 -7.18 1.03
C THR A 38 6.46 -6.08 0.90
N PRO A 39 7.15 -5.82 2.04
CA PRO A 39 8.19 -4.81 2.07
C PRO A 39 9.46 -5.30 1.37
N GLY A 40 9.72 -4.73 0.21
CA GLY A 40 10.89 -5.12 -0.56
C GLY A 40 12.18 -4.74 0.18
N ASP A 41 13.17 -4.33 -0.59
CA ASP A 41 14.45 -3.94 -0.03
C ASP A 41 14.23 -2.84 1.01
N ASP A 42 15.18 -2.73 1.93
CA ASP A 42 15.11 -1.73 2.98
C ASP A 42 16.11 -0.62 2.68
N ASN A 43 17.05 -0.92 1.79
CA ASN A 43 18.07 0.04 1.42
C ASN A 43 18.90 0.40 2.66
N ASN A 44 19.65 -0.58 3.14
CA ASN A 44 20.48 -0.38 4.31
C ASN A 44 19.60 -0.16 5.53
N SER A 45 18.82 0.91 5.47
CA SER A 45 17.92 1.25 6.56
C SER A 45 16.75 0.27 6.59
N PRO A 46 16.66 -0.48 7.72
CA PRO A 46 15.58 -1.45 7.88
C PRO A 46 14.26 -0.77 8.20
N ILE A 47 13.19 -1.32 7.66
CA ILE A 47 11.87 -0.77 7.88
C ILE A 47 11.59 -0.69 9.38
N THR A 48 10.90 0.37 9.77
CA THR A 48 10.57 0.57 11.17
C THR A 48 9.06 0.72 11.35
N LYS A 49 8.44 1.31 10.33
CA LYS A 49 7.00 1.52 10.36
C LYS A 49 6.43 1.31 8.95
N PHE A 50 5.12 1.10 8.90
CA PHE A 50 4.44 0.88 7.64
C PHE A 50 3.12 1.65 7.58
N ILE A 51 3.14 2.73 6.82
CA ILE A 51 1.95 3.55 6.67
C ILE A 51 1.11 3.03 5.51
N ILE A 52 -0.20 3.27 5.61
CA ILE A 52 -1.12 2.82 4.58
C ILE A 52 -2.02 3.99 4.16
N GLU A 53 -2.54 3.89 2.95
CA GLU A 53 -3.41 4.93 2.43
C GLU A 53 -4.38 4.34 1.40
N TYR A 54 -5.47 5.07 1.17
CA TYR A 54 -6.47 4.63 0.23
C TYR A 54 -7.15 5.83 -0.45
N GLU A 55 -7.74 5.57 -1.61
CA GLU A 55 -8.42 6.61 -2.36
C GLU A 55 -9.79 6.12 -2.81
N ASP A 56 -10.71 7.07 -2.93
CA ASP A 56 -12.06 6.74 -3.36
C ASP A 56 -12.20 7.03 -4.85
N ALA A 57 -12.26 5.96 -5.62
CA ALA A 57 -12.40 6.07 -7.07
C ALA A 57 -13.87 6.23 -7.43
N MET A 58 -14.72 6.03 -6.43
CA MET A 58 -16.15 6.15 -6.62
C MET A 58 -16.62 7.59 -6.41
N HIS A 59 -15.69 8.42 -5.96
CA HIS A 59 -15.99 9.81 -5.72
C HIS A 59 -14.82 10.68 -6.17
N LYS A 60 -13.78 10.72 -5.35
CA LYS A 60 -12.60 11.50 -5.65
C LYS A 60 -11.42 10.55 -5.86
N PRO A 61 -11.19 10.18 -7.15
CA PRO A 61 -10.10 9.29 -7.51
C PRO A 61 -8.75 10.03 -7.45
N GLY A 62 -7.77 9.33 -6.89
CA GLY A 62 -6.44 9.90 -6.78
C GLY A 62 -6.20 10.46 -5.37
N LEU A 63 -7.30 10.89 -4.75
CA LEU A 63 -7.23 11.44 -3.41
C LEU A 63 -6.96 10.32 -2.40
N TRP A 64 -5.78 10.38 -1.80
CA TRP A 64 -5.39 9.38 -0.82
C TRP A 64 -5.55 9.99 0.57
N HIS A 65 -5.97 9.13 1.51
CA HIS A 65 -6.18 9.57 2.87
C HIS A 65 -5.38 8.68 3.82
N HIS A 66 -4.97 9.26 4.94
CA HIS A 66 -4.20 8.54 5.94
C HIS A 66 -5.09 7.47 6.58
N GLN A 67 -4.86 6.22 6.17
CA GLN A 67 -5.62 5.11 6.70
C GLN A 67 -5.11 4.73 8.10
N THR A 68 -3.96 4.06 8.10
CA THR A 68 -3.35 3.63 9.36
C THR A 68 -1.96 3.06 9.10
N GLU A 69 -1.14 3.11 10.13
CA GLU A 69 0.22 2.61 10.04
C GLU A 69 0.45 1.50 11.08
N VAL A 70 1.57 0.82 10.92
CA VAL A 70 1.92 -0.26 11.83
C VAL A 70 3.45 -0.31 12.00
N SER A 71 3.89 -1.31 12.75
CA SER A 71 5.32 -1.47 13.00
C SER A 71 6.02 -1.92 11.72
N GLY A 72 7.35 -1.91 11.78
CA GLY A 72 8.15 -2.30 10.64
C GLY A 72 8.48 -3.80 10.69
N THR A 73 7.58 -4.54 11.32
CA THR A 73 7.76 -5.98 11.44
C THR A 73 6.55 -6.72 10.87
N GLN A 74 5.37 -6.21 11.18
CA GLN A 74 4.14 -6.81 10.71
C GLN A 74 3.91 -6.45 9.24
N THR A 75 3.10 -7.27 8.58
CA THR A 75 2.79 -7.05 7.18
C THR A 75 1.30 -7.28 6.93
N THR A 76 0.53 -7.26 8.01
CA THR A 76 -0.90 -7.48 7.92
C THR A 76 -1.64 -6.52 8.85
N ALA A 77 -2.42 -5.63 8.25
CA ALA A 77 -3.19 -4.67 9.01
C ALA A 77 -4.65 -4.74 8.59
N GLN A 78 -5.52 -4.63 9.58
CA GLN A 78 -6.96 -4.68 9.33
C GLN A 78 -7.44 -3.33 8.80
N LEU A 79 -8.29 -3.41 7.78
CA LEU A 79 -8.84 -2.20 7.18
C LEU A 79 -10.36 -2.19 7.36
N ASN A 80 -10.89 -1.01 7.59
CA ASN A 80 -12.32 -0.84 7.78
C ASN A 80 -12.96 -0.44 6.45
N LEU A 81 -13.75 -1.34 5.91
CA LEU A 81 -14.43 -1.09 4.64
C LEU A 81 -15.93 -0.94 4.90
N SER A 82 -16.59 -0.30 3.95
CA SER A 82 -18.03 -0.08 4.06
C SER A 82 -18.72 -0.50 2.77
N PRO A 83 -20.08 -0.59 2.84
CA PRO A 83 -20.87 -0.99 1.68
C PRO A 83 -20.95 0.15 0.66
N TYR A 84 -20.74 -0.20 -0.59
CA TYR A 84 -20.80 0.78 -1.67
C TYR A 84 -19.69 1.81 -1.52
N VAL A 85 -18.46 1.35 -1.65
CA VAL A 85 -17.30 2.22 -1.53
C VAL A 85 -16.14 1.64 -2.34
N ASN A 86 -16.03 2.10 -3.57
CA ASN A 86 -14.97 1.63 -4.45
C ASN A 86 -13.70 2.47 -4.21
N TYR A 87 -12.63 1.77 -3.87
CA TYR A 87 -11.37 2.44 -3.61
C TYR A 87 -10.20 1.44 -3.68
N SER A 88 -9.00 1.97 -3.54
CA SER A 88 -7.80 1.15 -3.58
C SER A 88 -7.09 1.20 -2.23
N PHE A 89 -5.96 0.52 -2.17
CA PHE A 89 -5.17 0.47 -0.94
C PHE A 89 -3.69 0.29 -1.25
N ARG A 90 -2.88 1.13 -0.62
CA ARG A 90 -1.44 1.07 -0.81
C ARG A 90 -0.73 0.85 0.52
N VAL A 91 0.59 0.81 0.45
CA VAL A 91 1.40 0.61 1.65
C VAL A 91 2.71 1.37 1.51
N MET A 92 3.09 2.05 2.59
CA MET A 92 4.31 2.83 2.59
C MET A 92 5.28 2.32 3.68
N ALA A 93 6.56 2.54 3.43
CA ALA A 93 7.59 2.11 4.37
C ALA A 93 8.38 3.34 4.84
N VAL A 94 8.70 3.34 6.12
CA VAL A 94 9.46 4.43 6.70
C VAL A 94 10.54 3.87 7.63
N ASN A 95 11.76 4.34 7.41
CA ASN A 95 12.88 3.88 8.23
C ASN A 95 13.68 5.10 8.70
N SER A 96 14.83 4.82 9.29
CA SER A 96 15.69 5.87 9.80
C SER A 96 15.71 7.05 8.81
N ILE A 97 15.77 6.70 7.53
CA ILE A 97 15.80 7.71 6.48
C ILE A 97 14.49 8.50 6.51
N GLY A 98 13.60 8.15 5.59
CA GLY A 98 12.31 8.82 5.49
C GLY A 98 11.24 7.85 5.01
N LYS A 99 10.21 8.43 4.39
CA LYS A 99 9.11 7.64 3.87
C LYS A 99 9.27 7.47 2.36
N SER A 100 9.21 6.22 1.92
CA SER A 100 9.35 5.92 0.50
C SER A 100 8.02 6.15 -0.21
N LEU A 101 8.08 6.06 -1.53
CA LEU A 101 6.88 6.26 -2.34
C LEU A 101 5.84 5.19 -1.98
N PRO A 102 4.57 5.47 -2.39
CA PRO A 102 3.49 4.55 -2.12
C PRO A 102 3.54 3.34 -3.05
N SER A 103 3.21 2.18 -2.50
CA SER A 103 3.23 0.95 -3.27
C SER A 103 2.43 1.13 -4.56
N GLU A 104 2.68 0.24 -5.51
CA GLU A 104 2.00 0.30 -6.78
C GLU A 104 0.55 0.70 -6.59
N ALA A 105 -0.25 -0.25 -6.12
CA ALA A 105 -1.66 -0.01 -5.90
C ALA A 105 -2.41 -1.34 -5.83
N SER A 106 -2.68 -1.77 -4.61
CA SER A 106 -3.38 -3.03 -4.40
C SER A 106 -4.69 -3.03 -5.19
N GLU A 107 -5.25 -4.23 -5.34
CA GLU A 107 -6.50 -4.38 -6.07
C GLU A 107 -7.60 -3.54 -5.42
N GLN A 108 -8.52 -3.08 -6.26
CA GLN A 108 -9.63 -2.28 -5.79
C GLN A 108 -10.67 -3.15 -5.10
N TYR A 109 -10.67 -3.10 -3.77
CA TYR A 109 -11.60 -3.88 -2.98
C TYR A 109 -12.99 -3.25 -3.01
N LEU A 110 -13.99 -4.08 -3.22
CA LEU A 110 -15.37 -3.63 -3.27
C LEU A 110 -16.24 -4.55 -2.41
N THR A 111 -16.85 -3.97 -1.40
CA THR A 111 -17.71 -4.73 -0.50
C THR A 111 -19.00 -5.13 -1.23
N LYS A 112 -19.94 -5.65 -0.44
CA LYS A 112 -21.22 -6.07 -0.98
C LYS A 112 -22.06 -4.84 -1.31
N ALA A 113 -22.53 -4.80 -2.56
CA ALA A 113 -23.35 -3.69 -3.01
C ALA A 113 -24.56 -4.23 -3.76
N SER A 114 -25.23 -3.33 -4.46
CA SER A 114 -26.41 -3.71 -5.22
C SER A 114 -26.03 -3.97 -6.68
N GLU A 115 -25.14 -4.94 -6.86
CA GLU A 115 -24.68 -5.29 -8.19
C GLU A 115 -23.57 -6.35 -8.10
N PRO A 116 -23.55 -7.24 -9.13
CA PRO A 116 -22.55 -8.29 -9.18
C PRO A 116 -21.18 -7.73 -9.58
N ASP A 117 -20.30 -8.64 -10.00
CA ASP A 117 -18.96 -8.25 -10.43
C ASP A 117 -18.24 -7.59 -9.25
N LYS A 118 -17.15 -8.25 -8.84
CA LYS A 118 -16.37 -7.75 -7.73
C LYS A 118 -16.21 -6.23 -7.86
N ASN A 119 -15.24 -5.83 -8.66
CA ASN A 119 -14.97 -4.42 -8.88
C ASN A 119 -15.18 -4.09 -10.37
N PRO A 120 -16.36 -3.49 -10.66
CA PRO A 120 -16.68 -3.11 -12.03
C PRO A 120 -15.89 -1.88 -12.47
N THR A 121 -16.13 -1.46 -13.70
CA THR A 121 -15.45 -0.31 -14.24
C THR A 121 -13.95 -0.55 -14.33
N SER A 122 -13.29 -0.44 -13.18
CA SER A 122 -11.86 -0.66 -13.10
C SER A 122 -11.56 -1.91 -12.27
N GLY A 123 -11.48 -3.03 -12.96
CA GLY A 123 -11.20 -4.30 -12.31
C GLY A 123 -10.07 -5.05 -13.02
N PRO A 124 -10.09 -6.40 -12.84
CA PRO A 124 -9.07 -7.24 -13.46
C PRO A 124 -9.34 -7.41 -14.96
N SER A 125 -8.40 -6.92 -15.76
CA SER A 125 -8.53 -7.02 -17.20
C SER A 125 -9.97 -6.75 -17.62
N SER A 126 -10.30 -5.46 -17.71
CA SER A 126 -11.64 -5.06 -18.10
C SER A 126 -11.71 -3.54 -18.22
N GLY A 127 -11.47 -3.07 -19.44
CA GLY A 127 -11.51 -1.63 -19.71
C GLY A 127 -12.94 -1.10 -19.64
N GLY A 1 16.14 17.69 -10.91
CA GLY A 1 17.05 16.88 -10.12
C GLY A 1 16.29 15.84 -9.29
N SER A 2 16.82 14.62 -9.30
CA SER A 2 16.20 13.53 -8.56
C SER A 2 17.15 12.34 -8.50
N SER A 3 17.54 11.87 -9.68
CA SER A 3 18.44 10.73 -9.78
C SER A 3 19.88 11.20 -9.67
N GLY A 4 20.76 10.24 -9.41
CA GLY A 4 22.18 10.55 -9.26
C GLY A 4 22.65 10.34 -7.83
N SER A 5 23.68 9.52 -7.69
CA SER A 5 24.23 9.22 -6.37
C SER A 5 25.57 8.49 -6.53
N SER A 6 26.63 9.18 -6.14
CA SER A 6 27.96 8.61 -6.21
C SER A 6 28.97 9.53 -5.53
N GLY A 7 29.90 8.91 -4.80
CA GLY A 7 30.91 9.66 -4.09
C GLY A 7 31.61 8.79 -3.05
N PRO A 8 30.84 8.44 -1.99
CA PRO A 8 31.38 7.61 -0.92
C PRO A 8 31.48 6.15 -1.36
N THR A 9 32.72 5.75 -1.64
CA THR A 9 32.97 4.38 -2.07
C THR A 9 32.61 3.40 -0.96
N PRO A 10 33.22 3.63 0.24
CA PRO A 10 32.98 2.78 1.38
C PRO A 10 31.59 3.05 1.99
N ALA A 11 31.44 4.26 2.49
CA ALA A 11 30.17 4.66 3.10
C ALA A 11 29.01 4.11 2.26
N PRO A 12 27.97 3.61 2.97
CA PRO A 12 26.81 3.07 2.31
C PRO A 12 25.93 4.18 1.74
N VAL A 13 24.72 3.80 1.34
CA VAL A 13 23.78 4.75 0.78
C VAL A 13 22.35 4.28 1.05
N TYR A 14 21.51 5.22 1.43
CA TYR A 14 20.12 4.91 1.74
C TYR A 14 19.19 5.54 0.70
N ASP A 15 17.89 5.44 0.98
CA ASP A 15 16.89 5.99 0.08
C ASP A 15 15.52 5.44 0.46
N VAL A 16 15.20 5.56 1.75
CA VAL A 16 13.93 5.08 2.25
C VAL A 16 13.71 3.64 1.78
N PRO A 17 12.78 2.93 2.48
CA PRO A 17 12.47 1.56 2.14
C PRO A 17 11.62 1.48 0.87
N ASN A 18 12.13 0.77 -0.11
CA ASN A 18 11.43 0.61 -1.38
C ASN A 18 9.97 0.28 -1.10
N PRO A 19 9.13 0.45 -2.17
CA PRO A 19 7.71 0.17 -2.05
C PRO A 19 7.44 -1.33 -2.03
N PRO A 20 6.33 -1.70 -1.33
CA PRO A 20 5.95 -3.10 -1.23
C PRO A 20 5.34 -3.60 -2.54
N PHE A 21 5.18 -4.92 -2.62
CA PHE A 21 4.62 -5.53 -3.81
C PHE A 21 3.80 -6.78 -3.44
N ASP A 22 3.18 -7.36 -4.47
CA ASP A 22 2.38 -8.56 -4.27
C ASP A 22 1.14 -8.19 -3.44
N LEU A 23 0.94 -6.89 -3.27
CA LEU A 23 -0.20 -6.41 -2.50
C LEU A 23 -1.43 -7.25 -2.84
N GLU A 24 -2.10 -7.69 -1.77
CA GLU A 24 -3.29 -8.50 -1.94
C GLU A 24 -4.18 -8.41 -0.69
N LEU A 25 -5.45 -8.68 -0.89
CA LEU A 25 -6.41 -8.63 0.20
C LEU A 25 -6.89 -10.05 0.52
N THR A 26 -6.49 -10.52 1.70
CA THR A 26 -6.87 -11.86 2.13
C THR A 26 -7.31 -11.84 3.60
N ASP A 27 -8.60 -12.07 3.78
CA ASP A 27 -9.16 -12.08 5.13
C ASP A 27 -10.32 -13.08 5.18
N GLN A 28 -11.17 -12.90 6.19
CA GLN A 28 -12.32 -13.77 6.36
C GLN A 28 -13.49 -12.99 6.94
N LEU A 29 -13.32 -11.68 7.00
CA LEU A 29 -14.36 -10.81 7.52
C LEU A 29 -14.53 -11.07 9.02
N ASP A 30 -13.54 -11.75 9.59
CA ASP A 30 -13.57 -12.07 11.01
C ASP A 30 -14.12 -10.88 11.78
N LYS A 31 -13.81 -9.69 11.26
CA LYS A 31 -14.27 -8.46 11.90
C LYS A 31 -13.83 -7.26 11.05
N SER A 32 -13.82 -7.48 9.75
CA SER A 32 -13.42 -6.43 8.82
C SER A 32 -12.66 -7.04 7.64
N VAL A 33 -11.36 -6.79 7.63
CA VAL A 33 -10.50 -7.31 6.57
C VAL A 33 -9.04 -7.18 7.00
N GLN A 34 -8.16 -7.67 6.13
CA GLN A 34 -6.74 -7.61 6.41
C GLN A 34 -5.96 -7.37 5.11
N LEU A 35 -5.02 -6.43 5.19
CA LEU A 35 -4.20 -6.09 4.05
C LEU A 35 -2.81 -6.70 4.21
N SER A 36 -2.42 -7.50 3.23
CA SER A 36 -1.13 -8.16 3.25
C SER A 36 -0.19 -7.51 2.23
N TRP A 37 0.87 -6.91 2.73
CA TRP A 37 1.84 -6.25 1.88
C TRP A 37 3.21 -6.90 2.12
N THR A 38 4.12 -6.67 1.18
CA THR A 38 5.45 -7.22 1.28
C THR A 38 6.50 -6.12 1.08
N PRO A 39 7.25 -5.84 2.18
CA PRO A 39 8.28 -4.82 2.14
C PRO A 39 9.51 -5.32 1.39
N GLY A 40 9.80 -4.67 0.27
CA GLY A 40 10.95 -5.05 -0.53
C GLY A 40 12.25 -4.62 0.13
N ASP A 41 13.18 -4.14 -0.68
CA ASP A 41 14.46 -3.70 -0.17
C ASP A 41 14.25 -2.60 0.86
N ASP A 42 15.17 -2.54 1.82
CA ASP A 42 15.10 -1.55 2.88
C ASP A 42 16.11 -0.44 2.60
N ASN A 43 17.05 -0.75 1.72
CA ASN A 43 18.08 0.21 1.36
C ASN A 43 18.88 0.59 2.61
N ASN A 44 19.65 -0.37 3.10
CA ASN A 44 20.45 -0.15 4.28
C ASN A 44 19.55 0.07 5.49
N SER A 45 18.76 1.14 5.41
CA SER A 45 17.84 1.48 6.48
C SER A 45 16.68 0.50 6.51
N PRO A 46 16.58 -0.26 7.63
CA PRO A 46 15.53 -1.24 7.80
C PRO A 46 14.19 -0.56 8.09
N ILE A 47 13.12 -1.22 7.67
CA ILE A 47 11.78 -0.70 7.89
C ILE A 47 11.52 -0.59 9.39
N THR A 48 10.82 0.47 9.76
CA THR A 48 10.49 0.69 11.16
C THR A 48 8.97 0.85 11.33
N LYS A 49 8.35 1.43 10.31
CA LYS A 49 6.91 1.64 10.34
C LYS A 49 6.34 1.45 8.94
N PHE A 50 5.06 1.12 8.89
CA PHE A 50 4.39 0.92 7.62
C PHE A 50 3.04 1.63 7.59
N ILE A 51 3.00 2.75 6.89
CA ILE A 51 1.78 3.53 6.78
C ILE A 51 0.97 3.03 5.58
N ILE A 52 -0.33 3.24 5.66
CA ILE A 52 -1.22 2.81 4.59
C ILE A 52 -2.16 3.97 4.22
N GLU A 53 -2.64 3.94 2.98
CA GLU A 53 -3.54 4.97 2.51
C GLU A 53 -4.51 4.39 1.48
N TYR A 54 -5.50 5.20 1.11
CA TYR A 54 -6.49 4.78 0.15
C TYR A 54 -7.10 5.98 -0.57
N GLU A 55 -7.70 5.70 -1.72
CA GLU A 55 -8.31 6.75 -2.52
C GLU A 55 -9.75 6.36 -2.89
N ASP A 56 -10.63 7.34 -2.78
CA ASP A 56 -12.03 7.11 -3.09
C ASP A 56 -12.26 7.35 -4.59
N ALA A 57 -12.24 6.26 -5.34
CA ALA A 57 -12.44 6.32 -6.77
C ALA A 57 -13.92 6.50 -7.07
N MET A 58 -14.73 6.20 -6.07
CA MET A 58 -16.17 6.32 -6.21
C MET A 58 -16.62 7.78 -6.09
N HIS A 59 -15.70 8.61 -5.61
CA HIS A 59 -15.98 10.03 -5.45
C HIS A 59 -14.85 10.85 -6.08
N LYS A 60 -13.70 10.80 -5.43
CA LYS A 60 -12.53 11.54 -5.91
C LYS A 60 -11.36 10.57 -6.05
N PRO A 61 -11.16 10.09 -7.31
CA PRO A 61 -10.08 9.17 -7.60
C PRO A 61 -8.73 9.89 -7.63
N GLY A 62 -7.75 9.28 -6.98
CA GLY A 62 -6.42 9.85 -6.92
C GLY A 62 -6.17 10.53 -5.56
N LEU A 63 -7.26 10.90 -4.91
CA LEU A 63 -7.17 11.55 -3.62
C LEU A 63 -6.89 10.49 -2.54
N TRP A 64 -5.63 10.41 -2.16
CA TRP A 64 -5.22 9.45 -1.15
C TRP A 64 -5.41 10.11 0.22
N HIS A 65 -5.79 9.29 1.19
CA HIS A 65 -6.00 9.77 2.54
C HIS A 65 -5.29 8.85 3.53
N HIS A 66 -4.94 9.43 4.68
CA HIS A 66 -4.25 8.67 5.72
C HIS A 66 -5.18 7.58 6.26
N GLN A 67 -4.71 6.34 6.16
CA GLN A 67 -5.47 5.21 6.63
C GLN A 67 -5.00 4.79 8.02
N THR A 68 -3.86 4.11 8.04
CA THR A 68 -3.28 3.64 9.29
C THR A 68 -1.86 3.14 9.07
N GLU A 69 -1.12 3.05 10.17
CA GLU A 69 0.26 2.59 10.11
C GLU A 69 0.48 1.45 11.12
N VAL A 70 1.58 0.74 10.94
CA VAL A 70 1.92 -0.36 11.82
C VAL A 70 3.43 -0.33 12.10
N SER A 71 3.88 -1.34 12.83
CA SER A 71 5.28 -1.44 13.18
C SER A 71 6.09 -1.86 11.95
N GLY A 72 7.41 -1.79 12.10
CA GLY A 72 8.31 -2.15 11.02
C GLY A 72 8.64 -3.64 11.06
N THR A 73 7.67 -4.42 11.50
CA THR A 73 7.84 -5.86 11.59
C THR A 73 6.64 -6.58 10.98
N GLN A 74 5.47 -6.11 11.34
CA GLN A 74 4.23 -6.70 10.84
C GLN A 74 3.97 -6.24 9.41
N THR A 75 3.42 -7.17 8.62
CA THR A 75 3.13 -6.87 7.23
C THR A 75 1.63 -7.04 6.96
N THR A 76 0.87 -7.11 8.05
CA THR A 76 -0.57 -7.27 7.95
C THR A 76 -1.29 -6.33 8.91
N ALA A 77 -2.25 -5.60 8.38
CA ALA A 77 -3.02 -4.66 9.19
C ALA A 77 -4.49 -4.70 8.75
N GLN A 78 -5.36 -4.67 9.74
CA GLN A 78 -6.79 -4.70 9.48
C GLN A 78 -7.24 -3.40 8.83
N LEU A 79 -7.95 -3.54 7.72
CA LEU A 79 -8.44 -2.37 6.99
C LEU A 79 -9.95 -2.22 7.23
N ASN A 80 -10.30 -1.15 7.91
CA ASN A 80 -11.70 -0.88 8.21
C ASN A 80 -12.40 -0.38 6.95
N LEU A 81 -13.25 -1.22 6.40
CA LEU A 81 -13.98 -0.87 5.19
C LEU A 81 -15.44 -0.59 5.56
N SER A 82 -16.09 0.19 4.70
CA SER A 82 -17.48 0.55 4.93
C SER A 82 -18.30 0.26 3.67
N PRO A 83 -19.64 0.16 3.87
CA PRO A 83 -20.55 -0.12 2.77
C PRO A 83 -20.73 1.12 1.89
N TYR A 84 -20.85 0.88 0.59
CA TYR A 84 -21.03 1.96 -0.36
C TYR A 84 -19.82 2.89 -0.36
N VAL A 85 -18.75 2.43 -0.99
CA VAL A 85 -17.53 3.20 -1.08
C VAL A 85 -16.45 2.38 -1.77
N ASN A 86 -16.02 2.88 -2.92
CA ASN A 86 -14.99 2.21 -3.70
C ASN A 86 -13.67 2.98 -3.57
N TYR A 87 -12.61 2.21 -3.38
CA TYR A 87 -11.28 2.81 -3.24
C TYR A 87 -10.19 1.74 -3.32
N SER A 88 -8.95 2.21 -3.30
CA SER A 88 -7.81 1.31 -3.39
C SER A 88 -7.06 1.29 -2.06
N PHE A 89 -5.99 0.51 -2.03
CA PHE A 89 -5.18 0.40 -0.83
C PHE A 89 -3.69 0.48 -1.15
N ARG A 90 -3.04 1.46 -0.54
CA ARG A 90 -1.62 1.66 -0.77
C ARG A 90 -0.85 1.53 0.55
N VAL A 91 0.29 0.87 0.47
CA VAL A 91 1.13 0.65 1.64
C VAL A 91 2.42 1.47 1.49
N MET A 92 2.89 1.97 2.63
CA MET A 92 4.11 2.76 2.64
C MET A 92 5.08 2.25 3.71
N ALA A 93 6.36 2.50 3.46
CA ALA A 93 7.40 2.08 4.39
C ALA A 93 8.20 3.30 4.85
N VAL A 94 8.33 3.42 6.16
CA VAL A 94 9.06 4.53 6.74
C VAL A 94 10.17 4.00 7.64
N ASN A 95 11.37 4.52 7.42
CA ASN A 95 12.52 4.10 8.21
C ASN A 95 13.27 5.34 8.70
N SER A 96 14.48 5.10 9.19
CA SER A 96 15.30 6.19 9.71
C SER A 96 15.33 7.34 8.70
N ILE A 97 15.50 6.98 7.44
CA ILE A 97 15.54 7.97 6.38
C ILE A 97 14.24 8.77 6.38
N GLY A 98 13.24 8.22 5.69
CA GLY A 98 11.95 8.87 5.59
C GLY A 98 10.88 7.89 5.11
N LYS A 99 9.83 8.46 4.51
CA LYS A 99 8.73 7.64 4.01
C LYS A 99 8.91 7.46 2.50
N SER A 100 8.87 6.21 2.08
CA SER A 100 9.02 5.88 0.68
C SER A 100 7.71 6.14 -0.07
N LEU A 101 7.74 5.90 -1.37
CA LEU A 101 6.57 6.11 -2.20
C LEU A 101 5.49 5.08 -1.82
N PRO A 102 4.24 5.39 -2.24
CA PRO A 102 3.12 4.51 -1.94
C PRO A 102 3.14 3.27 -2.84
N SER A 103 2.69 2.16 -2.27
CA SER A 103 2.66 0.91 -3.00
C SER A 103 1.85 1.08 -4.30
N GLU A 104 2.17 0.25 -5.26
CA GLU A 104 1.49 0.29 -6.54
C GLU A 104 0.01 0.60 -6.35
N ALA A 105 -0.76 -0.45 -6.08
CA ALA A 105 -2.18 -0.30 -5.86
C ALA A 105 -2.86 -1.66 -6.00
N SER A 106 -3.26 -2.21 -4.85
CA SER A 106 -3.91 -3.51 -4.83
C SER A 106 -5.20 -3.46 -5.65
N GLU A 107 -5.92 -4.57 -5.64
CA GLU A 107 -7.16 -4.66 -6.39
C GLU A 107 -8.17 -3.63 -5.86
N GLN A 108 -9.26 -3.50 -6.60
CA GLN A 108 -10.30 -2.56 -6.22
C GLN A 108 -11.37 -3.26 -5.36
N TYR A 109 -11.23 -3.10 -4.06
CA TYR A 109 -12.16 -3.71 -3.12
C TYR A 109 -13.43 -2.87 -2.98
N LEU A 110 -14.51 -3.38 -3.54
CA LEU A 110 -15.79 -2.69 -3.48
C LEU A 110 -16.66 -3.32 -2.39
N THR A 111 -16.77 -2.60 -1.29
CA THR A 111 -17.56 -3.08 -0.16
C THR A 111 -19.01 -3.34 -0.61
N LYS A 112 -19.82 -3.72 0.36
CA LYS A 112 -21.23 -4.00 0.08
C LYS A 112 -21.88 -2.76 -0.52
N ALA A 113 -22.97 -3.00 -1.24
CA ALA A 113 -23.70 -1.91 -1.87
C ALA A 113 -24.96 -2.46 -2.53
N SER A 114 -25.46 -1.71 -3.50
CA SER A 114 -26.66 -2.11 -4.22
C SER A 114 -26.29 -3.01 -5.39
N GLU A 115 -25.37 -3.93 -5.14
CA GLU A 115 -24.92 -4.85 -6.17
C GLU A 115 -23.72 -5.67 -5.65
N PRO A 116 -23.78 -7.00 -5.94
CA PRO A 116 -22.72 -7.90 -5.52
C PRO A 116 -21.48 -7.72 -6.40
N ASP A 117 -21.42 -8.51 -7.46
CA ASP A 117 -20.30 -8.46 -8.38
C ASP A 117 -20.30 -7.10 -9.09
N LYS A 118 -19.41 -6.99 -10.08
CA LYS A 118 -19.30 -5.76 -10.85
C LYS A 118 -18.74 -4.65 -9.95
N ASN A 119 -17.62 -4.10 -10.38
CA ASN A 119 -16.98 -3.03 -9.63
C ASN A 119 -16.95 -1.77 -10.49
N PRO A 120 -18.11 -1.05 -10.51
CA PRO A 120 -18.22 0.16 -11.27
C PRO A 120 -17.49 1.32 -10.59
N THR A 121 -17.05 2.27 -11.40
CA THR A 121 -16.34 3.43 -10.87
C THR A 121 -16.19 4.50 -11.96
N SER A 122 -16.60 5.71 -11.61
CA SER A 122 -16.52 6.82 -12.55
C SER A 122 -15.14 7.46 -12.48
N GLY A 123 -14.35 7.21 -13.52
CA GLY A 123 -13.01 7.76 -13.59
C GLY A 123 -12.57 7.94 -15.05
N PRO A 124 -11.23 8.03 -15.23
CA PRO A 124 -10.66 8.19 -16.56
C PRO A 124 -10.73 6.89 -17.36
N SER A 125 -10.51 7.01 -18.65
CA SER A 125 -10.55 5.86 -19.54
C SER A 125 -9.43 5.96 -20.58
N SER A 126 -8.45 5.09 -20.44
CA SER A 126 -7.32 5.07 -21.36
C SER A 126 -7.80 5.33 -22.79
N GLY A 127 -6.97 6.01 -23.54
CA GLY A 127 -7.30 6.34 -24.93
C GLY A 127 -8.77 6.74 -25.06
N GLY A 1 15.72 3.22 -15.67
CA GLY A 1 16.68 4.31 -15.76
C GLY A 1 18.11 3.77 -15.88
N SER A 2 18.56 3.13 -14.81
CA SER A 2 19.90 2.56 -14.78
C SER A 2 20.93 3.68 -14.82
N SER A 3 21.86 3.62 -13.88
CA SER A 3 22.91 4.62 -13.78
C SER A 3 23.86 4.27 -12.62
N GLY A 4 25.00 4.96 -12.62
CA GLY A 4 25.99 4.73 -11.58
C GLY A 4 27.38 4.49 -12.19
N SER A 5 28.39 5.00 -11.51
CA SER A 5 29.75 4.86 -11.97
C SER A 5 30.63 4.30 -10.83
N SER A 6 31.65 3.55 -11.24
CA SER A 6 32.57 2.97 -10.28
C SER A 6 33.04 4.03 -9.29
N GLY A 7 33.61 3.56 -8.19
CA GLY A 7 34.11 4.46 -7.16
C GLY A 7 34.20 3.75 -5.81
N PRO A 8 35.45 3.37 -5.43
CA PRO A 8 35.69 2.68 -4.18
C PRO A 8 35.60 3.66 -3.00
N THR A 9 34.77 3.29 -2.03
CA THR A 9 34.59 4.12 -0.85
C THR A 9 33.68 3.42 0.16
N PRO A 10 34.21 3.26 1.40
CA PRO A 10 33.47 2.60 2.46
C PRO A 10 32.38 3.54 3.01
N ALA A 11 31.18 3.37 2.48
CA ALA A 11 30.05 4.18 2.91
C ALA A 11 28.77 3.61 2.33
N PRO A 12 27.71 3.56 3.19
CA PRO A 12 26.43 3.03 2.77
C PRO A 12 25.69 4.02 1.87
N VAL A 13 24.61 3.54 1.27
CA VAL A 13 23.82 4.38 0.38
C VAL A 13 22.33 4.07 0.59
N TYR A 14 21.76 4.73 1.59
CA TYR A 14 20.35 4.54 1.91
C TYR A 14 19.46 5.18 0.85
N ASP A 15 18.16 5.17 1.13
CA ASP A 15 17.20 5.74 0.21
C ASP A 15 15.79 5.25 0.58
N VAL A 16 15.46 5.38 1.85
CA VAL A 16 14.17 4.95 2.34
C VAL A 16 13.91 3.52 1.88
N PRO A 17 12.94 2.86 2.57
CA PRO A 17 12.58 1.48 2.24
C PRO A 17 11.75 1.42 0.96
N ASN A 18 12.29 0.71 -0.02
CA ASN A 18 11.61 0.56 -1.29
C ASN A 18 10.12 0.31 -1.06
N PRO A 19 9.33 0.50 -2.14
CA PRO A 19 7.89 0.31 -2.06
C PRO A 19 7.54 -1.19 -2.03
N PRO A 20 6.44 -1.51 -1.30
CA PRO A 20 5.99 -2.89 -1.20
C PRO A 20 5.32 -3.35 -2.49
N PHE A 21 5.05 -4.64 -2.55
CA PHE A 21 4.41 -5.23 -3.71
C PHE A 21 3.59 -6.47 -3.33
N ASP A 22 2.89 -6.99 -4.32
CA ASP A 22 2.07 -8.17 -4.10
C ASP A 22 0.88 -7.81 -3.21
N LEU A 23 0.59 -6.52 -3.17
CA LEU A 23 -0.52 -6.03 -2.36
C LEU A 23 -1.77 -6.84 -2.67
N GLU A 24 -2.43 -7.27 -1.61
CA GLU A 24 -3.65 -8.06 -1.75
C GLU A 24 -4.45 -8.04 -0.45
N LEU A 25 -5.76 -8.13 -0.61
CA LEU A 25 -6.65 -8.12 0.55
C LEU A 25 -7.08 -9.56 0.86
N THR A 26 -6.59 -10.07 1.97
CA THR A 26 -6.91 -11.43 2.39
C THR A 26 -7.46 -11.42 3.81
N ASP A 27 -8.73 -11.82 3.92
CA ASP A 27 -9.38 -11.87 5.21
C ASP A 27 -10.37 -13.04 5.24
N GLN A 28 -10.85 -13.35 6.43
CA GLN A 28 -11.79 -14.44 6.61
C GLN A 28 -12.92 -14.02 7.55
N LEU A 29 -13.07 -12.71 7.69
CA LEU A 29 -14.10 -12.16 8.55
C LEU A 29 -14.91 -11.11 7.79
N ASP A 30 -15.70 -10.36 8.53
CA ASP A 30 -16.52 -9.32 7.93
C ASP A 30 -16.19 -7.98 8.59
N LYS A 31 -16.00 -8.03 9.90
CA LYS A 31 -15.69 -6.84 10.66
C LYS A 31 -14.76 -5.95 9.83
N SER A 32 -13.62 -6.52 9.46
CA SER A 32 -12.63 -5.80 8.66
C SER A 32 -11.89 -6.77 7.74
N VAL A 33 -10.98 -6.21 6.96
CA VAL A 33 -10.20 -7.00 6.03
C VAL A 33 -8.71 -6.75 6.28
N GLN A 34 -7.95 -7.84 6.27
CA GLN A 34 -6.52 -7.74 6.49
C GLN A 34 -5.79 -7.47 5.17
N LEU A 35 -4.98 -6.42 5.19
CA LEU A 35 -4.22 -6.03 4.01
C LEU A 35 -2.80 -6.57 4.12
N SER A 36 -2.47 -7.49 3.23
CA SER A 36 -1.14 -8.09 3.21
C SER A 36 -0.25 -7.36 2.20
N TRP A 37 0.90 -6.92 2.69
CA TRP A 37 1.84 -6.21 1.84
C TRP A 37 3.21 -6.86 2.02
N THR A 38 4.09 -6.61 1.06
CA THR A 38 5.43 -7.17 1.09
C THR A 38 6.47 -6.06 0.94
N PRO A 39 7.18 -5.77 2.07
CA PRO A 39 8.20 -4.75 2.08
C PRO A 39 9.46 -5.22 1.36
N GLY A 40 9.69 -4.65 0.18
CA GLY A 40 10.85 -5.01 -0.61
C GLY A 40 12.14 -4.65 0.12
N ASP A 41 13.13 -4.24 -0.65
CA ASP A 41 14.42 -3.87 -0.09
C ASP A 41 14.22 -2.77 0.95
N ASP A 42 15.16 -2.70 1.89
CA ASP A 42 15.11 -1.71 2.94
C ASP A 42 16.14 -0.62 2.66
N ASN A 43 17.07 -0.94 1.77
CA ASN A 43 18.11 0.01 1.41
C ASN A 43 18.93 0.36 2.65
N ASN A 44 19.65 -0.64 3.16
CA ASN A 44 20.47 -0.45 4.33
C ASN A 44 19.56 -0.21 5.54
N SER A 45 18.80 0.86 5.47
CA SER A 45 17.88 1.22 6.55
C SER A 45 16.70 0.25 6.57
N PRO A 46 16.60 -0.52 7.69
CA PRO A 46 15.53 -1.47 7.85
C PRO A 46 14.21 -0.78 8.17
N ILE A 47 13.12 -1.38 7.69
CA ILE A 47 11.80 -0.82 7.92
C ILE A 47 11.52 -0.76 9.42
N THR A 48 10.84 0.31 9.82
CA THR A 48 10.51 0.49 11.22
C THR A 48 9.00 0.67 11.39
N LYS A 49 8.39 1.28 10.38
CA LYS A 49 6.95 1.52 10.41
C LYS A 49 6.39 1.31 9.01
N PHE A 50 5.09 1.07 8.96
CA PHE A 50 4.40 0.86 7.70
C PHE A 50 3.08 1.64 7.64
N ILE A 51 3.10 2.70 6.85
CA ILE A 51 1.91 3.53 6.70
C ILE A 51 1.05 2.99 5.57
N ILE A 52 -0.24 3.29 5.65
CA ILE A 52 -1.18 2.83 4.64
C ILE A 52 -2.04 4.01 4.19
N GLU A 53 -2.61 3.86 3.00
CA GLU A 53 -3.46 4.90 2.44
C GLU A 53 -4.45 4.30 1.44
N TYR A 54 -5.53 5.04 1.21
CA TYR A 54 -6.55 4.59 0.28
C TYR A 54 -7.17 5.78 -0.47
N GLU A 55 -7.79 5.46 -1.59
CA GLU A 55 -8.42 6.48 -2.41
C GLU A 55 -9.81 6.01 -2.86
N ASP A 56 -10.69 6.99 -3.05
CA ASP A 56 -12.04 6.68 -3.50
C ASP A 56 -12.16 6.93 -4.99
N ALA A 57 -12.23 5.84 -5.75
CA ALA A 57 -12.35 5.93 -7.19
C ALA A 57 -13.79 6.21 -7.57
N MET A 58 -14.68 5.99 -6.61
CA MET A 58 -16.10 6.21 -6.83
C MET A 58 -16.47 7.67 -6.57
N HIS A 59 -15.57 8.37 -5.89
CA HIS A 59 -15.80 9.77 -5.57
C HIS A 59 -14.68 10.62 -6.18
N LYS A 60 -13.52 10.55 -5.54
CA LYS A 60 -12.36 11.30 -6.01
C LYS A 60 -11.17 10.35 -6.17
N PRO A 61 -10.94 9.91 -7.42
CA PRO A 61 -9.84 9.01 -7.72
C PRO A 61 -8.50 9.74 -7.70
N GLY A 62 -7.53 9.14 -7.04
CA GLY A 62 -6.21 9.73 -6.94
C GLY A 62 -5.98 10.34 -5.57
N LEU A 63 -7.08 10.68 -4.91
CA LEU A 63 -7.02 11.28 -3.59
C LEU A 63 -6.76 10.19 -2.55
N TRP A 64 -5.60 10.29 -1.91
CA TRP A 64 -5.21 9.32 -0.90
C TRP A 64 -5.39 9.97 0.47
N HIS A 65 -5.92 9.19 1.40
CA HIS A 65 -6.16 9.68 2.75
C HIS A 65 -5.38 8.80 3.75
N HIS A 66 -4.95 9.44 4.82
CA HIS A 66 -4.21 8.74 5.86
C HIS A 66 -5.12 7.69 6.52
N GLN A 67 -4.82 6.43 6.22
CA GLN A 67 -5.59 5.33 6.77
C GLN A 67 -5.06 4.94 8.15
N THR A 68 -3.93 4.24 8.14
CA THR A 68 -3.31 3.81 9.37
C THR A 68 -1.90 3.25 9.10
N GLU A 69 -1.09 3.22 10.15
CA GLU A 69 0.27 2.72 10.04
C GLU A 69 0.50 1.60 11.06
N VAL A 70 1.61 0.89 10.85
CA VAL A 70 1.96 -0.20 11.75
C VAL A 70 3.48 -0.23 11.93
N SER A 71 3.93 -1.19 12.72
CA SER A 71 5.35 -1.34 12.98
C SER A 71 6.06 -1.88 11.73
N GLY A 72 7.38 -1.89 11.80
CA GLY A 72 8.18 -2.39 10.69
C GLY A 72 8.48 -3.88 10.84
N THR A 73 7.74 -4.51 11.72
CA THR A 73 7.91 -5.94 11.97
C THR A 73 6.73 -6.73 11.40
N GLN A 74 5.62 -6.03 11.25
CA GLN A 74 4.41 -6.65 10.71
C GLN A 74 4.28 -6.35 9.21
N THR A 75 3.33 -7.03 8.59
CA THR A 75 3.09 -6.84 7.17
C THR A 75 1.61 -7.08 6.84
N THR A 76 0.79 -7.01 7.88
CA THR A 76 -0.64 -7.21 7.73
C THR A 76 -1.41 -6.36 8.74
N ALA A 77 -2.33 -5.57 8.22
CA ALA A 77 -3.14 -4.71 9.08
C ALA A 77 -4.59 -4.75 8.59
N GLN A 78 -5.51 -4.66 9.55
CA GLN A 78 -6.92 -4.67 9.23
C GLN A 78 -7.36 -3.34 8.63
N LEU A 79 -8.26 -3.43 7.66
CA LEU A 79 -8.75 -2.23 7.00
C LEU A 79 -10.27 -2.14 7.20
N ASN A 80 -10.72 -0.94 7.54
CA ASN A 80 -12.13 -0.72 7.76
C ASN A 80 -12.80 -0.30 6.44
N LEU A 81 -13.59 -1.22 5.91
CA LEU A 81 -14.28 -0.96 4.66
C LEU A 81 -15.77 -0.73 4.94
N SER A 82 -16.35 0.18 4.17
CA SER A 82 -17.76 0.50 4.33
C SER A 82 -18.53 0.10 3.07
N PRO A 83 -19.86 -0.10 3.25
CA PRO A 83 -20.72 -0.49 2.14
C PRO A 83 -20.99 0.71 1.22
N TYR A 84 -20.99 0.42 -0.07
CA TYR A 84 -21.23 1.46 -1.07
C TYR A 84 -20.11 2.50 -1.06
N VAL A 85 -18.96 2.08 -1.57
CA VAL A 85 -17.80 2.96 -1.63
C VAL A 85 -16.62 2.20 -2.21
N ASN A 86 -16.24 2.57 -3.43
CA ASN A 86 -15.12 1.94 -4.10
C ASN A 86 -13.85 2.72 -3.82
N TYR A 87 -12.78 1.99 -3.58
CA TYR A 87 -11.49 2.61 -3.29
C TYR A 87 -10.36 1.58 -3.34
N SER A 88 -9.13 2.08 -3.34
CA SER A 88 -7.97 1.22 -3.39
C SER A 88 -7.24 1.26 -2.04
N PHE A 89 -6.14 0.53 -1.97
CA PHE A 89 -5.35 0.46 -0.76
C PHE A 89 -3.87 0.24 -1.08
N ARG A 90 -3.03 1.09 -0.50
CA ARG A 90 -1.60 1.00 -0.72
C ARG A 90 -0.87 0.85 0.62
N VAL A 91 0.44 0.68 0.52
CA VAL A 91 1.26 0.52 1.72
C VAL A 91 2.54 1.33 1.56
N MET A 92 2.99 1.90 2.67
CA MET A 92 4.20 2.71 2.66
C MET A 92 5.18 2.23 3.74
N ALA A 93 6.45 2.47 3.48
CA ALA A 93 7.49 2.06 4.41
C ALA A 93 8.28 3.30 4.85
N VAL A 94 8.63 3.32 6.13
CA VAL A 94 9.38 4.43 6.68
C VAL A 94 10.49 3.90 7.58
N ASN A 95 11.70 4.38 7.33
CA ASN A 95 12.85 3.96 8.11
C ASN A 95 13.57 5.19 8.66
N SER A 96 14.77 4.96 9.19
CA SER A 96 15.57 6.04 9.74
C SER A 96 15.64 7.20 8.75
N ILE A 97 15.80 6.86 7.49
CA ILE A 97 15.89 7.85 6.44
C ILE A 97 14.60 8.68 6.42
N GLY A 98 13.60 8.14 5.74
CA GLY A 98 12.31 8.81 5.64
C GLY A 98 11.23 7.85 5.15
N LYS A 99 10.20 8.42 4.55
CA LYS A 99 9.10 7.63 4.03
C LYS A 99 9.27 7.44 2.52
N SER A 100 9.07 6.21 2.09
CA SER A 100 9.19 5.89 0.68
C SER A 100 7.89 6.20 -0.06
N LEU A 101 7.92 6.01 -1.37
CA LEU A 101 6.75 6.26 -2.19
C LEU A 101 5.64 5.28 -1.82
N PRO A 102 4.38 5.66 -2.18
CA PRO A 102 3.23 4.82 -1.89
C PRO A 102 3.18 3.62 -2.83
N SER A 103 2.91 2.46 -2.23
CA SER A 103 2.83 1.23 -3.00
C SER A 103 1.99 1.46 -4.26
N GLU A 104 2.32 0.70 -5.30
CA GLU A 104 1.61 0.81 -6.56
C GLU A 104 0.13 1.01 -6.32
N ALA A 105 -0.53 -0.07 -5.92
CA ALA A 105 -1.96 -0.03 -5.66
C ALA A 105 -2.52 -1.45 -5.63
N SER A 106 -3.05 -1.83 -4.48
CA SER A 106 -3.61 -3.15 -4.31
C SER A 106 -4.87 -3.30 -5.18
N GLU A 107 -5.25 -4.55 -5.40
CA GLU A 107 -6.42 -4.84 -6.20
C GLU A 107 -7.60 -3.97 -5.77
N GLN A 108 -8.50 -3.73 -6.71
CA GLN A 108 -9.67 -2.92 -6.43
C GLN A 108 -10.67 -3.69 -5.59
N TYR A 109 -10.61 -3.47 -4.28
CA TYR A 109 -11.50 -4.14 -3.36
C TYR A 109 -12.76 -3.30 -3.10
N LEU A 110 -13.88 -3.81 -3.59
CA LEU A 110 -15.14 -3.13 -3.42
C LEU A 110 -16.05 -3.96 -2.51
N THR A 111 -16.66 -3.26 -1.56
CA THR A 111 -17.56 -3.92 -0.61
C THR A 111 -18.91 -4.20 -1.27
N LYS A 112 -19.79 -4.80 -0.50
CA LYS A 112 -21.12 -5.14 -0.99
C LYS A 112 -21.93 -3.85 -1.15
N ALA A 113 -22.91 -3.92 -2.05
CA ALA A 113 -23.77 -2.77 -2.31
C ALA A 113 -24.94 -3.21 -3.19
N SER A 114 -25.81 -4.01 -2.61
CA SER A 114 -26.98 -4.50 -3.33
C SER A 114 -26.58 -4.89 -4.76
N GLU A 115 -25.46 -5.59 -4.86
CA GLU A 115 -24.96 -6.02 -6.16
C GLU A 115 -23.74 -6.92 -5.98
N PRO A 116 -23.77 -8.07 -6.71
CA PRO A 116 -22.67 -9.03 -6.64
C PRO A 116 -21.45 -8.52 -7.42
N ASP A 117 -20.50 -9.42 -7.59
CA ASP A 117 -19.29 -9.08 -8.32
C ASP A 117 -18.38 -8.23 -7.42
N LYS A 118 -17.08 -8.39 -7.63
CA LYS A 118 -16.10 -7.65 -6.85
C LYS A 118 -15.49 -6.54 -7.71
N ASN A 119 -16.25 -5.47 -7.86
CA ASN A 119 -15.81 -4.33 -8.65
C ASN A 119 -15.77 -4.74 -10.13
N PRO A 120 -16.35 -3.85 -10.98
CA PRO A 120 -16.39 -4.10 -12.41
C PRO A 120 -15.01 -3.87 -13.05
N THR A 121 -14.82 -4.47 -14.21
CA THR A 121 -13.57 -4.35 -14.93
C THR A 121 -13.76 -3.49 -16.19
N SER A 122 -12.79 -2.62 -16.42
CA SER A 122 -12.84 -1.74 -17.57
C SER A 122 -11.50 -1.04 -17.76
N GLY A 123 -11.22 -0.68 -19.00
CA GLY A 123 -9.98 0.00 -19.33
C GLY A 123 -8.98 -0.97 -19.96
N PRO A 124 -8.05 -0.39 -20.76
CA PRO A 124 -7.04 -1.19 -21.43
C PRO A 124 -5.95 -1.63 -20.45
N SER A 125 -5.41 -2.81 -20.70
CA SER A 125 -4.36 -3.36 -19.85
C SER A 125 -3.21 -3.87 -20.70
N SER A 126 -2.00 -3.51 -20.29
CA SER A 126 -0.81 -3.93 -21.01
C SER A 126 -0.35 -5.30 -20.50
N GLY A 127 -0.03 -5.35 -19.22
CA GLY A 127 0.42 -6.60 -18.62
C GLY A 127 -0.55 -7.05 -17.53
N GLY A 1 18.58 8.60 -12.47
CA GLY A 1 19.96 9.07 -12.49
C GLY A 1 20.18 10.16 -11.45
N SER A 2 21.12 9.90 -10.55
CA SER A 2 21.44 10.86 -9.51
C SER A 2 22.81 11.49 -9.78
N SER A 3 23.04 12.63 -9.13
CA SER A 3 24.30 13.33 -9.29
C SER A 3 24.81 13.81 -7.93
N GLY A 4 26.06 13.44 -7.64
CA GLY A 4 26.67 13.81 -6.38
C GLY A 4 28.14 13.42 -6.36
N SER A 5 28.87 14.02 -5.42
CA SER A 5 30.29 13.74 -5.28
C SER A 5 30.56 13.08 -3.93
N SER A 6 31.31 11.99 -3.98
CA SER A 6 31.64 11.26 -2.77
C SER A 6 32.79 10.27 -3.06
N GLY A 7 33.99 10.69 -2.70
CA GLY A 7 35.16 9.86 -2.91
C GLY A 7 35.24 8.74 -1.88
N PRO A 8 36.43 8.62 -1.24
CA PRO A 8 36.64 7.60 -0.22
C PRO A 8 35.94 7.97 1.08
N THR A 9 35.12 7.04 1.56
CA THR A 9 34.39 7.25 2.79
C THR A 9 33.61 5.98 3.17
N PRO A 10 33.88 5.50 4.41
CA PRO A 10 33.22 4.31 4.91
C PRO A 10 31.77 4.60 5.29
N ALA A 11 30.88 4.39 4.35
CA ALA A 11 29.46 4.62 4.57
C ALA A 11 28.65 3.98 3.46
N PRO A 12 27.52 3.34 3.86
CA PRO A 12 26.64 2.68 2.91
C PRO A 12 25.83 3.70 2.11
N VAL A 13 24.81 3.19 1.43
CA VAL A 13 23.95 4.04 0.62
C VAL A 13 22.49 3.67 0.87
N TYR A 14 21.77 4.59 1.49
CA TYR A 14 20.36 4.36 1.79
C TYR A 14 19.47 5.00 0.73
N ASP A 15 18.19 5.11 1.08
CA ASP A 15 17.22 5.70 0.17
C ASP A 15 15.82 5.20 0.53
N VAL A 16 15.49 5.36 1.80
CA VAL A 16 14.18 4.94 2.29
C VAL A 16 13.92 3.51 1.83
N PRO A 17 12.94 2.85 2.52
CA PRO A 17 12.58 1.49 2.19
C PRO A 17 11.75 1.43 0.91
N ASN A 18 12.28 0.70 -0.07
CA ASN A 18 11.61 0.56 -1.35
C ASN A 18 10.12 0.29 -1.11
N PRO A 19 9.32 0.48 -2.19
CA PRO A 19 7.89 0.27 -2.11
C PRO A 19 7.56 -1.22 -2.09
N PRO A 20 6.49 -1.57 -1.31
CA PRO A 20 6.07 -2.95 -1.19
C PRO A 20 5.33 -3.40 -2.45
N PHE A 21 5.06 -4.70 -2.51
CA PHE A 21 4.36 -5.27 -3.64
C PHE A 21 3.57 -6.52 -3.23
N ASP A 22 2.83 -7.05 -4.20
CA ASP A 22 2.03 -8.24 -3.95
C ASP A 22 0.85 -7.86 -3.06
N LEU A 23 0.61 -6.57 -2.94
CA LEU A 23 -0.48 -6.07 -2.13
C LEU A 23 -1.78 -6.81 -2.51
N GLU A 24 -2.45 -7.30 -1.47
CA GLU A 24 -3.69 -8.03 -1.68
C GLU A 24 -4.48 -8.10 -0.38
N LEU A 25 -5.80 -8.18 -0.53
CA LEU A 25 -6.69 -8.25 0.63
C LEU A 25 -7.11 -9.70 0.85
N THR A 26 -6.62 -10.26 1.94
CA THR A 26 -6.94 -11.64 2.29
C THR A 26 -7.43 -11.72 3.74
N ASP A 27 -8.69 -12.09 3.88
CA ASP A 27 -9.29 -12.23 5.19
C ASP A 27 -10.28 -13.40 5.19
N GLN A 28 -10.40 -14.04 6.35
CA GLN A 28 -11.30 -15.16 6.49
C GLN A 28 -11.77 -15.29 7.94
N LEU A 29 -12.14 -14.17 8.51
CA LEU A 29 -12.61 -14.14 9.89
C LEU A 29 -14.06 -13.64 9.93
N ASP A 30 -14.20 -12.33 9.78
CA ASP A 30 -15.52 -11.72 9.79
C ASP A 30 -15.39 -10.28 10.28
N LYS A 31 -14.71 -10.12 11.40
CA LYS A 31 -14.51 -8.79 11.98
C LYS A 31 -14.27 -7.79 10.86
N SER A 32 -13.16 -7.99 10.16
CA SER A 32 -12.80 -7.10 9.06
C SER A 32 -11.84 -7.81 8.10
N VAL A 33 -11.28 -7.04 7.19
CA VAL A 33 -10.36 -7.58 6.21
C VAL A 33 -8.92 -7.19 6.61
N GLN A 34 -7.98 -7.96 6.09
CA GLN A 34 -6.57 -7.70 6.38
C GLN A 34 -5.80 -7.42 5.08
N LEU A 35 -5.08 -6.31 5.08
CA LEU A 35 -4.30 -5.93 3.92
C LEU A 35 -2.89 -6.52 4.04
N SER A 36 -2.56 -7.37 3.08
CA SER A 36 -1.25 -8.00 3.06
C SER A 36 -0.33 -7.29 2.08
N TRP A 37 0.84 -6.90 2.57
CA TRP A 37 1.81 -6.21 1.75
C TRP A 37 3.18 -6.86 1.98
N THR A 38 4.08 -6.62 1.04
CA THR A 38 5.42 -7.17 1.13
C THR A 38 6.46 -6.06 0.98
N PRO A 39 7.19 -5.79 2.10
CA PRO A 39 8.21 -4.75 2.10
C PRO A 39 9.46 -5.24 1.37
N GLY A 40 9.67 -4.69 0.18
CA GLY A 40 10.82 -5.04 -0.62
C GLY A 40 12.12 -4.72 0.11
N ASP A 41 13.08 -4.22 -0.65
CA ASP A 41 14.37 -3.86 -0.09
C ASP A 41 14.19 -2.79 0.98
N ASP A 42 15.14 -2.73 1.89
CA ASP A 42 15.10 -1.76 2.98
C ASP A 42 16.13 -0.65 2.72
N ASN A 43 17.06 -0.97 1.83
CA ASN A 43 18.11 -0.02 1.48
C ASN A 43 18.92 0.33 2.74
N ASN A 44 19.65 -0.67 3.21
CA ASN A 44 20.47 -0.49 4.40
C ASN A 44 19.57 -0.25 5.62
N SER A 45 18.80 0.83 5.54
CA SER A 45 17.89 1.18 6.62
C SER A 45 16.71 0.21 6.64
N PRO A 46 16.61 -0.56 7.76
CA PRO A 46 15.53 -1.52 7.92
C PRO A 46 14.21 -0.83 8.23
N ILE A 47 13.14 -1.38 7.67
CA ILE A 47 11.82 -0.82 7.88
C ILE A 47 11.55 -0.72 9.39
N THR A 48 10.86 0.35 9.77
CA THR A 48 10.53 0.58 11.16
C THR A 48 9.02 0.72 11.34
N LYS A 49 8.38 1.29 10.33
CA LYS A 49 6.94 1.49 10.36
C LYS A 49 6.38 1.31 8.95
N PHE A 50 5.08 1.05 8.89
CA PHE A 50 4.42 0.86 7.61
C PHE A 50 3.10 1.65 7.56
N ILE A 51 3.11 2.71 6.78
CA ILE A 51 1.93 3.55 6.64
C ILE A 51 1.08 3.02 5.49
N ILE A 52 -0.22 3.29 5.60
CA ILE A 52 -1.15 2.85 4.57
C ILE A 52 -2.08 4.01 4.19
N GLU A 53 -2.60 3.93 2.98
CA GLU A 53 -3.49 4.97 2.48
C GLU A 53 -4.49 4.37 1.48
N TYR A 54 -5.46 5.19 1.11
CA TYR A 54 -6.47 4.76 0.16
C TYR A 54 -7.13 5.97 -0.51
N GLU A 55 -7.76 5.69 -1.65
CA GLU A 55 -8.44 6.74 -2.40
C GLU A 55 -9.82 6.26 -2.86
N ASP A 56 -10.75 7.20 -2.93
CA ASP A 56 -12.09 6.88 -3.35
C ASP A 56 -12.21 7.08 -4.87
N ALA A 57 -12.01 5.98 -5.58
CA ALA A 57 -12.09 6.02 -7.04
C ALA A 57 -13.56 6.05 -7.46
N MET A 58 -14.43 5.97 -6.47
CA MET A 58 -15.86 5.99 -6.73
C MET A 58 -16.43 7.40 -6.56
N HIS A 59 -15.56 8.30 -6.12
CA HIS A 59 -15.96 9.69 -5.93
C HIS A 59 -14.84 10.62 -6.39
N LYS A 60 -13.69 10.46 -5.76
CA LYS A 60 -12.53 11.29 -6.09
C LYS A 60 -11.31 10.39 -6.23
N PRO A 61 -11.07 9.94 -7.50
CA PRO A 61 -9.94 9.07 -7.79
C PRO A 61 -8.63 9.87 -7.80
N GLY A 62 -7.71 9.43 -6.95
CA GLY A 62 -6.42 10.10 -6.85
C GLY A 62 -6.24 10.73 -5.47
N LEU A 63 -7.36 10.98 -4.82
CA LEU A 63 -7.35 11.59 -3.50
C LEU A 63 -7.04 10.52 -2.45
N TRP A 64 -5.79 10.50 -2.01
CA TRP A 64 -5.36 9.53 -1.01
C TRP A 64 -5.53 10.17 0.37
N HIS A 65 -5.98 9.36 1.30
CA HIS A 65 -6.19 9.84 2.67
C HIS A 65 -5.51 8.88 3.65
N HIS A 66 -4.89 9.47 4.66
CA HIS A 66 -4.20 8.69 5.67
C HIS A 66 -5.13 7.63 6.24
N GLN A 67 -4.70 6.39 6.13
CA GLN A 67 -5.49 5.27 6.63
C GLN A 67 -5.01 4.85 8.03
N THR A 68 -3.88 4.18 8.04
CA THR A 68 -3.30 3.71 9.30
C THR A 68 -1.90 3.15 9.06
N GLU A 69 -1.08 3.22 10.11
CA GLU A 69 0.29 2.72 10.02
C GLU A 69 0.51 1.65 11.09
N VAL A 70 1.56 0.87 10.88
CA VAL A 70 1.91 -0.20 11.82
C VAL A 70 3.43 -0.22 12.02
N SER A 71 3.87 -1.21 12.78
CA SER A 71 5.28 -1.36 13.05
C SER A 71 6.01 -1.87 11.80
N GLY A 72 7.33 -1.84 11.87
CA GLY A 72 8.15 -2.30 10.76
C GLY A 72 8.47 -3.79 10.89
N THR A 73 7.63 -4.48 11.64
CA THR A 73 7.81 -5.91 11.86
C THR A 73 6.64 -6.68 11.26
N GLN A 74 5.47 -6.08 11.34
CA GLN A 74 4.26 -6.70 10.82
C GLN A 74 4.06 -6.32 9.34
N THR A 75 3.26 -7.13 8.66
CA THR A 75 2.99 -6.89 7.26
C THR A 75 1.51 -7.16 6.95
N THR A 76 0.69 -7.09 8.00
CA THR A 76 -0.73 -7.32 7.85
C THR A 76 -1.51 -6.41 8.81
N ALA A 77 -2.33 -5.55 8.21
CA ALA A 77 -3.14 -4.63 8.99
C ALA A 77 -4.60 -4.74 8.55
N GLN A 78 -5.49 -4.73 9.54
CA GLN A 78 -6.91 -4.83 9.27
C GLN A 78 -7.41 -3.54 8.62
N LEU A 79 -8.25 -3.72 7.61
CA LEU A 79 -8.81 -2.58 6.89
C LEU A 79 -10.33 -2.55 7.10
N ASN A 80 -10.80 -1.41 7.57
CA ASN A 80 -12.22 -1.24 7.82
C ASN A 80 -12.90 -0.74 6.55
N LEU A 81 -13.66 -1.63 5.92
CA LEU A 81 -14.36 -1.29 4.71
C LEU A 81 -15.84 -1.06 5.01
N SER A 82 -16.51 -0.38 4.10
CA SER A 82 -17.93 -0.10 4.26
C SER A 82 -18.66 -0.30 2.94
N PRO A 83 -20.01 -0.41 3.03
CA PRO A 83 -20.85 -0.61 1.86
C PRO A 83 -20.97 0.68 1.06
N TYR A 84 -21.04 0.52 -0.26
CA TYR A 84 -21.16 1.66 -1.14
C TYR A 84 -19.94 2.59 -1.02
N VAL A 85 -18.83 2.14 -1.58
CA VAL A 85 -17.60 2.90 -1.55
C VAL A 85 -16.47 2.09 -2.17
N ASN A 86 -16.00 2.57 -3.31
CA ASN A 86 -14.92 1.90 -4.03
C ASN A 86 -13.63 2.68 -3.83
N TYR A 87 -12.56 1.95 -3.50
CA TYR A 87 -11.27 2.56 -3.30
C TYR A 87 -10.16 1.51 -3.28
N SER A 88 -8.93 2.00 -3.44
CA SER A 88 -7.78 1.11 -3.45
C SER A 88 -7.04 1.19 -2.11
N PHE A 89 -5.94 0.45 -2.03
CA PHE A 89 -5.14 0.44 -0.82
C PHE A 89 -3.65 0.50 -1.15
N ARG A 90 -2.97 1.44 -0.51
CA ARG A 90 -1.54 1.62 -0.73
C ARG A 90 -0.79 1.46 0.59
N VAL A 91 0.40 0.88 0.48
CA VAL A 91 1.24 0.66 1.65
C VAL A 91 2.53 1.46 1.50
N MET A 92 3.01 1.96 2.64
CA MET A 92 4.24 2.74 2.64
C MET A 92 5.20 2.23 3.72
N ALA A 93 6.48 2.48 3.49
CA ALA A 93 7.51 2.07 4.42
C ALA A 93 8.32 3.28 4.88
N VAL A 94 8.65 3.29 6.15
CA VAL A 94 9.42 4.39 6.72
C VAL A 94 10.53 3.83 7.61
N ASN A 95 11.73 4.37 7.42
CA ASN A 95 12.88 3.93 8.19
C ASN A 95 13.61 5.15 8.74
N SER A 96 14.79 4.90 9.29
CA SER A 96 15.59 5.97 9.87
C SER A 96 15.72 7.12 8.86
N ILE A 97 15.85 6.75 7.59
CA ILE A 97 15.98 7.74 6.54
C ILE A 97 14.70 8.57 6.47
N GLY A 98 13.70 8.03 5.78
CA GLY A 98 12.43 8.71 5.64
C GLY A 98 11.34 7.75 5.14
N LYS A 99 10.30 8.33 4.57
CA LYS A 99 9.20 7.55 4.06
C LYS A 99 9.37 7.35 2.55
N SER A 100 8.99 6.17 2.09
CA SER A 100 9.11 5.83 0.68
C SER A 100 7.77 6.08 -0.02
N LEU A 101 7.84 6.11 -1.35
CA LEU A 101 6.64 6.35 -2.15
C LEU A 101 5.57 5.33 -1.76
N PRO A 102 4.31 5.64 -2.17
CA PRO A 102 3.19 4.76 -1.86
C PRO A 102 3.21 3.52 -2.76
N SER A 103 2.98 2.37 -2.13
CA SER A 103 2.96 1.11 -2.86
C SER A 103 2.19 1.28 -4.17
N GLU A 104 2.47 0.37 -5.09
CA GLU A 104 1.81 0.40 -6.39
C GLU A 104 0.34 0.81 -6.22
N ALA A 105 -0.47 -0.15 -5.81
CA ALA A 105 -1.89 0.09 -5.62
C ALA A 105 -2.65 -1.23 -5.66
N SER A 106 -2.79 -1.84 -4.49
CA SER A 106 -3.48 -3.10 -4.38
C SER A 106 -4.76 -3.07 -5.21
N GLU A 107 -5.31 -4.25 -5.45
CA GLU A 107 -6.53 -4.38 -6.23
C GLU A 107 -7.63 -3.49 -5.63
N GLN A 108 -8.58 -3.13 -6.48
CA GLN A 108 -9.69 -2.29 -6.05
C GLN A 108 -10.72 -3.12 -5.30
N TYR A 109 -10.61 -3.11 -3.97
CA TYR A 109 -11.54 -3.85 -3.14
C TYR A 109 -12.85 -3.09 -2.97
N LEU A 110 -13.94 -3.82 -3.19
CA LEU A 110 -15.27 -3.23 -3.07
C LEU A 110 -16.16 -4.16 -2.23
N THR A 111 -16.88 -3.55 -1.30
CA THR A 111 -17.76 -4.31 -0.43
C THR A 111 -19.14 -4.47 -1.10
N LYS A 112 -19.98 -5.27 -0.45
CA LYS A 112 -21.31 -5.53 -0.96
C LYS A 112 -22.20 -4.32 -0.67
N ALA A 113 -22.87 -3.85 -1.71
CA ALA A 113 -23.75 -2.70 -1.58
C ALA A 113 -24.95 -2.87 -2.53
N SER A 114 -25.78 -3.84 -2.21
CA SER A 114 -26.96 -4.12 -3.01
C SER A 114 -26.54 -4.47 -4.45
N GLU A 115 -25.43 -5.20 -4.54
CA GLU A 115 -24.92 -5.60 -5.84
C GLU A 115 -23.79 -6.62 -5.67
N PRO A 116 -23.89 -7.73 -6.46
CA PRO A 116 -22.90 -8.78 -6.40
C PRO A 116 -21.61 -8.35 -7.10
N ASP A 117 -20.79 -9.34 -7.42
CA ASP A 117 -19.52 -9.08 -8.10
C ASP A 117 -18.56 -8.39 -7.13
N LYS A 118 -17.33 -8.24 -7.58
CA LYS A 118 -16.31 -7.59 -6.76
C LYS A 118 -15.68 -6.45 -7.55
N ASN A 119 -16.33 -5.30 -7.48
CA ASN A 119 -15.84 -4.12 -8.19
C ASN A 119 -15.78 -4.42 -9.69
N PRO A 120 -16.81 -3.92 -10.42
CA PRO A 120 -16.88 -4.13 -11.86
C PRO A 120 -15.88 -3.23 -12.59
N THR A 121 -15.96 -1.94 -12.27
CA THR A 121 -15.07 -0.97 -12.89
C THR A 121 -13.68 -1.02 -12.24
N SER A 122 -12.85 -1.89 -12.77
CA SER A 122 -11.49 -2.04 -12.24
C SER A 122 -10.54 -1.09 -12.97
N GLY A 123 -9.96 -0.18 -12.21
CA GLY A 123 -9.02 0.78 -12.77
C GLY A 123 -7.97 0.09 -13.63
N PRO A 124 -7.36 0.89 -14.55
CA PRO A 124 -6.34 0.37 -15.44
C PRO A 124 -5.02 0.16 -14.69
N SER A 125 -4.56 -1.08 -14.72
CA SER A 125 -3.32 -1.43 -14.05
C SER A 125 -2.37 -2.13 -15.03
N SER A 126 -1.20 -1.56 -15.21
CA SER A 126 -0.21 -2.12 -16.11
C SER A 126 -0.02 -3.60 -15.81
N GLY A 127 -0.44 -4.43 -16.76
CA GLY A 127 -0.32 -5.87 -16.60
C GLY A 127 -1.67 -6.56 -16.78
N GLY A 1 14.77 7.18 -21.68
CA GLY A 1 15.43 6.13 -20.91
C GLY A 1 16.94 6.31 -20.93
N SER A 2 17.48 6.64 -19.77
CA SER A 2 18.92 6.85 -19.64
C SER A 2 19.29 7.00 -18.16
N SER A 3 20.58 6.87 -17.89
CA SER A 3 21.09 7.00 -16.54
C SER A 3 22.62 6.92 -16.54
N GLY A 4 23.19 7.14 -15.36
CA GLY A 4 24.63 7.11 -15.21
C GLY A 4 25.04 7.60 -13.83
N SER A 5 25.75 6.74 -13.11
CA SER A 5 26.22 7.07 -11.77
C SER A 5 27.10 5.95 -11.24
N SER A 6 28.26 6.34 -10.72
CA SER A 6 29.19 5.37 -10.17
C SER A 6 28.99 5.25 -8.66
N GLY A 7 29.28 6.34 -7.96
CA GLY A 7 29.13 6.37 -6.51
C GLY A 7 30.44 5.97 -5.82
N PRO A 8 30.58 6.45 -4.55
CA PRO A 8 31.77 6.16 -3.77
C PRO A 8 31.75 4.72 -3.26
N THR A 9 32.87 4.04 -3.48
CA THR A 9 32.99 2.65 -3.05
C THR A 9 32.76 2.55 -1.54
N PRO A 10 33.53 3.37 -0.77
CA PRO A 10 33.42 3.38 0.68
C PRO A 10 32.15 4.09 1.13
N ALA A 11 31.62 3.63 2.25
CA ALA A 11 30.40 4.21 2.79
C ALA A 11 29.18 3.62 2.07
N PRO A 12 28.15 3.28 2.89
CA PRO A 12 26.93 2.70 2.35
C PRO A 12 26.08 3.77 1.66
N VAL A 13 24.87 3.37 1.31
CA VAL A 13 23.95 4.28 0.65
C VAL A 13 22.51 3.88 0.98
N TYR A 14 21.70 4.89 1.28
CA TYR A 14 20.31 4.66 1.62
C TYR A 14 19.37 5.33 0.61
N ASP A 15 18.09 5.30 0.93
CA ASP A 15 17.09 5.91 0.06
C ASP A 15 15.71 5.39 0.45
N VAL A 16 15.40 5.52 1.73
CA VAL A 16 14.12 5.08 2.25
C VAL A 16 13.85 3.64 1.78
N PRO A 17 12.88 2.98 2.47
CA PRO A 17 12.53 1.61 2.13
C PRO A 17 11.69 1.57 0.85
N ASN A 18 12.20 0.85 -0.13
CA ASN A 18 11.52 0.72 -1.40
C ASN A 18 10.03 0.46 -1.15
N PRO A 19 9.23 0.65 -2.22
CA PRO A 19 7.79 0.44 -2.13
C PRO A 19 7.45 -1.05 -2.09
N PRO A 20 6.34 -1.36 -1.36
CA PRO A 20 5.90 -2.74 -1.23
C PRO A 20 5.23 -3.23 -2.51
N PHE A 21 4.98 -4.53 -2.55
CA PHE A 21 4.35 -5.13 -3.72
C PHE A 21 3.56 -6.38 -3.33
N ASP A 22 2.94 -6.99 -4.33
CA ASP A 22 2.15 -8.18 -4.10
C ASP A 22 0.95 -7.85 -3.21
N LEU A 23 0.70 -6.55 -3.08
CA LEU A 23 -0.40 -6.09 -2.26
C LEU A 23 -1.67 -6.88 -2.61
N GLU A 24 -2.35 -7.33 -1.58
CA GLU A 24 -3.57 -8.10 -1.76
C GLU A 24 -4.40 -8.10 -0.48
N LEU A 25 -5.70 -8.17 -0.65
CA LEU A 25 -6.62 -8.18 0.48
C LEU A 25 -7.09 -9.61 0.74
N THR A 26 -6.85 -10.06 1.97
CA THR A 26 -7.23 -11.41 2.36
C THR A 26 -7.73 -11.42 3.81
N ASP A 27 -9.01 -11.76 3.95
CA ASP A 27 -9.62 -11.81 5.27
C ASP A 27 -10.61 -12.98 5.32
N GLN A 28 -10.84 -13.46 6.53
CA GLN A 28 -11.77 -14.56 6.73
C GLN A 28 -12.94 -14.13 7.60
N LEU A 29 -12.88 -12.88 8.06
CA LEU A 29 -13.93 -12.33 8.89
C LEU A 29 -14.63 -11.20 8.14
N ASP A 30 -15.93 -11.08 8.41
CA ASP A 30 -16.73 -10.05 7.76
C ASP A 30 -16.88 -8.85 8.71
N LYS A 31 -15.86 -8.01 8.70
CA LYS A 31 -15.85 -6.83 9.56
C LYS A 31 -14.65 -5.97 9.21
N SER A 32 -13.47 -6.58 9.31
CA SER A 32 -12.24 -5.87 9.01
C SER A 32 -11.33 -6.75 8.13
N VAL A 33 -11.11 -6.26 6.92
CA VAL A 33 -10.27 -6.99 5.98
C VAL A 33 -8.79 -6.69 6.27
N GLN A 34 -7.97 -7.71 6.11
CA GLN A 34 -6.54 -7.57 6.36
C GLN A 34 -5.80 -7.30 5.04
N LEU A 35 -4.95 -6.29 5.08
CA LEU A 35 -4.17 -5.92 3.92
C LEU A 35 -2.76 -6.48 4.05
N SER A 36 -2.44 -7.42 3.16
CA SER A 36 -1.13 -8.04 3.17
C SER A 36 -0.22 -7.36 2.15
N TRP A 37 0.85 -6.76 2.64
CA TRP A 37 1.80 -6.08 1.79
C TRP A 37 3.17 -6.72 1.97
N THR A 38 4.05 -6.47 1.02
CA THR A 38 5.39 -7.03 1.08
C THR A 38 6.44 -5.92 0.92
N PRO A 39 7.18 -5.67 2.04
CA PRO A 39 8.20 -4.64 2.04
C PRO A 39 9.44 -5.10 1.27
N GLY A 40 9.60 -4.53 0.08
CA GLY A 40 10.74 -4.88 -0.76
C GLY A 40 12.06 -4.54 -0.06
N ASP A 41 13.03 -4.12 -0.86
CA ASP A 41 14.34 -3.77 -0.34
C ASP A 41 14.18 -2.67 0.72
N ASP A 42 15.14 -2.63 1.63
CA ASP A 42 15.12 -1.64 2.70
C ASP A 42 16.16 -0.57 2.40
N ASN A 43 17.08 -0.91 1.52
CA ASN A 43 18.14 0.02 1.15
C ASN A 43 18.97 0.37 2.39
N ASN A 44 19.69 -0.63 2.88
CA ASN A 44 20.52 -0.44 4.05
C ASN A 44 19.64 -0.18 5.27
N SER A 45 18.87 0.91 5.19
CA SER A 45 17.98 1.27 6.27
C SER A 45 16.78 0.32 6.31
N PRO A 46 16.67 -0.42 7.44
CA PRO A 46 15.58 -1.37 7.61
C PRO A 46 14.27 -0.65 7.91
N ILE A 47 13.17 -1.33 7.61
CA ILE A 47 11.85 -0.77 7.85
C ILE A 47 11.60 -0.69 9.35
N THR A 48 10.88 0.35 9.74
CA THR A 48 10.56 0.57 11.14
C THR A 48 9.05 0.71 11.32
N LYS A 49 8.42 1.31 10.32
CA LYS A 49 6.98 1.51 10.37
C LYS A 49 6.40 1.32 8.97
N PHE A 50 5.11 1.04 8.93
CA PHE A 50 4.42 0.82 7.66
C PHE A 50 3.10 1.60 7.62
N ILE A 51 3.09 2.66 6.83
CA ILE A 51 1.91 3.49 6.69
C ILE A 51 1.04 2.94 5.55
N ILE A 52 -0.25 3.22 5.65
CA ILE A 52 -1.20 2.76 4.64
C ILE A 52 -2.07 3.94 4.20
N GLU A 53 -2.59 3.82 2.99
CA GLU A 53 -3.45 4.86 2.44
C GLU A 53 -4.48 4.25 1.50
N TYR A 54 -5.45 5.08 1.11
CA TYR A 54 -6.50 4.63 0.22
C TYR A 54 -7.15 5.82 -0.50
N GLU A 55 -7.79 5.51 -1.61
CA GLU A 55 -8.46 6.54 -2.40
C GLU A 55 -9.83 6.04 -2.86
N ASP A 56 -10.74 6.99 -3.04
CA ASP A 56 -12.08 6.68 -3.49
C ASP A 56 -12.20 6.93 -4.98
N ALA A 57 -12.18 5.86 -5.74
CA ALA A 57 -12.30 5.95 -7.19
C ALA A 57 -13.73 6.30 -7.57
N MET A 58 -14.65 5.90 -6.72
CA MET A 58 -16.07 6.16 -6.95
C MET A 58 -16.40 7.62 -6.65
N HIS A 59 -15.47 8.30 -5.99
CA HIS A 59 -15.65 9.69 -5.64
C HIS A 59 -14.55 10.53 -6.28
N LYS A 60 -13.33 10.31 -5.81
CA LYS A 60 -12.18 11.04 -6.33
C LYS A 60 -11.00 10.08 -6.46
N PRO A 61 -10.81 9.57 -7.71
CA PRO A 61 -9.72 8.65 -7.98
C PRO A 61 -8.39 9.39 -8.05
N GLY A 62 -7.57 9.16 -7.03
CA GLY A 62 -6.26 9.79 -6.95
C GLY A 62 -6.04 10.44 -5.59
N LEU A 63 -7.15 10.75 -4.93
CA LEU A 63 -7.09 11.36 -3.61
C LEU A 63 -6.83 10.29 -2.56
N TRP A 64 -5.62 10.32 -2.02
CA TRP A 64 -5.23 9.36 -1.00
C TRP A 64 -5.36 10.03 0.36
N HIS A 65 -5.84 9.26 1.32
CA HIS A 65 -6.02 9.77 2.67
C HIS A 65 -5.28 8.87 3.67
N HIS A 66 -4.89 9.46 4.78
CA HIS A 66 -4.17 8.72 5.81
C HIS A 66 -5.10 7.67 6.42
N GLN A 67 -4.73 6.41 6.23
CA GLN A 67 -5.51 5.31 6.76
C GLN A 67 -5.00 4.91 8.14
N THR A 68 -3.88 4.19 8.13
CA THR A 68 -3.27 3.73 9.37
C THR A 68 -1.87 3.17 9.10
N GLU A 69 -1.08 3.13 10.16
CA GLU A 69 0.28 2.62 10.06
C GLU A 69 0.53 1.54 11.11
N VAL A 70 1.58 0.78 10.90
CA VAL A 70 1.94 -0.29 11.83
C VAL A 70 3.46 -0.30 12.01
N SER A 71 3.92 -1.30 12.75
CA SER A 71 5.34 -1.44 13.02
C SER A 71 6.05 -1.92 11.74
N GLY A 72 7.38 -1.86 11.80
CA GLY A 72 8.19 -2.27 10.67
C GLY A 72 8.52 -3.76 10.74
N THR A 73 7.68 -4.48 11.46
CA THR A 73 7.87 -5.92 11.62
C THR A 73 6.68 -6.68 11.01
N GLN A 74 5.50 -6.12 11.20
CA GLN A 74 4.29 -6.73 10.67
C GLN A 74 4.07 -6.31 9.21
N THR A 75 3.29 -7.12 8.51
CA THR A 75 3.00 -6.84 7.11
C THR A 75 1.51 -7.06 6.83
N THR A 76 0.73 -7.07 7.90
CA THR A 76 -0.71 -7.26 7.78
C THR A 76 -1.45 -6.39 8.80
N ALA A 77 -2.42 -5.65 8.28
CA ALA A 77 -3.22 -4.78 9.11
C ALA A 77 -4.67 -4.80 8.64
N GLN A 78 -5.58 -4.60 9.58
CA GLN A 78 -7.00 -4.59 9.27
C GLN A 78 -7.40 -3.24 8.67
N LEU A 79 -8.28 -3.31 7.67
CA LEU A 79 -8.75 -2.11 7.01
C LEU A 79 -10.26 -1.97 7.23
N ASN A 80 -10.65 -0.82 7.75
CA ASN A 80 -12.06 -0.55 8.01
C ASN A 80 -12.74 -0.16 6.69
N LEU A 81 -13.57 -1.06 6.21
CA LEU A 81 -14.30 -0.82 4.97
C LEU A 81 -15.77 -0.60 5.28
N SER A 82 -16.39 0.26 4.47
CA SER A 82 -17.80 0.58 4.66
C SER A 82 -18.59 0.18 3.40
N PRO A 83 -19.93 0.04 3.59
CA PRO A 83 -20.81 -0.34 2.51
C PRO A 83 -21.03 0.83 1.55
N TYR A 84 -20.98 0.53 0.26
CA TYR A 84 -21.17 1.55 -0.76
C TYR A 84 -20.04 2.58 -0.72
N VAL A 85 -18.91 2.20 -1.31
CA VAL A 85 -17.75 3.07 -1.35
C VAL A 85 -16.56 2.31 -1.93
N ASN A 86 -16.26 2.61 -3.19
CA ASN A 86 -15.16 1.96 -3.87
C ASN A 86 -13.87 2.74 -3.59
N TYR A 87 -12.77 1.99 -3.54
CA TYR A 87 -11.48 2.59 -3.27
C TYR A 87 -10.37 1.54 -3.33
N SER A 88 -9.13 2.03 -3.28
CA SER A 88 -7.98 1.14 -3.33
C SER A 88 -7.26 1.17 -1.99
N PHE A 89 -6.17 0.41 -1.92
CA PHE A 89 -5.38 0.34 -0.71
C PHE A 89 -3.90 0.13 -1.03
N ARG A 90 -3.07 1.02 -0.50
CA ARG A 90 -1.64 0.94 -0.71
C ARG A 90 -0.91 0.76 0.62
N VAL A 91 0.42 0.72 0.52
CA VAL A 91 1.24 0.56 1.72
C VAL A 91 2.53 1.36 1.55
N MET A 92 2.99 1.90 2.68
CA MET A 92 4.20 2.70 2.67
C MET A 92 5.18 2.23 3.75
N ALA A 93 6.46 2.49 3.51
CA ALA A 93 7.49 2.09 4.45
C ALA A 93 8.27 3.33 4.90
N VAL A 94 8.62 3.33 6.17
CA VAL A 94 9.36 4.45 6.75
C VAL A 94 10.45 3.91 7.67
N ASN A 95 11.65 4.42 7.46
CA ASN A 95 12.79 4.00 8.27
C ASN A 95 13.55 5.24 8.74
N SER A 96 14.71 4.99 9.34
CA SER A 96 15.56 6.06 9.83
C SER A 96 15.58 7.21 8.83
N ILE A 97 15.85 6.87 7.58
CA ILE A 97 15.92 7.85 6.52
C ILE A 97 14.63 8.68 6.53
N GLY A 98 13.65 8.21 5.75
CA GLY A 98 12.38 8.90 5.67
C GLY A 98 11.27 7.95 5.19
N LYS A 99 10.24 8.54 4.62
CA LYS A 99 9.12 7.77 4.12
C LYS A 99 9.26 7.59 2.60
N SER A 100 9.06 6.36 2.16
CA SER A 100 9.15 6.05 0.74
C SER A 100 7.83 6.35 0.04
N LEU A 101 7.83 6.21 -1.27
CA LEU A 101 6.64 6.45 -2.06
C LEU A 101 5.58 5.40 -1.73
N PRO A 102 4.31 5.73 -2.10
CA PRO A 102 3.21 4.81 -1.85
C PRO A 102 3.23 3.64 -2.83
N SER A 103 3.00 2.45 -2.29
CA SER A 103 3.00 1.25 -3.10
C SER A 103 2.09 1.44 -4.31
N GLU A 104 2.33 0.62 -5.33
CA GLU A 104 1.54 0.69 -6.54
C GLU A 104 0.06 0.88 -6.21
N ALA A 105 -0.57 -0.22 -5.81
CA ALA A 105 -1.98 -0.19 -5.46
C ALA A 105 -2.55 -1.61 -5.55
N SER A 106 -3.00 -2.10 -4.40
CA SER A 106 -3.57 -3.44 -4.33
C SER A 106 -4.83 -3.51 -5.20
N GLU A 107 -5.24 -4.74 -5.48
CA GLU A 107 -6.42 -4.97 -6.30
C GLU A 107 -7.58 -4.10 -5.81
N GLN A 108 -8.44 -3.74 -6.74
CA GLN A 108 -9.60 -2.91 -6.42
C GLN A 108 -10.59 -3.70 -5.58
N TYR A 109 -10.49 -3.52 -4.27
CA TYR A 109 -11.38 -4.21 -3.35
C TYR A 109 -12.64 -3.39 -3.09
N LEU A 110 -13.77 -3.96 -3.47
CA LEU A 110 -15.05 -3.31 -3.29
C LEU A 110 -15.96 -4.19 -2.44
N THR A 111 -16.48 -3.61 -1.37
CA THR A 111 -17.35 -4.33 -0.47
C THR A 111 -18.71 -4.58 -1.13
N LYS A 112 -19.61 -5.16 -0.35
CA LYS A 112 -20.94 -5.45 -0.86
C LYS A 112 -21.79 -4.18 -0.83
N ALA A 113 -22.85 -4.20 -1.62
CA ALA A 113 -23.75 -3.05 -1.70
C ALA A 113 -24.90 -3.37 -2.64
N SER A 114 -26.11 -3.20 -2.13
CA SER A 114 -27.31 -3.47 -2.91
C SER A 114 -27.42 -2.46 -4.07
N GLU A 115 -26.69 -2.75 -5.13
CA GLU A 115 -26.69 -1.89 -6.30
C GLU A 115 -25.85 -2.50 -7.41
N PRO A 116 -26.25 -2.19 -8.67
CA PRO A 116 -25.54 -2.70 -9.83
C PRO A 116 -24.22 -1.96 -10.04
N ASP A 117 -24.28 -0.90 -10.82
CA ASP A 117 -23.10 -0.09 -11.09
C ASP A 117 -21.95 -1.02 -11.48
N LYS A 118 -20.77 -0.42 -11.62
CA LYS A 118 -19.58 -1.17 -11.99
C LYS A 118 -19.21 -2.11 -10.83
N ASN A 119 -18.49 -1.54 -9.87
CA ASN A 119 -18.07 -2.31 -8.71
C ASN A 119 -17.78 -3.75 -9.13
N PRO A 120 -16.61 -3.92 -9.81
CA PRO A 120 -16.20 -5.24 -10.28
C PRO A 120 -15.69 -6.09 -9.12
N THR A 121 -15.17 -5.41 -8.10
CA THR A 121 -14.65 -6.10 -6.94
C THR A 121 -13.46 -6.98 -7.32
N SER A 122 -13.78 -8.16 -7.82
CA SER A 122 -12.75 -9.11 -8.23
C SER A 122 -13.13 -9.75 -9.56
N GLY A 123 -12.13 -10.31 -10.23
CA GLY A 123 -12.34 -10.96 -11.50
C GLY A 123 -12.24 -12.48 -11.38
N PRO A 124 -12.80 -13.18 -12.39
CA PRO A 124 -12.77 -14.64 -12.41
C PRO A 124 -11.38 -15.16 -12.77
N SER A 125 -10.40 -14.76 -11.97
CA SER A 125 -9.02 -15.17 -12.20
C SER A 125 -8.53 -14.62 -13.54
N SER A 126 -7.51 -13.78 -13.46
CA SER A 126 -6.94 -13.18 -14.65
C SER A 126 -5.81 -14.06 -15.19
N GLY A 127 -6.05 -14.61 -16.37
CA GLY A 127 -5.06 -15.47 -17.01
C GLY A 127 -5.74 -16.49 -17.92
N GLY A 1 18.75 4.06 -16.07
CA GLY A 1 19.44 5.09 -15.33
C GLY A 1 20.59 4.50 -14.50
N SER A 2 20.24 4.07 -13.30
CA SER A 2 21.22 3.48 -12.40
C SER A 2 22.26 4.53 -12.01
N SER A 3 23.18 4.78 -12.93
CA SER A 3 24.24 5.75 -12.70
C SER A 3 25.23 5.21 -11.66
N GLY A 4 26.43 5.76 -11.70
CA GLY A 4 27.47 5.34 -10.78
C GLY A 4 28.82 5.96 -11.15
N SER A 5 29.83 5.63 -10.36
CA SER A 5 31.17 6.15 -10.59
C SER A 5 32.21 5.14 -10.11
N SER A 6 33.23 4.95 -10.93
CA SER A 6 34.30 4.02 -10.61
C SER A 6 34.76 4.24 -9.16
N GLY A 7 35.29 3.18 -8.58
CA GLY A 7 35.77 3.25 -7.21
C GLY A 7 34.93 2.37 -6.29
N PRO A 8 35.36 2.31 -4.99
CA PRO A 8 34.65 1.51 -4.00
C PRO A 8 33.35 2.20 -3.58
N THR A 9 32.83 1.76 -2.45
CA THR A 9 31.60 2.32 -1.91
C THR A 9 31.66 2.42 -0.39
N PRO A 10 32.33 3.50 0.10
CA PRO A 10 32.47 3.72 1.52
C PRO A 10 31.16 4.21 2.14
N ALA A 11 30.87 5.48 1.88
CA ALA A 11 29.65 6.08 2.41
C ALA A 11 28.44 5.37 1.80
N PRO A 12 27.41 5.15 2.67
CA PRO A 12 26.19 4.49 2.23
C PRO A 12 25.33 5.42 1.39
N VAL A 13 24.35 4.84 0.73
CA VAL A 13 23.44 5.59 -0.12
C VAL A 13 22.00 5.13 0.13
N TYR A 14 21.40 5.71 1.16
CA TYR A 14 20.03 5.36 1.50
C TYR A 14 19.05 5.94 0.49
N ASP A 15 17.76 5.82 0.82
CA ASP A 15 16.71 6.33 -0.05
C ASP A 15 15.37 5.73 0.38
N VAL A 16 15.09 5.85 1.66
CA VAL A 16 13.84 5.32 2.20
C VAL A 16 13.66 3.88 1.74
N PRO A 17 12.76 3.16 2.45
CA PRO A 17 12.48 1.77 2.12
C PRO A 17 11.63 1.66 0.87
N ASN A 18 12.14 0.89 -0.09
CA ASN A 18 11.43 0.70 -1.35
C ASN A 18 9.98 0.36 -1.06
N PRO A 19 9.14 0.50 -2.12
CA PRO A 19 7.71 0.20 -1.99
C PRO A 19 7.47 -1.31 -1.97
N PRO A 20 6.40 -1.71 -1.23
CA PRO A 20 6.06 -3.11 -1.11
C PRO A 20 5.40 -3.63 -2.40
N PHE A 21 5.12 -4.92 -2.41
CA PHE A 21 4.49 -5.54 -3.57
C PHE A 21 3.66 -6.76 -3.15
N ASP A 22 3.01 -7.35 -4.14
CA ASP A 22 2.20 -8.52 -3.89
C ASP A 22 1.04 -8.14 -2.97
N LEU A 23 0.64 -6.88 -3.05
CA LEU A 23 -0.44 -6.38 -2.23
C LEU A 23 -1.73 -7.13 -2.57
N GLU A 24 -2.41 -7.59 -1.53
CA GLU A 24 -3.65 -8.33 -1.73
C GLU A 24 -4.44 -8.35 -0.42
N LEU A 25 -5.76 -8.36 -0.57
CA LEU A 25 -6.64 -8.38 0.58
C LEU A 25 -7.10 -9.82 0.84
N THR A 26 -6.92 -10.26 2.08
CA THR A 26 -7.31 -11.60 2.46
C THR A 26 -7.69 -11.64 3.94
N ASP A 27 -8.93 -12.02 4.19
CA ASP A 27 -9.44 -12.10 5.54
C ASP A 27 -10.41 -13.27 5.65
N GLN A 28 -10.52 -13.80 6.87
CA GLN A 28 -11.41 -14.93 7.11
C GLN A 28 -12.51 -14.52 8.09
N LEU A 29 -12.68 -13.21 8.23
CA LEU A 29 -13.70 -12.68 9.12
C LEU A 29 -14.43 -11.52 8.43
N ASP A 30 -15.73 -11.47 8.66
CA ASP A 30 -16.55 -10.42 8.07
C ASP A 30 -16.71 -9.27 9.07
N LYS A 31 -15.70 -8.43 9.10
CA LYS A 31 -15.71 -7.29 10.00
C LYS A 31 -14.60 -6.31 9.59
N SER A 32 -13.37 -6.81 9.60
CA SER A 32 -12.23 -6.00 9.24
C SER A 32 -11.25 -6.83 8.40
N VAL A 33 -11.31 -6.62 7.09
CA VAL A 33 -10.43 -7.34 6.18
C VAL A 33 -8.98 -7.07 6.55
N GLN A 34 -8.09 -7.83 5.93
CA GLN A 34 -6.67 -7.68 6.19
C GLN A 34 -5.92 -7.40 4.89
N LEU A 35 -5.00 -6.44 4.96
CA LEU A 35 -4.22 -6.07 3.80
C LEU A 35 -2.80 -6.62 3.94
N SER A 36 -2.49 -7.57 3.07
CA SER A 36 -1.18 -8.20 3.09
C SER A 36 -0.25 -7.52 2.08
N TRP A 37 0.89 -7.07 2.58
CA TRP A 37 1.86 -6.40 1.73
C TRP A 37 3.24 -7.00 2.02
N THR A 38 4.16 -6.76 1.10
CA THR A 38 5.51 -7.27 1.25
C THR A 38 6.53 -6.16 1.02
N PRO A 39 7.26 -5.80 2.11
CA PRO A 39 8.26 -4.75 2.04
C PRO A 39 9.52 -5.25 1.33
N GLY A 40 9.85 -4.57 0.25
CA GLY A 40 11.02 -4.93 -0.54
C GLY A 40 12.31 -4.49 0.17
N ASP A 41 13.23 -3.96 -0.63
CA ASP A 41 14.50 -3.50 -0.09
C ASP A 41 14.24 -2.41 0.95
N ASP A 42 15.21 -2.25 1.84
CA ASP A 42 15.10 -1.25 2.89
C ASP A 42 16.03 -0.08 2.58
N ASN A 43 16.96 -0.33 1.66
CA ASN A 43 17.91 0.69 1.25
C ASN A 43 18.73 1.11 2.46
N ASN A 44 19.54 0.17 2.93
CA ASN A 44 20.39 0.44 4.09
C ASN A 44 19.53 0.60 5.34
N SER A 45 18.66 1.61 5.28
CA SER A 45 17.77 1.89 6.40
C SER A 45 16.66 0.83 6.45
N PRO A 46 16.65 0.08 7.59
CA PRO A 46 15.65 -0.96 7.78
C PRO A 46 14.28 -0.35 8.12
N ILE A 47 13.25 -0.94 7.53
CA ILE A 47 11.90 -0.47 7.77
C ILE A 47 11.63 -0.41 9.28
N THR A 48 10.89 0.61 9.68
CA THR A 48 10.56 0.78 11.09
C THR A 48 9.05 0.84 11.27
N LYS A 49 8.37 1.40 10.27
CA LYS A 49 6.93 1.51 10.31
C LYS A 49 6.37 1.35 8.90
N PHE A 50 5.08 1.06 8.83
CA PHE A 50 4.41 0.87 7.56
C PHE A 50 3.03 1.56 7.56
N ILE A 51 2.98 2.70 6.89
CA ILE A 51 1.75 3.46 6.79
C ILE A 51 0.97 2.99 5.58
N ILE A 52 -0.35 3.23 5.62
CA ILE A 52 -1.22 2.85 4.53
C ILE A 52 -2.07 4.05 4.11
N GLU A 53 -2.60 3.97 2.90
CA GLU A 53 -3.44 5.03 2.38
C GLU A 53 -4.44 4.48 1.36
N TYR A 54 -5.52 5.22 1.17
CA TYR A 54 -6.55 4.81 0.23
C TYR A 54 -7.19 6.02 -0.44
N GLU A 55 -7.86 5.76 -1.56
CA GLU A 55 -8.52 6.82 -2.29
C GLU A 55 -9.90 6.36 -2.76
N ASP A 56 -10.82 7.31 -2.80
CA ASP A 56 -12.18 7.03 -3.23
C ASP A 56 -12.33 7.32 -4.71
N ALA A 57 -12.18 6.28 -5.52
CA ALA A 57 -12.29 6.41 -6.96
C ALA A 57 -13.75 6.65 -7.33
N MET A 58 -14.64 6.22 -6.44
CA MET A 58 -16.06 6.39 -6.67
C MET A 58 -16.52 7.81 -6.32
N HIS A 59 -15.61 8.55 -5.69
CA HIS A 59 -15.90 9.92 -5.30
C HIS A 59 -14.77 10.83 -5.77
N LYS A 60 -13.63 10.70 -5.10
CA LYS A 60 -12.47 11.51 -5.45
C LYS A 60 -11.31 10.59 -5.81
N PRO A 61 -11.21 10.29 -7.14
CA PRO A 61 -10.14 9.43 -7.62
C PRO A 61 -8.81 10.17 -7.65
N GLY A 62 -7.83 9.57 -6.99
CA GLY A 62 -6.50 10.16 -6.93
C GLY A 62 -6.22 10.74 -5.54
N LEU A 63 -7.29 11.06 -4.84
CA LEU A 63 -7.17 11.62 -3.50
C LEU A 63 -6.89 10.49 -2.51
N TRP A 64 -5.67 10.49 -1.99
CA TRP A 64 -5.26 9.48 -1.04
C TRP A 64 -5.32 10.10 0.36
N HIS A 65 -5.92 9.34 1.28
CA HIS A 65 -6.05 9.81 2.65
C HIS A 65 -5.40 8.80 3.60
N HIS A 66 -4.85 9.32 4.69
CA HIS A 66 -4.20 8.47 5.67
C HIS A 66 -5.20 7.48 6.23
N GLN A 67 -4.78 6.22 6.28
CA GLN A 67 -5.64 5.15 6.79
C GLN A 67 -5.13 4.69 8.16
N THR A 68 -3.97 4.04 8.13
CA THR A 68 -3.37 3.55 9.36
C THR A 68 -1.97 3.01 9.09
N GLU A 69 -1.16 2.99 10.14
CA GLU A 69 0.20 2.50 10.02
C GLU A 69 0.48 1.44 11.09
N VAL A 70 1.54 0.67 10.86
CA VAL A 70 1.92 -0.38 11.79
C VAL A 70 3.44 -0.34 11.99
N SER A 71 3.92 -1.32 12.75
CA SER A 71 5.34 -1.42 13.02
C SER A 71 6.09 -1.87 11.76
N GLY A 72 7.41 -1.79 11.83
CA GLY A 72 8.24 -2.19 10.71
C GLY A 72 8.61 -3.68 10.80
N THR A 73 7.78 -4.42 11.52
CA THR A 73 7.99 -5.84 11.69
C THR A 73 6.84 -6.64 11.08
N GLN A 74 5.64 -6.09 11.24
CA GLN A 74 4.45 -6.75 10.71
C GLN A 74 4.24 -6.35 9.25
N THR A 75 3.37 -7.08 8.58
CA THR A 75 3.06 -6.82 7.19
C THR A 75 1.58 -7.08 6.91
N THR A 76 0.80 -7.11 7.99
CA THR A 76 -0.63 -7.34 7.87
C THR A 76 -1.40 -6.41 8.80
N ALA A 77 -2.25 -5.60 8.21
CA ALA A 77 -3.06 -4.66 8.98
C ALA A 77 -4.53 -4.77 8.54
N GLN A 78 -5.41 -4.55 9.50
CA GLN A 78 -6.83 -4.62 9.23
C GLN A 78 -7.31 -3.34 8.55
N LEU A 79 -8.11 -3.52 7.51
CA LEU A 79 -8.64 -2.39 6.76
C LEU A 79 -10.14 -2.27 7.03
N ASN A 80 -10.55 -1.07 7.42
CA ASN A 80 -11.94 -0.81 7.70
C ASN A 80 -12.65 -0.38 6.42
N LEU A 81 -13.50 -1.26 5.92
CA LEU A 81 -14.24 -0.99 4.70
C LEU A 81 -15.70 -0.68 5.05
N SER A 82 -16.30 0.19 4.26
CA SER A 82 -17.68 0.57 4.47
C SER A 82 -18.52 0.25 3.23
N PRO A 83 -19.85 0.16 3.44
CA PRO A 83 -20.77 -0.14 2.35
C PRO A 83 -20.96 1.08 1.45
N TYR A 84 -21.00 0.82 0.14
CA TYR A 84 -21.18 1.88 -0.83
C TYR A 84 -19.99 2.85 -0.80
N VAL A 85 -18.87 2.37 -1.32
CA VAL A 85 -17.67 3.18 -1.37
C VAL A 85 -16.52 2.34 -1.95
N ASN A 86 -16.00 2.82 -3.07
CA ASN A 86 -14.91 2.13 -3.74
C ASN A 86 -13.61 2.88 -3.48
N TYR A 87 -12.52 2.12 -3.38
CA TYR A 87 -11.22 2.70 -3.14
C TYR A 87 -10.12 1.63 -3.16
N SER A 88 -8.89 2.09 -3.25
CA SER A 88 -7.75 1.18 -3.28
C SER A 88 -6.98 1.26 -1.97
N PHE A 89 -5.91 0.48 -1.89
CA PHE A 89 -5.09 0.45 -0.69
C PHE A 89 -3.60 0.51 -1.05
N ARG A 90 -2.94 1.51 -0.51
CA ARG A 90 -1.52 1.71 -0.76
C ARG A 90 -0.73 1.61 0.55
N VAL A 91 0.31 0.78 0.53
CA VAL A 91 1.14 0.59 1.70
C VAL A 91 2.42 1.41 1.54
N MET A 92 2.86 1.99 2.65
CA MET A 92 4.07 2.79 2.64
C MET A 92 5.07 2.30 3.68
N ALA A 93 6.34 2.58 3.43
CA ALA A 93 7.40 2.16 4.33
C ALA A 93 8.16 3.40 4.82
N VAL A 94 8.42 3.42 6.12
CA VAL A 94 9.13 4.53 6.72
C VAL A 94 10.29 3.98 7.58
N ASN A 95 11.46 4.57 7.38
CA ASN A 95 12.64 4.15 8.11
C ASN A 95 13.36 5.39 8.65
N SER A 96 14.58 5.18 9.11
CA SER A 96 15.37 6.26 9.66
C SER A 96 15.38 7.44 8.68
N ILE A 97 15.53 7.12 7.41
CA ILE A 97 15.56 8.13 6.38
C ILE A 97 14.24 8.90 6.39
N GLY A 98 13.24 8.31 5.76
CA GLY A 98 11.93 8.93 5.69
C GLY A 98 10.88 7.93 5.17
N LYS A 99 9.79 8.48 4.67
CA LYS A 99 8.71 7.67 4.13
C LYS A 99 8.90 7.52 2.63
N SER A 100 8.75 6.28 2.16
CA SER A 100 8.90 5.98 0.75
C SER A 100 7.56 6.18 0.03
N LEU A 101 7.59 5.98 -1.28
CA LEU A 101 6.40 6.13 -2.09
C LEU A 101 5.41 5.03 -1.75
N PRO A 102 4.12 5.25 -2.14
CA PRO A 102 3.07 4.28 -1.88
C PRO A 102 3.19 3.09 -2.83
N SER A 103 2.90 1.92 -2.29
CA SER A 103 2.96 0.69 -3.06
C SER A 103 2.18 0.87 -4.37
N GLU A 104 2.47 -0.02 -5.32
CA GLU A 104 1.82 0.02 -6.62
C GLU A 104 0.36 0.47 -6.45
N ALA A 105 -0.48 -0.50 -6.09
CA ALA A 105 -1.90 -0.23 -5.89
C ALA A 105 -2.67 -1.56 -5.92
N SER A 106 -2.80 -2.15 -4.75
CA SER A 106 -3.52 -3.41 -4.63
C SER A 106 -4.84 -3.34 -5.38
N GLU A 107 -5.38 -4.51 -5.67
CA GLU A 107 -6.64 -4.60 -6.40
C GLU A 107 -7.69 -3.69 -5.74
N GLN A 108 -8.55 -3.15 -6.58
CA GLN A 108 -9.61 -2.26 -6.10
C GLN A 108 -10.65 -3.05 -5.33
N TYR A 109 -10.49 -3.07 -4.01
CA TYR A 109 -11.42 -3.78 -3.15
C TYR A 109 -12.70 -2.97 -2.92
N LEU A 110 -13.80 -3.51 -3.41
CA LEU A 110 -15.09 -2.84 -3.27
C LEU A 110 -16.07 -3.81 -2.60
N THR A 111 -16.50 -3.42 -1.40
CA THR A 111 -17.44 -4.23 -0.65
C THR A 111 -18.79 -4.30 -1.37
N LYS A 112 -19.76 -4.90 -0.69
CA LYS A 112 -21.09 -5.03 -1.25
C LYS A 112 -22.12 -4.52 -0.23
N ALA A 113 -23.30 -4.23 -0.74
CA ALA A 113 -24.37 -3.73 0.11
C ALA A 113 -25.67 -3.66 -0.70
N SER A 114 -26.28 -4.82 -0.89
CA SER A 114 -27.52 -4.90 -1.65
C SER A 114 -27.47 -3.95 -2.85
N GLU A 115 -26.60 -4.29 -3.79
CA GLU A 115 -26.44 -3.49 -4.99
C GLU A 115 -25.50 -4.19 -5.98
N PRO A 116 -25.82 -4.03 -7.29
CA PRO A 116 -25.01 -4.64 -8.33
C PRO A 116 -23.70 -3.87 -8.53
N ASP A 117 -23.09 -4.11 -9.67
CA ASP A 117 -21.83 -3.45 -10.00
C ASP A 117 -20.76 -3.88 -8.99
N LYS A 118 -19.99 -4.88 -9.38
CA LYS A 118 -18.93 -5.39 -8.53
C LYS A 118 -17.61 -4.69 -8.87
N ASN A 119 -17.59 -3.39 -8.62
CA ASN A 119 -16.40 -2.60 -8.91
C ASN A 119 -16.16 -2.56 -10.42
N PRO A 120 -16.05 -1.32 -10.96
CA PRO A 120 -15.83 -1.14 -12.39
C PRO A 120 -14.38 -1.46 -12.75
N THR A 121 -14.23 -2.11 -13.89
CA THR A 121 -12.90 -2.49 -14.37
C THR A 121 -12.95 -2.83 -15.86
N SER A 122 -13.34 -1.85 -16.65
CA SER A 122 -13.44 -2.03 -18.10
C SER A 122 -14.43 -3.15 -18.41
N GLY A 123 -15.67 -2.75 -18.62
CA GLY A 123 -16.72 -3.71 -18.94
C GLY A 123 -16.56 -4.99 -18.12
N PRO A 124 -17.04 -6.12 -18.71
CA PRO A 124 -16.95 -7.41 -18.05
C PRO A 124 -15.52 -7.95 -18.11
N SER A 125 -14.97 -7.95 -19.31
CA SER A 125 -13.62 -8.44 -19.52
C SER A 125 -13.48 -9.85 -18.96
N SER A 126 -13.79 -10.83 -19.80
CA SER A 126 -13.70 -12.22 -19.40
C SER A 126 -14.34 -12.40 -18.01
N GLY A 127 -15.65 -12.58 -18.02
CA GLY A 127 -16.39 -12.75 -16.78
C GLY A 127 -17.55 -13.73 -16.97
N GLY A 1 22.56 1.18 -18.52
CA GLY A 1 23.90 1.11 -17.99
C GLY A 1 24.30 2.43 -17.32
N SER A 2 25.60 2.61 -17.16
CA SER A 2 26.12 3.82 -16.55
C SER A 2 27.65 3.86 -16.67
N SER A 3 28.28 2.82 -16.14
CA SER A 3 29.73 2.73 -16.19
C SER A 3 30.36 3.95 -15.51
N GLY A 4 31.62 3.79 -15.13
CA GLY A 4 32.34 4.87 -14.47
C GLY A 4 33.29 4.32 -13.40
N SER A 5 34.06 5.23 -12.83
CA SER A 5 35.01 4.85 -11.80
C SER A 5 34.26 4.36 -10.56
N SER A 6 35.03 3.76 -9.66
CA SER A 6 34.45 3.25 -8.42
C SER A 6 35.41 3.50 -7.25
N GLY A 7 36.53 2.80 -7.26
CA GLY A 7 37.52 2.95 -6.22
C GLY A 7 36.97 2.47 -4.86
N PRO A 8 37.21 3.31 -3.82
CA PRO A 8 36.74 2.98 -2.49
C PRO A 8 35.23 3.20 -2.36
N THR A 9 34.58 2.21 -1.76
CA THR A 9 33.14 2.28 -1.58
C THR A 9 32.75 1.67 -0.22
N PRO A 10 33.33 2.25 0.86
CA PRO A 10 33.05 1.78 2.21
C PRO A 10 31.66 2.23 2.67
N ALA A 11 31.52 3.54 2.85
CA ALA A 11 30.26 4.11 3.29
C ALA A 11 29.12 3.48 2.48
N PRO A 12 28.04 3.10 3.21
CA PRO A 12 26.87 2.50 2.56
C PRO A 12 26.05 3.55 1.82
N VAL A 13 24.86 3.13 1.42
CA VAL A 13 23.96 4.03 0.70
C VAL A 13 22.52 3.69 1.06
N TYR A 14 21.74 4.73 1.31
CA TYR A 14 20.34 4.57 1.66
C TYR A 14 19.43 5.19 0.61
N ASP A 15 18.14 5.18 0.91
CA ASP A 15 17.15 5.74 0.00
C ASP A 15 15.76 5.26 0.40
N VAL A 16 15.46 5.41 1.68
CA VAL A 16 14.17 5.00 2.21
C VAL A 16 13.88 3.57 1.74
N PRO A 17 12.90 2.92 2.45
CA PRO A 17 12.52 1.57 2.12
C PRO A 17 11.68 1.52 0.84
N ASN A 18 12.19 0.83 -0.16
CA ASN A 18 11.51 0.71 -1.43
C ASN A 18 10.02 0.46 -1.17
N PRO A 19 9.20 0.66 -2.24
CA PRO A 19 7.77 0.45 -2.14
C PRO A 19 7.43 -1.04 -2.11
N PRO A 20 6.34 -1.36 -1.37
CA PRO A 20 5.89 -2.74 -1.26
C PRO A 20 5.21 -3.21 -2.54
N PHE A 21 4.97 -4.51 -2.62
CA PHE A 21 4.33 -5.09 -3.78
C PHE A 21 3.56 -6.35 -3.40
N ASP A 22 2.90 -6.93 -4.40
CA ASP A 22 2.12 -8.14 -4.18
C ASP A 22 0.99 -7.85 -3.20
N LEU A 23 0.53 -6.60 -3.24
CA LEU A 23 -0.55 -6.17 -2.36
C LEU A 23 -1.80 -7.02 -2.64
N GLU A 24 -2.39 -7.52 -1.58
CA GLU A 24 -3.59 -8.34 -1.69
C GLU A 24 -4.36 -8.36 -0.37
N LEU A 25 -5.67 -8.47 -0.49
CA LEU A 25 -6.53 -8.50 0.68
C LEU A 25 -6.97 -9.94 0.96
N THR A 26 -6.91 -10.32 2.23
CA THR A 26 -7.30 -11.65 2.63
C THR A 26 -7.82 -11.65 4.06
N ASP A 27 -9.11 -11.94 4.19
CA ASP A 27 -9.75 -11.96 5.49
C ASP A 27 -10.85 -13.03 5.50
N GLN A 28 -11.36 -13.31 6.69
CA GLN A 28 -12.41 -14.31 6.84
C GLN A 28 -13.64 -13.67 7.48
N LEU A 29 -13.40 -12.82 8.45
CA LEU A 29 -14.48 -12.15 9.15
C LEU A 29 -14.96 -10.97 8.31
N ASP A 30 -16.27 -10.90 8.13
CA ASP A 30 -16.87 -9.83 7.36
C ASP A 30 -17.10 -8.62 8.26
N LYS A 31 -16.03 -7.85 8.46
CA LYS A 31 -16.09 -6.67 9.29
C LYS A 31 -14.74 -5.95 9.27
N SER A 32 -13.68 -6.76 9.30
CA SER A 32 -12.34 -6.22 9.28
C SER A 32 -11.46 -7.04 8.33
N VAL A 33 -11.15 -6.44 7.19
CA VAL A 33 -10.33 -7.10 6.19
C VAL A 33 -8.85 -6.88 6.54
N GLN A 34 -8.02 -7.75 5.98
CA GLN A 34 -6.58 -7.66 6.22
C GLN A 34 -5.85 -7.35 4.91
N LEU A 35 -4.92 -6.41 5.01
CA LEU A 35 -4.14 -6.01 3.86
C LEU A 35 -2.70 -6.54 4.00
N SER A 36 -2.37 -7.49 3.14
CA SER A 36 -1.05 -8.08 3.15
C SER A 36 -0.16 -7.40 2.11
N TRP A 37 0.90 -6.76 2.60
CA TRP A 37 1.83 -6.07 1.71
C TRP A 37 3.19 -6.74 1.87
N THR A 38 4.05 -6.48 0.90
CA THR A 38 5.39 -7.04 0.91
C THR A 38 6.44 -5.95 0.78
N PRO A 39 7.14 -5.67 1.91
CA PRO A 39 8.17 -4.64 1.93
C PRO A 39 9.44 -5.13 1.22
N GLY A 40 9.66 -4.59 0.04
CA GLY A 40 10.83 -4.95 -0.75
C GLY A 40 12.12 -4.62 0.01
N ASP A 41 13.12 -4.21 -0.75
CA ASP A 41 14.41 -3.85 -0.17
C ASP A 41 14.21 -2.75 0.86
N ASP A 42 15.18 -2.64 1.76
CA ASP A 42 15.13 -1.63 2.80
C ASP A 42 16.18 -0.56 2.52
N ASN A 43 17.11 -0.91 1.65
CA ASN A 43 18.19 0.01 1.28
C ASN A 43 18.98 0.37 2.53
N ASN A 44 19.70 -0.62 3.05
CA ASN A 44 20.52 -0.42 4.23
C ASN A 44 19.59 -0.14 5.43
N SER A 45 18.85 0.94 5.33
CA SER A 45 17.93 1.32 6.39
C SER A 45 16.73 0.37 6.42
N PRO A 46 16.61 -0.38 7.55
CA PRO A 46 15.53 -1.33 7.71
C PRO A 46 14.21 -0.61 7.99
N ILE A 47 13.12 -1.28 7.68
CA ILE A 47 11.79 -0.72 7.90
C ILE A 47 11.50 -0.68 9.40
N THR A 48 10.80 0.35 9.81
CA THR A 48 10.45 0.52 11.21
C THR A 48 8.93 0.67 11.38
N LYS A 49 8.32 1.29 10.38
CA LYS A 49 6.89 1.51 10.39
C LYS A 49 6.34 1.37 8.97
N PHE A 50 5.05 1.08 8.89
CA PHE A 50 4.39 0.92 7.61
C PHE A 50 3.05 1.66 7.58
N ILE A 51 3.03 2.76 6.86
CA ILE A 51 1.83 3.57 6.74
C ILE A 51 0.98 3.04 5.58
N ILE A 52 -0.33 3.24 5.70
CA ILE A 52 -1.25 2.79 4.68
C ILE A 52 -2.12 3.97 4.22
N GLU A 53 -2.58 3.88 2.99
CA GLU A 53 -3.42 4.93 2.42
C GLU A 53 -4.43 4.33 1.44
N TYR A 54 -5.45 5.12 1.14
CA TYR A 54 -6.48 4.68 0.22
C TYR A 54 -7.07 5.87 -0.54
N GLU A 55 -7.69 5.56 -1.67
CA GLU A 55 -8.30 6.59 -2.50
C GLU A 55 -9.75 6.22 -2.82
N ASP A 56 -10.62 7.21 -2.65
CA ASP A 56 -12.03 7.01 -2.91
C ASP A 56 -12.31 7.23 -4.40
N ALA A 57 -12.26 6.14 -5.16
CA ALA A 57 -12.49 6.20 -6.59
C ALA A 57 -13.96 6.51 -6.84
N MET A 58 -14.80 6.13 -5.88
CA MET A 58 -16.22 6.37 -5.98
C MET A 58 -16.56 7.84 -5.76
N HIS A 59 -15.69 8.50 -5.01
CA HIS A 59 -15.88 9.92 -4.72
C HIS A 59 -14.85 10.74 -5.49
N LYS A 60 -13.60 10.60 -5.07
CA LYS A 60 -12.52 11.33 -5.71
C LYS A 60 -11.33 10.38 -5.91
N PRO A 61 -11.18 9.90 -7.17
CA PRO A 61 -10.09 8.98 -7.51
C PRO A 61 -8.76 9.74 -7.60
N GLY A 62 -7.74 9.13 -7.02
CA GLY A 62 -6.42 9.72 -7.03
C GLY A 62 -6.10 10.39 -5.69
N LEU A 63 -7.17 10.74 -4.98
CA LEU A 63 -7.02 11.38 -3.69
C LEU A 63 -6.72 10.32 -2.62
N TRP A 64 -5.47 10.31 -2.17
CA TRP A 64 -5.04 9.36 -1.17
C TRP A 64 -5.16 10.04 0.21
N HIS A 65 -5.69 9.29 1.15
CA HIS A 65 -5.86 9.80 2.50
C HIS A 65 -5.19 8.84 3.50
N HIS A 66 -4.74 9.42 4.61
CA HIS A 66 -4.09 8.64 5.64
C HIS A 66 -5.09 7.64 6.25
N GLN A 67 -4.69 6.38 6.23
CA GLN A 67 -5.54 5.33 6.77
C GLN A 67 -5.03 4.89 8.14
N THR A 68 -3.95 4.13 8.12
CA THR A 68 -3.34 3.63 9.34
C THR A 68 -1.92 3.12 9.08
N GLU A 69 -1.18 2.97 10.17
CA GLU A 69 0.19 2.48 10.07
C GLU A 69 0.42 1.36 11.06
N VAL A 70 1.52 0.63 10.84
CA VAL A 70 1.87 -0.47 11.71
C VAL A 70 3.38 -0.46 11.96
N SER A 71 3.84 -1.48 12.68
CA SER A 71 5.25 -1.59 13.00
C SER A 71 6.04 -2.00 11.75
N GLY A 72 7.35 -1.93 11.87
CA GLY A 72 8.23 -2.28 10.76
C GLY A 72 8.56 -3.78 10.79
N THR A 73 7.60 -4.56 11.26
CA THR A 73 7.78 -6.01 11.34
C THR A 73 6.57 -6.72 10.75
N GLN A 74 5.40 -6.22 11.09
CA GLN A 74 4.16 -6.81 10.60
C GLN A 74 3.89 -6.35 9.17
N THR A 75 3.35 -7.27 8.38
CA THR A 75 3.04 -6.98 6.99
C THR A 75 1.54 -7.13 6.74
N THR A 76 0.79 -7.17 7.82
CA THR A 76 -0.66 -7.33 7.73
C THR A 76 -1.36 -6.41 8.75
N ALA A 77 -2.32 -5.66 8.26
CA ALA A 77 -3.07 -4.75 9.10
C ALA A 77 -4.55 -4.79 8.71
N GLN A 78 -5.40 -4.54 9.69
CA GLN A 78 -6.84 -4.55 9.47
C GLN A 78 -7.29 -3.21 8.88
N LEU A 79 -8.13 -3.30 7.87
CA LEU A 79 -8.64 -2.12 7.20
C LEU A 79 -10.14 -2.00 7.46
N ASN A 80 -10.58 -0.80 7.78
CA ASN A 80 -11.99 -0.55 8.04
C ASN A 80 -12.68 -0.16 6.74
N LEU A 81 -13.53 -1.07 6.26
CA LEU A 81 -14.26 -0.84 5.03
C LEU A 81 -15.73 -0.57 5.36
N SER A 82 -16.41 0.06 4.42
CA SER A 82 -17.81 0.39 4.60
C SER A 82 -18.59 0.04 3.32
N PRO A 83 -19.94 -0.08 3.49
CA PRO A 83 -20.80 -0.40 2.36
C PRO A 83 -20.99 0.81 1.46
N TYR A 84 -21.03 0.54 0.16
CA TYR A 84 -21.20 1.60 -0.83
C TYR A 84 -20.03 2.57 -0.79
N VAL A 85 -18.90 2.12 -1.34
CA VAL A 85 -17.70 2.94 -1.38
C VAL A 85 -16.58 2.15 -2.07
N ASN A 86 -16.06 2.76 -3.13
CA ASN A 86 -14.98 2.13 -3.88
C ASN A 86 -13.66 2.85 -3.59
N TYR A 87 -12.59 2.08 -3.60
CA TYR A 87 -11.27 2.63 -3.34
C TYR A 87 -10.21 1.54 -3.39
N SER A 88 -8.97 1.96 -3.14
CA SER A 88 -7.85 1.02 -3.16
C SER A 88 -7.11 1.08 -1.82
N PHE A 89 -6.05 0.29 -1.75
CA PHE A 89 -5.24 0.23 -0.53
C PHE A 89 -3.75 0.39 -0.86
N ARG A 90 -3.15 1.41 -0.27
CA ARG A 90 -1.75 1.68 -0.47
C ARG A 90 -0.95 1.36 0.79
N VAL A 91 0.35 1.14 0.60
CA VAL A 91 1.23 0.82 1.71
C VAL A 91 2.53 1.60 1.56
N MET A 92 2.98 2.17 2.66
CA MET A 92 4.21 2.95 2.66
C MET A 92 5.18 2.43 3.73
N ALA A 93 6.46 2.65 3.47
CA ALA A 93 7.49 2.21 4.39
C ALA A 93 8.28 3.43 4.89
N VAL A 94 8.56 3.43 6.19
CA VAL A 94 9.31 4.52 6.78
C VAL A 94 10.41 3.95 7.68
N ASN A 95 11.62 4.44 7.46
CA ASN A 95 12.76 3.99 8.22
C ASN A 95 13.56 5.21 8.71
N SER A 96 14.75 4.93 9.23
CA SER A 96 15.61 5.99 9.72
C SER A 96 15.65 7.14 8.72
N ILE A 97 15.84 6.79 7.47
CA ILE A 97 15.89 7.78 6.40
C ILE A 97 14.61 8.62 6.42
N GLY A 98 13.61 8.12 5.72
CA GLY A 98 12.32 8.81 5.64
C GLY A 98 11.22 7.85 5.18
N LYS A 99 10.19 8.45 4.59
CA LYS A 99 9.07 7.66 4.11
C LYS A 99 9.17 7.52 2.59
N SER A 100 9.27 6.27 2.15
CA SER A 100 9.38 5.98 0.73
C SER A 100 8.05 6.30 0.03
N LEU A 101 8.05 6.11 -1.28
CA LEU A 101 6.85 6.36 -2.08
C LEU A 101 5.79 5.31 -1.75
N PRO A 102 4.53 5.64 -2.12
CA PRO A 102 3.42 4.73 -1.87
C PRO A 102 3.43 3.57 -2.86
N SER A 103 3.03 2.41 -2.36
CA SER A 103 3.00 1.22 -3.19
C SER A 103 2.15 1.46 -4.44
N GLU A 104 2.41 0.66 -5.46
CA GLU A 104 1.68 0.79 -6.71
C GLU A 104 0.21 1.09 -6.45
N ALA A 105 -0.51 0.07 -6.03
CA ALA A 105 -1.93 0.21 -5.72
C ALA A 105 -2.59 -1.17 -5.71
N SER A 106 -3.06 -1.54 -4.53
CA SER A 106 -3.72 -2.83 -4.36
C SER A 106 -4.88 -2.97 -5.34
N GLU A 107 -5.36 -4.19 -5.49
CA GLU A 107 -6.47 -4.46 -6.39
C GLU A 107 -7.71 -3.68 -5.95
N GLN A 108 -8.58 -3.44 -6.92
CA GLN A 108 -9.81 -2.71 -6.65
C GLN A 108 -10.84 -3.62 -5.99
N TYR A 109 -10.89 -3.56 -4.67
CA TYR A 109 -11.83 -4.38 -3.91
C TYR A 109 -13.00 -3.55 -3.39
N LEU A 110 -14.20 -3.95 -3.78
CA LEU A 110 -15.40 -3.25 -3.36
C LEU A 110 -16.02 -3.98 -2.17
N THR A 111 -16.82 -3.24 -1.42
CA THR A 111 -17.47 -3.80 -0.25
C THR A 111 -18.99 -3.61 -0.35
N LYS A 112 -19.72 -4.67 -0.03
CA LYS A 112 -21.17 -4.63 -0.09
C LYS A 112 -21.61 -3.79 -1.28
N ALA A 113 -22.71 -3.09 -1.10
CA ALA A 113 -23.25 -2.25 -2.15
C ALA A 113 -24.16 -3.09 -3.05
N SER A 114 -25.14 -2.42 -3.65
CA SER A 114 -26.07 -3.09 -4.53
C SER A 114 -25.73 -2.80 -5.99
N GLU A 115 -24.67 -3.46 -6.45
CA GLU A 115 -24.22 -3.27 -7.82
C GLU A 115 -23.13 -4.28 -8.16
N PRO A 116 -23.47 -5.22 -9.09
CA PRO A 116 -22.53 -6.24 -9.51
C PRO A 116 -21.46 -5.66 -10.44
N ASP A 117 -20.80 -6.56 -11.15
CA ASP A 117 -19.75 -6.15 -12.07
C ASP A 117 -18.47 -5.87 -11.29
N LYS A 118 -18.45 -6.35 -10.05
CA LYS A 118 -17.29 -6.15 -9.21
C LYS A 118 -16.78 -4.72 -9.36
N ASN A 119 -17.27 -3.85 -8.48
CA ASN A 119 -16.87 -2.45 -8.50
C ASN A 119 -17.27 -1.84 -9.85
N PRO A 120 -18.10 -0.77 -9.76
CA PRO A 120 -18.55 -0.09 -10.96
C PRO A 120 -17.44 0.78 -11.55
N THR A 121 -16.92 0.32 -12.68
CA THR A 121 -15.85 1.04 -13.36
C THR A 121 -15.69 0.52 -14.79
N SER A 122 -14.86 1.23 -15.55
CA SER A 122 -14.61 0.85 -16.92
C SER A 122 -13.17 0.36 -17.08
N GLY A 123 -13.03 -0.95 -17.25
CA GLY A 123 -11.71 -1.55 -17.40
C GLY A 123 -11.77 -2.72 -18.39
N PRO A 124 -10.73 -3.59 -18.30
CA PRO A 124 -10.65 -4.75 -19.16
C PRO A 124 -11.64 -5.83 -18.74
N SER A 125 -11.61 -6.94 -19.47
CA SER A 125 -12.50 -8.05 -19.18
C SER A 125 -12.02 -9.31 -19.90
N SER A 126 -11.94 -10.39 -19.15
CA SER A 126 -11.49 -11.66 -19.70
C SER A 126 -12.17 -12.81 -18.96
N GLY A 127 -12.60 -13.80 -19.74
CA GLY A 127 -13.27 -14.96 -19.17
C GLY A 127 -14.31 -15.52 -20.15
N GLY A 1 16.24 14.17 -14.16
CA GLY A 1 17.35 13.50 -13.50
C GLY A 1 17.49 12.05 -14.00
N SER A 2 18.73 11.66 -14.21
CA SER A 2 19.01 10.32 -14.68
C SER A 2 20.52 10.10 -14.78
N SER A 3 20.95 8.92 -14.36
CA SER A 3 22.37 8.58 -14.40
C SER A 3 23.14 9.46 -13.42
N GLY A 4 24.37 9.06 -13.15
CA GLY A 4 25.22 9.80 -12.24
C GLY A 4 25.25 9.15 -10.86
N SER A 5 24.39 9.66 -9.99
CA SER A 5 24.30 9.14 -8.64
C SER A 5 25.60 9.43 -7.87
N SER A 6 26.62 8.65 -8.19
CA SER A 6 27.91 8.82 -7.54
C SER A 6 27.78 8.55 -6.05
N GLY A 7 28.39 7.46 -5.62
CA GLY A 7 28.35 7.08 -4.22
C GLY A 7 29.76 7.06 -3.61
N PRO A 8 29.85 7.55 -2.36
CA PRO A 8 31.14 7.59 -1.66
C PRO A 8 31.54 6.20 -1.19
N THR A 9 32.85 5.99 -1.11
CA THR A 9 33.39 4.71 -0.68
C THR A 9 32.93 4.41 0.75
N PRO A 10 33.22 5.38 1.66
CA PRO A 10 32.85 5.23 3.07
C PRO A 10 31.35 5.43 3.26
N ALA A 11 30.85 4.87 4.34
CA ALA A 11 29.44 4.99 4.66
C ALA A 11 28.61 4.30 3.57
N PRO A 12 27.50 3.66 4.01
CA PRO A 12 26.62 2.96 3.07
C PRO A 12 25.78 3.95 2.28
N VAL A 13 24.80 3.40 1.56
CA VAL A 13 23.92 4.22 0.76
C VAL A 13 22.46 3.84 1.05
N TYR A 14 21.73 4.81 1.57
CA TYR A 14 20.33 4.60 1.90
C TYR A 14 19.41 5.21 0.84
N ASP A 15 18.13 5.24 1.15
CA ASP A 15 17.14 5.79 0.25
C ASP A 15 15.75 5.25 0.61
N VAL A 16 15.40 5.39 1.88
CA VAL A 16 14.12 4.93 2.37
C VAL A 16 13.91 3.48 1.91
N PRO A 17 12.94 2.80 2.59
CA PRO A 17 12.63 1.42 2.27
C PRO A 17 11.83 1.34 0.96
N ASN A 18 12.37 0.59 0.02
CA ASN A 18 11.72 0.41 -1.27
C ASN A 18 10.23 0.14 -1.05
N PRO A 19 9.44 0.31 -2.15
CA PRO A 19 8.00 0.09 -2.09
C PRO A 19 7.69 -1.41 -2.04
N PRO A 20 6.57 -1.73 -1.32
CA PRO A 20 6.15 -3.12 -1.19
C PRO A 20 5.50 -3.61 -2.48
N PHE A 21 5.16 -4.89 -2.49
CA PHE A 21 4.54 -5.50 -3.64
C PHE A 21 3.64 -6.67 -3.24
N ASP A 22 2.97 -7.24 -4.22
CA ASP A 22 2.09 -8.36 -3.98
C ASP A 22 0.94 -7.91 -3.07
N LEU A 23 0.67 -6.62 -3.11
CA LEU A 23 -0.39 -6.06 -2.29
C LEU A 23 -1.71 -6.74 -2.64
N GLU A 24 -2.45 -7.11 -1.60
CA GLU A 24 -3.72 -7.77 -1.78
C GLU A 24 -4.56 -7.68 -0.50
N LEU A 25 -5.87 -7.76 -0.67
CA LEU A 25 -6.78 -7.69 0.46
C LEU A 25 -7.36 -9.08 0.73
N THR A 26 -7.34 -9.45 1.99
CA THR A 26 -7.86 -10.76 2.40
C THR A 26 -8.35 -10.70 3.85
N ASP A 27 -9.66 -10.90 4.00
CA ASP A 27 -10.26 -10.88 5.32
C ASP A 27 -11.43 -11.87 5.35
N GLN A 28 -12.15 -11.85 6.47
CA GLN A 28 -13.28 -12.73 6.63
C GLN A 28 -14.50 -11.95 7.14
N LEU A 29 -14.24 -11.10 8.12
CA LEU A 29 -15.29 -10.29 8.70
C LEU A 29 -15.42 -8.98 7.92
N ASP A 30 -16.60 -8.77 7.36
CA ASP A 30 -16.85 -7.57 6.58
C ASP A 30 -16.89 -6.35 7.52
N LYS A 31 -15.72 -5.76 7.70
CA LYS A 31 -15.60 -4.59 8.56
C LYS A 31 -14.16 -4.08 8.53
N SER A 32 -13.25 -4.95 8.95
CA SER A 32 -11.84 -4.59 8.97
C SER A 32 -11.05 -5.52 8.05
N VAL A 33 -10.98 -5.13 6.78
CA VAL A 33 -10.27 -5.92 5.80
C VAL A 33 -8.77 -5.89 6.11
N GLN A 34 -8.10 -6.97 5.74
CA GLN A 34 -6.66 -7.08 5.97
C GLN A 34 -5.89 -6.89 4.67
N LEU A 35 -4.92 -5.99 4.71
CA LEU A 35 -4.11 -5.71 3.54
C LEU A 35 -2.73 -6.32 3.73
N SER A 36 -2.42 -7.30 2.91
CA SER A 36 -1.14 -7.97 2.96
C SER A 36 -0.17 -7.37 1.93
N TRP A 37 0.92 -6.83 2.43
CA TRP A 37 1.92 -6.22 1.57
C TRP A 37 3.25 -6.92 1.82
N THR A 38 4.17 -6.72 0.90
CA THR A 38 5.48 -7.33 1.01
C THR A 38 6.58 -6.26 0.90
N PRO A 39 7.27 -6.03 2.06
CA PRO A 39 8.32 -5.04 2.10
C PRO A 39 9.59 -5.56 1.41
N GLY A 40 9.97 -4.87 0.35
CA GLY A 40 11.16 -5.26 -0.41
C GLY A 40 12.43 -4.85 0.33
N ASP A 41 13.40 -4.36 -0.44
CA ASP A 41 14.66 -3.93 0.13
C ASP A 41 14.41 -2.84 1.16
N ASP A 42 15.34 -2.71 2.09
CA ASP A 42 15.23 -1.71 3.14
C ASP A 42 16.25 -0.59 2.88
N ASN A 43 17.20 -0.89 2.01
CA ASN A 43 18.23 0.08 1.67
C ASN A 43 18.99 0.48 2.93
N ASN A 44 19.74 -0.47 3.46
CA ASN A 44 20.51 -0.23 4.66
C ASN A 44 19.56 0.01 5.84
N SER A 45 18.77 1.07 5.72
CA SER A 45 17.82 1.42 6.76
C SER A 45 16.67 0.40 6.78
N PRO A 46 16.59 -0.36 7.91
CA PRO A 46 15.56 -1.37 8.06
C PRO A 46 14.21 -0.72 8.37
N ILE A 47 13.16 -1.29 7.78
CA ILE A 47 11.82 -0.78 7.98
C ILE A 47 11.53 -0.70 9.48
N THR A 48 10.80 0.34 9.86
CA THR A 48 10.45 0.55 11.25
C THR A 48 8.93 0.63 11.40
N LYS A 49 8.29 1.20 10.39
CA LYS A 49 6.84 1.33 10.40
C LYS A 49 6.31 1.18 8.98
N PHE A 50 5.01 0.88 8.90
CA PHE A 50 4.37 0.70 7.61
C PHE A 50 3.02 1.41 7.57
N ILE A 51 3.01 2.55 6.89
CA ILE A 51 1.79 3.33 6.77
C ILE A 51 1.00 2.87 5.54
N ILE A 52 -0.31 3.04 5.62
CA ILE A 52 -1.18 2.63 4.52
C ILE A 52 -2.12 3.79 4.17
N GLU A 53 -2.68 3.71 2.98
CA GLU A 53 -3.60 4.74 2.52
C GLU A 53 -4.54 4.17 1.44
N TYR A 54 -5.71 4.77 1.35
CA TYR A 54 -6.70 4.34 0.38
C TYR A 54 -7.38 5.54 -0.30
N GLU A 55 -7.95 5.28 -1.46
CA GLU A 55 -8.63 6.33 -2.20
C GLU A 55 -9.99 5.83 -2.69
N ASP A 56 -10.95 6.74 -2.67
CA ASP A 56 -12.30 6.41 -3.11
C ASP A 56 -12.42 6.65 -4.61
N ALA A 57 -12.31 5.56 -5.36
CA ALA A 57 -12.40 5.64 -6.81
C ALA A 57 -13.88 5.74 -7.22
N MET A 58 -14.74 5.34 -6.30
CA MET A 58 -16.17 5.38 -6.55
C MET A 58 -16.72 6.79 -6.39
N HIS A 59 -15.83 7.68 -5.95
CA HIS A 59 -16.21 9.07 -5.74
C HIS A 59 -15.12 9.99 -6.30
N LYS A 60 -13.98 9.97 -5.63
CA LYS A 60 -12.86 10.79 -6.05
C LYS A 60 -11.60 9.92 -6.17
N PRO A 61 -11.37 9.42 -7.41
CA PRO A 61 -10.22 8.57 -7.67
C PRO A 61 -8.93 9.40 -7.72
N GLY A 62 -8.12 9.22 -6.70
CA GLY A 62 -6.85 9.94 -6.62
C GLY A 62 -6.70 10.64 -5.27
N LEU A 63 -7.76 10.54 -4.47
CA LEU A 63 -7.76 11.15 -3.15
C LEU A 63 -7.41 10.10 -2.10
N TRP A 64 -6.16 10.12 -1.67
CA TRP A 64 -5.68 9.18 -0.67
C TRP A 64 -5.84 9.83 0.71
N HIS A 65 -6.25 9.03 1.67
CA HIS A 65 -6.44 9.51 3.03
C HIS A 65 -5.70 8.60 4.00
N HIS A 66 -5.14 9.22 5.03
CA HIS A 66 -4.40 8.47 6.04
C HIS A 66 -5.26 7.32 6.56
N GLN A 67 -4.85 6.12 6.22
CA GLN A 67 -5.57 4.93 6.65
C GLN A 67 -5.09 4.48 8.03
N THR A 68 -3.93 3.82 8.02
CA THR A 68 -3.36 3.34 9.27
C THR A 68 -1.93 2.82 9.02
N GLU A 69 -1.13 2.86 10.09
CA GLU A 69 0.24 2.40 10.01
C GLU A 69 0.52 1.37 11.09
N VAL A 70 1.58 0.60 10.87
CA VAL A 70 1.97 -0.44 11.82
C VAL A 70 3.49 -0.42 11.99
N SER A 71 3.98 -1.36 12.77
CA SER A 71 5.40 -1.46 13.02
C SER A 71 6.13 -1.90 11.74
N GLY A 72 7.44 -2.04 11.87
CA GLY A 72 8.26 -2.45 10.74
C GLY A 72 8.61 -3.94 10.83
N THR A 73 7.83 -4.65 11.63
CA THR A 73 8.04 -6.08 11.80
C THR A 73 6.87 -6.87 11.22
N GLN A 74 5.71 -6.25 11.27
CA GLN A 74 4.50 -6.88 10.75
C GLN A 74 4.35 -6.60 9.25
N THR A 75 3.39 -7.27 8.64
CA THR A 75 3.13 -7.09 7.22
C THR A 75 1.64 -7.23 6.93
N THR A 76 0.84 -7.13 7.99
CA THR A 76 -0.60 -7.24 7.87
C THR A 76 -1.30 -6.23 8.77
N ALA A 77 -2.18 -5.45 8.18
CA ALA A 77 -2.93 -4.44 8.92
C ALA A 77 -4.40 -4.48 8.50
N GLN A 78 -5.23 -3.87 9.31
CA GLN A 78 -6.65 -3.82 9.04
C GLN A 78 -7.06 -2.43 8.54
N LEU A 79 -8.07 -2.41 7.68
CA LEU A 79 -8.55 -1.17 7.12
C LEU A 79 -10.05 -1.03 7.41
N ASN A 80 -10.39 0.03 8.13
CA ASN A 80 -11.78 0.28 8.48
C ASN A 80 -12.49 0.92 7.29
N LEU A 81 -13.34 0.11 6.65
CA LEU A 81 -14.09 0.58 5.49
C LEU A 81 -15.56 0.27 5.70
N SER A 82 -16.39 0.94 4.90
CA SER A 82 -17.83 0.75 4.98
C SER A 82 -18.32 0.00 3.74
N PRO A 83 -19.61 -0.44 3.81
CA PRO A 83 -20.22 -1.16 2.71
C PRO A 83 -20.58 -0.22 1.58
N TYR A 84 -20.57 -0.75 0.37
CA TYR A 84 -20.89 0.03 -0.81
C TYR A 84 -19.94 1.21 -0.97
N VAL A 85 -18.66 0.89 -1.01
CA VAL A 85 -17.64 1.92 -1.16
C VAL A 85 -16.37 1.29 -1.75
N ASN A 86 -16.07 1.68 -2.98
CA ASN A 86 -14.90 1.17 -3.66
C ASN A 86 -13.69 2.07 -3.33
N TYR A 87 -12.51 1.51 -3.56
CA TYR A 87 -11.28 2.24 -3.30
C TYR A 87 -10.07 1.32 -3.39
N SER A 88 -8.89 1.93 -3.40
CA SER A 88 -7.65 1.19 -3.49
C SER A 88 -6.93 1.21 -2.15
N PHE A 89 -5.77 0.57 -2.12
CA PHE A 89 -4.97 0.52 -0.91
C PHE A 89 -3.47 0.59 -1.23
N ARG A 90 -2.82 1.59 -0.65
CA ARG A 90 -1.40 1.77 -0.88
C ARG A 90 -0.64 1.64 0.45
N VAL A 91 0.43 0.85 0.40
CA VAL A 91 1.25 0.63 1.59
C VAL A 91 2.53 1.46 1.47
N MET A 92 3.01 1.91 2.62
CA MET A 92 4.22 2.72 2.67
C MET A 92 5.18 2.20 3.73
N ALA A 93 6.47 2.42 3.49
CA ALA A 93 7.49 1.98 4.43
C ALA A 93 8.28 3.20 4.92
N VAL A 94 8.52 3.21 6.23
CA VAL A 94 9.26 4.31 6.83
C VAL A 94 10.39 3.74 7.69
N ASN A 95 11.58 4.28 7.49
CA ASN A 95 12.74 3.85 8.23
C ASN A 95 13.50 5.06 8.77
N SER A 96 14.71 4.82 9.24
CA SER A 96 15.54 5.88 9.78
C SER A 96 15.58 7.05 8.80
N ILE A 97 15.72 6.72 7.53
CA ILE A 97 15.77 7.73 6.48
C ILE A 97 14.48 8.54 6.50
N GLY A 98 13.48 8.02 5.79
CA GLY A 98 12.19 8.69 5.72
C GLY A 98 11.09 7.71 5.28
N LYS A 99 10.07 8.27 4.67
CA LYS A 99 8.95 7.46 4.20
C LYS A 99 9.03 7.32 2.68
N SER A 100 9.21 6.07 2.25
CA SER A 100 9.30 5.79 0.83
C SER A 100 7.97 6.12 0.13
N LEU A 101 7.92 5.86 -1.16
CA LEU A 101 6.74 6.12 -1.94
C LEU A 101 5.68 5.05 -1.63
N PRO A 102 4.41 5.38 -1.96
CA PRO A 102 3.31 4.45 -1.74
C PRO A 102 3.31 3.33 -2.77
N SER A 103 3.03 2.13 -2.28
CA SER A 103 3.01 0.96 -3.14
C SER A 103 2.24 1.28 -4.43
N GLU A 104 2.62 0.57 -5.48
CA GLU A 104 1.98 0.76 -6.78
C GLU A 104 0.49 1.09 -6.60
N ALA A 105 -0.25 0.07 -6.18
CA ALA A 105 -1.68 0.24 -5.97
C ALA A 105 -2.34 -1.14 -5.94
N SER A 106 -2.53 -1.65 -4.73
CA SER A 106 -3.16 -2.95 -4.56
C SER A 106 -4.39 -3.06 -5.45
N GLU A 107 -4.85 -4.30 -5.61
CA GLU A 107 -6.02 -4.56 -6.44
C GLU A 107 -7.21 -3.74 -5.95
N GLN A 108 -8.29 -3.79 -6.72
CA GLN A 108 -9.50 -3.07 -6.38
C GLN A 108 -10.42 -3.95 -5.53
N TYR A 109 -10.32 -3.78 -4.22
CA TYR A 109 -11.14 -4.54 -3.29
C TYR A 109 -12.43 -3.80 -2.95
N LEU A 110 -13.53 -4.49 -3.16
CA LEU A 110 -14.84 -3.91 -2.89
C LEU A 110 -15.57 -4.78 -1.86
N THR A 111 -15.81 -4.20 -0.70
CA THR A 111 -16.50 -4.91 0.37
C THR A 111 -17.80 -5.53 -0.15
N LYS A 112 -18.53 -6.16 0.75
CA LYS A 112 -19.79 -6.79 0.40
C LYS A 112 -20.86 -6.38 1.41
N ALA A 113 -22.08 -6.24 0.91
CA ALA A 113 -23.20 -5.86 1.75
C ALA A 113 -24.46 -6.56 1.26
N SER A 114 -24.50 -7.87 1.44
CA SER A 114 -25.64 -8.66 1.01
C SER A 114 -26.00 -8.32 -0.43
N GLU A 115 -25.01 -8.46 -1.30
CA GLU A 115 -25.21 -8.18 -2.72
C GLU A 115 -23.87 -8.26 -3.46
N PRO A 116 -23.89 -9.01 -4.60
CA PRO A 116 -22.70 -9.18 -5.41
C PRO A 116 -22.40 -7.91 -6.21
N ASP A 117 -21.26 -7.92 -6.89
CA ASP A 117 -20.86 -6.78 -7.69
C ASP A 117 -19.38 -6.92 -8.06
N LYS A 118 -19.13 -7.01 -9.36
CA LYS A 118 -17.77 -7.15 -9.84
C LYS A 118 -17.16 -5.76 -10.03
N ASN A 119 -16.97 -5.08 -8.90
CA ASN A 119 -16.40 -3.75 -8.92
C ASN A 119 -17.04 -2.93 -10.04
N PRO A 120 -18.25 -2.39 -9.73
CA PRO A 120 -18.97 -1.59 -10.70
C PRO A 120 -18.35 -0.20 -10.85
N THR A 121 -17.98 0.11 -12.09
CA THR A 121 -17.36 1.40 -12.39
C THR A 121 -17.85 1.93 -13.73
N SER A 122 -17.81 3.25 -13.86
CA SER A 122 -18.25 3.89 -15.09
C SER A 122 -17.03 4.32 -15.92
N GLY A 123 -16.66 3.46 -16.86
CA GLY A 123 -15.53 3.74 -17.72
C GLY A 123 -14.90 2.44 -18.23
N PRO A 124 -13.58 2.55 -18.57
CA PRO A 124 -12.85 1.38 -19.07
C PRO A 124 -12.51 0.43 -17.93
N SER A 125 -11.81 -0.65 -18.30
CA SER A 125 -11.42 -1.65 -17.33
C SER A 125 -9.89 -1.66 -17.17
N SER A 126 -9.45 -2.29 -16.10
CA SER A 126 -8.02 -2.38 -15.82
C SER A 126 -7.56 -3.84 -15.91
N GLY A 127 -7.35 -4.28 -17.15
CA GLY A 127 -6.91 -5.65 -17.38
C GLY A 127 -6.85 -5.95 -18.87
N GLY A 1 17.61 -0.01 -17.89
CA GLY A 1 18.52 0.15 -16.77
C GLY A 1 19.98 0.02 -17.23
N SER A 2 20.78 0.98 -16.80
CA SER A 2 22.20 0.98 -17.16
C SER A 2 22.97 1.93 -16.24
N SER A 3 24.09 1.43 -15.74
CA SER A 3 24.92 2.22 -14.85
C SER A 3 26.16 1.41 -14.44
N GLY A 4 27.16 2.13 -13.96
CA GLY A 4 28.39 1.49 -13.54
C GLY A 4 29.41 2.53 -13.05
N SER A 5 29.67 2.50 -11.75
CA SER A 5 30.62 3.43 -11.16
C SER A 5 30.75 3.15 -9.67
N SER A 6 31.96 2.73 -9.28
CA SER A 6 32.24 2.43 -7.88
C SER A 6 33.73 2.13 -7.71
N GLY A 7 34.19 2.33 -6.48
CA GLY A 7 35.59 2.08 -6.16
C GLY A 7 35.81 2.07 -4.64
N PRO A 8 37.00 2.60 -4.24
CA PRO A 8 37.34 2.66 -2.83
C PRO A 8 36.58 3.78 -2.12
N THR A 9 35.33 3.47 -1.79
CA THR A 9 34.49 4.44 -1.11
C THR A 9 33.66 3.75 -0.02
N PRO A 10 34.23 3.75 1.21
CA PRO A 10 33.57 3.13 2.34
C PRO A 10 32.42 4.01 2.84
N ALA A 11 31.21 3.61 2.48
CA ALA A 11 30.02 4.35 2.88
C ALA A 11 28.79 3.72 2.24
N PRO A 12 27.71 3.62 3.05
CA PRO A 12 26.46 3.04 2.59
C PRO A 12 25.72 4.01 1.67
N VAL A 13 24.67 3.50 1.05
CA VAL A 13 23.86 4.31 0.15
C VAL A 13 22.38 4.04 0.41
N TYR A 14 21.84 4.78 1.36
CA TYR A 14 20.44 4.63 1.72
C TYR A 14 19.54 5.24 0.65
N ASP A 15 18.23 5.16 0.90
CA ASP A 15 17.26 5.69 -0.03
C ASP A 15 15.86 5.21 0.36
N VAL A 16 15.56 5.38 1.64
CA VAL A 16 14.26 4.96 2.16
C VAL A 16 13.98 3.52 1.72
N PRO A 17 13.01 2.88 2.43
CA PRO A 17 12.64 1.51 2.13
C PRO A 17 11.80 1.44 0.85
N ASN A 18 12.27 0.62 -0.08
CA ASN A 18 11.58 0.44 -1.35
C ASN A 18 10.09 0.18 -1.08
N PRO A 19 9.28 0.34 -2.17
CA PRO A 19 7.85 0.13 -2.05
C PRO A 19 7.52 -1.37 -1.99
N PRO A 20 6.43 -1.69 -1.23
CA PRO A 20 6.01 -3.07 -1.07
C PRO A 20 5.32 -3.57 -2.35
N PHE A 21 5.06 -4.87 -2.36
CA PHE A 21 4.41 -5.50 -3.51
C PHE A 21 3.61 -6.72 -3.08
N ASP A 22 2.90 -7.29 -4.04
CA ASP A 22 2.08 -8.47 -3.79
C ASP A 22 0.89 -8.08 -2.90
N LEU A 23 0.54 -6.80 -2.97
CA LEU A 23 -0.57 -6.28 -2.19
C LEU A 23 -1.85 -7.03 -2.58
N GLU A 24 -2.59 -7.44 -1.56
CA GLU A 24 -3.84 -8.16 -1.79
C GLU A 24 -4.70 -8.12 -0.53
N LEU A 25 -6.01 -8.21 -0.75
CA LEU A 25 -6.95 -8.18 0.36
C LEU A 25 -7.51 -9.59 0.57
N THR A 26 -7.55 -10.00 1.83
CA THR A 26 -8.07 -11.30 2.18
C THR A 26 -8.71 -11.28 3.56
N ASP A 27 -10.02 -11.44 3.58
CA ASP A 27 -10.77 -11.44 4.82
C ASP A 27 -11.94 -12.42 4.72
N GLN A 28 -12.67 -12.54 5.81
CA GLN A 28 -13.81 -13.44 5.86
C GLN A 28 -14.93 -12.83 6.70
N LEU A 29 -14.85 -11.53 6.89
CA LEU A 29 -15.84 -10.81 7.68
C LEU A 29 -15.94 -9.37 7.17
N ASP A 30 -17.01 -9.11 6.43
CA ASP A 30 -17.23 -7.79 5.87
C ASP A 30 -17.26 -6.77 7.01
N LYS A 31 -16.09 -6.22 7.31
CA LYS A 31 -15.97 -5.23 8.37
C LYS A 31 -14.51 -4.83 8.52
N SER A 32 -13.65 -5.85 8.54
CA SER A 32 -12.22 -5.62 8.69
C SER A 32 -11.45 -6.42 7.64
N VAL A 33 -11.11 -5.75 6.55
CA VAL A 33 -10.37 -6.39 5.48
C VAL A 33 -8.88 -6.38 5.80
N GLN A 34 -8.25 -7.53 5.59
CA GLN A 34 -6.82 -7.66 5.86
C GLN A 34 -6.02 -7.30 4.62
N LEU A 35 -5.03 -6.44 4.81
CA LEU A 35 -4.18 -6.00 3.72
C LEU A 35 -2.78 -6.61 3.89
N SER A 36 -2.46 -7.53 2.99
CA SER A 36 -1.17 -8.18 3.03
C SER A 36 -0.22 -7.55 2.01
N TRP A 37 0.85 -6.97 2.52
CA TRP A 37 1.83 -6.33 1.68
C TRP A 37 3.19 -6.98 1.94
N THR A 38 4.11 -6.76 1.02
CA THR A 38 5.44 -7.32 1.14
C THR A 38 6.50 -6.22 0.95
N PRO A 39 7.21 -5.92 2.07
CA PRO A 39 8.25 -4.90 2.04
C PRO A 39 9.51 -5.42 1.34
N GLY A 40 9.80 -4.83 0.19
CA GLY A 40 10.96 -5.23 -0.59
C GLY A 40 12.25 -4.84 0.14
N ASP A 41 13.22 -4.40 -0.65
CA ASP A 41 14.51 -4.01 -0.09
C ASP A 41 14.30 -2.87 0.92
N ASP A 42 15.27 -2.74 1.82
CA ASP A 42 15.19 -1.70 2.83
C ASP A 42 16.23 -0.62 2.52
N ASN A 43 17.17 -0.97 1.65
CA ASN A 43 18.21 -0.03 1.26
C ASN A 43 19.01 0.38 2.50
N ASN A 44 19.72 -0.59 3.06
CA ASN A 44 20.53 -0.34 4.24
C ASN A 44 19.61 -0.05 5.43
N SER A 45 18.82 1.01 5.29
CA SER A 45 17.89 1.40 6.35
C SER A 45 16.73 0.40 6.41
N PRO A 46 16.67 -0.34 7.55
CA PRO A 46 15.61 -1.32 7.75
C PRO A 46 14.29 -0.63 8.07
N ILE A 47 13.21 -1.25 7.61
CA ILE A 47 11.88 -0.72 7.84
C ILE A 47 11.61 -0.68 9.35
N THR A 48 10.93 0.38 9.77
CA THR A 48 10.60 0.54 11.18
C THR A 48 9.10 0.76 11.35
N LYS A 49 8.51 1.41 10.35
CA LYS A 49 7.08 1.69 10.39
C LYS A 49 6.49 1.44 9.00
N PHE A 50 5.18 1.23 8.97
CA PHE A 50 4.49 0.99 7.72
C PHE A 50 3.16 1.75 7.67
N ILE A 51 3.16 2.82 6.90
CA ILE A 51 1.97 3.64 6.75
C ILE A 51 1.12 3.11 5.60
N ILE A 52 -0.17 3.41 5.67
CA ILE A 52 -1.10 2.96 4.65
C ILE A 52 -1.98 4.13 4.21
N GLU A 53 -2.53 4.01 3.02
CA GLU A 53 -3.39 5.05 2.48
C GLU A 53 -4.35 4.46 1.44
N TYR A 54 -5.58 4.95 1.48
CA TYR A 54 -6.60 4.47 0.55
C TYR A 54 -7.30 5.65 -0.14
N GLU A 55 -7.90 5.35 -1.28
CA GLU A 55 -8.60 6.37 -2.03
C GLU A 55 -9.97 5.84 -2.49
N ASP A 56 -10.88 6.78 -2.72
CA ASP A 56 -12.22 6.42 -3.16
C ASP A 56 -12.33 6.63 -4.67
N ALA A 57 -12.00 5.57 -5.40
CA ALA A 57 -12.07 5.62 -6.86
C ALA A 57 -13.52 5.78 -7.29
N MET A 58 -14.42 5.43 -6.39
CA MET A 58 -15.85 5.53 -6.67
C MET A 58 -16.34 6.97 -6.50
N HIS A 59 -15.63 7.70 -5.67
CA HIS A 59 -15.98 9.09 -5.42
C HIS A 59 -14.85 10.00 -5.87
N LYS A 60 -13.75 9.96 -5.14
CA LYS A 60 -12.59 10.78 -5.47
C LYS A 60 -11.43 9.86 -5.83
N PRO A 61 -11.32 9.58 -7.16
CA PRO A 61 -10.25 8.73 -7.66
C PRO A 61 -8.92 9.47 -7.68
N GLY A 62 -8.06 9.11 -6.75
CA GLY A 62 -6.75 9.74 -6.65
C GLY A 62 -6.56 10.39 -5.28
N LEU A 63 -7.68 10.63 -4.62
CA LEU A 63 -7.65 11.26 -3.30
C LEU A 63 -7.34 10.20 -2.24
N TRP A 64 -6.11 10.25 -1.74
CA TRP A 64 -5.67 9.31 -0.73
C TRP A 64 -5.81 9.98 0.64
N HIS A 65 -6.17 9.18 1.63
CA HIS A 65 -6.34 9.68 2.98
C HIS A 65 -5.57 8.78 3.96
N HIS A 66 -4.85 9.43 4.87
CA HIS A 66 -4.08 8.71 5.87
C HIS A 66 -4.99 7.70 6.57
N GLN A 67 -4.80 6.43 6.22
CA GLN A 67 -5.59 5.36 6.81
C GLN A 67 -5.03 5.00 8.19
N THR A 68 -3.88 4.33 8.17
CA THR A 68 -3.23 3.92 9.40
C THR A 68 -1.85 3.36 9.11
N GLU A 69 -1.05 3.24 10.17
CA GLU A 69 0.29 2.73 10.04
C GLU A 69 0.52 1.57 11.03
N VAL A 70 1.67 0.94 10.90
CA VAL A 70 2.01 -0.18 11.76
C VAL A 70 3.53 -0.21 11.97
N SER A 71 3.97 -1.23 12.68
CA SER A 71 5.39 -1.39 12.97
C SER A 71 6.12 -1.86 11.71
N GLY A 72 7.44 -1.81 11.77
CA GLY A 72 8.27 -2.23 10.65
C GLY A 72 8.61 -3.72 10.74
N THR A 73 7.73 -4.45 11.43
CA THR A 73 7.93 -5.88 11.60
C THR A 73 6.75 -6.65 10.99
N GLN A 74 5.56 -6.09 11.16
CA GLN A 74 4.37 -6.72 10.63
C GLN A 74 4.19 -6.35 9.15
N THR A 75 3.33 -7.11 8.49
CA THR A 75 3.06 -6.89 7.08
C THR A 75 1.58 -7.11 6.78
N THR A 76 0.78 -7.13 7.84
CA THR A 76 -0.65 -7.33 7.70
C THR A 76 -1.41 -6.42 8.67
N ALA A 77 -2.35 -5.68 8.12
CA ALA A 77 -3.16 -4.77 8.92
C ALA A 77 -4.61 -4.83 8.45
N GLN A 78 -5.51 -4.60 9.40
CA GLN A 78 -6.93 -4.62 9.09
C GLN A 78 -7.40 -3.25 8.63
N LEU A 79 -8.12 -3.23 7.52
CA LEU A 79 -8.64 -1.99 6.97
C LEU A 79 -10.15 -1.92 7.20
N ASN A 80 -10.61 -0.73 7.54
CA ASN A 80 -12.02 -0.51 7.79
C ASN A 80 -12.63 0.27 6.62
N LEU A 81 -13.50 -0.40 5.89
CA LEU A 81 -14.16 0.21 4.75
C LEU A 81 -15.67 0.01 4.86
N SER A 82 -16.40 0.81 4.11
CA SER A 82 -17.85 0.73 4.12
C SER A 82 -18.35 0.07 2.83
N PRO A 83 -19.59 -0.47 2.90
CA PRO A 83 -20.19 -1.12 1.75
C PRO A 83 -20.66 -0.09 0.71
N TYR A 84 -20.85 -0.57 -0.51
CA TYR A 84 -21.29 0.30 -1.59
C TYR A 84 -20.32 1.45 -1.80
N VAL A 85 -19.03 1.12 -1.82
CA VAL A 85 -18.00 2.12 -2.01
C VAL A 85 -16.73 1.43 -2.50
N ASN A 86 -16.15 2.02 -3.54
CA ASN A 86 -14.92 1.48 -4.11
C ASN A 86 -13.73 2.31 -3.64
N TYR A 87 -12.58 1.66 -3.59
CA TYR A 87 -11.36 2.33 -3.15
C TYR A 87 -10.16 1.39 -3.25
N SER A 88 -8.98 1.98 -3.16
CA SER A 88 -7.75 1.21 -3.24
C SER A 88 -7.01 1.26 -1.91
N PHE A 89 -5.86 0.62 -1.87
CA PHE A 89 -5.05 0.57 -0.67
C PHE A 89 -3.56 0.51 -1.02
N ARG A 90 -2.80 1.38 -0.37
CA ARG A 90 -1.37 1.43 -0.59
C ARG A 90 -0.62 1.34 0.74
N VAL A 91 0.56 0.73 0.68
CA VAL A 91 1.38 0.56 1.87
C VAL A 91 2.70 1.33 1.68
N MET A 92 3.05 2.10 2.70
CA MET A 92 4.28 2.87 2.65
C MET A 92 5.27 2.40 3.73
N ALA A 93 6.55 2.60 3.44
CA ALA A 93 7.59 2.20 4.36
C ALA A 93 8.39 3.43 4.78
N VAL A 94 8.73 3.47 6.07
CA VAL A 94 9.49 4.58 6.61
C VAL A 94 10.56 4.05 7.57
N ASN A 95 11.78 4.50 7.37
CA ASN A 95 12.89 4.07 8.21
C ASN A 95 13.70 5.30 8.63
N SER A 96 14.83 5.03 9.27
CA SER A 96 15.70 6.10 9.73
C SER A 96 15.72 7.23 8.71
N ILE A 97 15.95 6.85 7.46
CA ILE A 97 16.00 7.83 6.38
C ILE A 97 14.70 8.65 6.38
N GLY A 98 13.76 8.20 5.58
CA GLY A 98 12.47 8.88 5.47
C GLY A 98 11.39 7.91 5.00
N LYS A 99 10.34 8.49 4.42
CA LYS A 99 9.23 7.69 3.93
C LYS A 99 9.38 7.51 2.42
N SER A 100 9.17 6.27 1.98
CA SER A 100 9.28 5.95 0.57
C SER A 100 7.95 6.23 -0.13
N LEU A 101 7.91 5.89 -1.42
CA LEU A 101 6.72 6.11 -2.21
C LEU A 101 5.67 5.04 -1.84
N PRO A 102 4.39 5.35 -2.19
CA PRO A 102 3.30 4.44 -1.90
C PRO A 102 3.31 3.26 -2.86
N SER A 103 2.96 2.10 -2.34
CA SER A 103 2.92 0.88 -3.13
C SER A 103 2.09 1.11 -4.40
N GLU A 104 2.39 0.31 -5.41
CA GLU A 104 1.68 0.42 -6.67
C GLU A 104 0.20 0.77 -6.43
N ALA A 105 -0.54 -0.24 -5.97
CA ALA A 105 -1.94 -0.06 -5.69
C ALA A 105 -2.63 -1.43 -5.63
N SER A 106 -2.79 -1.92 -4.42
CA SER A 106 -3.42 -3.22 -4.22
C SER A 106 -4.65 -3.35 -5.12
N GLU A 107 -5.01 -4.59 -5.39
CA GLU A 107 -6.17 -4.86 -6.24
C GLU A 107 -7.38 -4.05 -5.78
N GLN A 108 -8.27 -3.78 -6.72
CA GLN A 108 -9.47 -3.02 -6.42
C GLN A 108 -10.44 -3.86 -5.60
N TYR A 109 -10.38 -3.68 -4.30
CA TYR A 109 -11.25 -4.41 -3.39
C TYR A 109 -12.51 -3.60 -3.06
N LEU A 110 -13.65 -4.15 -3.46
CA LEU A 110 -14.92 -3.49 -3.21
C LEU A 110 -15.76 -4.35 -2.27
N THR A 111 -15.96 -3.85 -1.06
CA THR A 111 -16.74 -4.57 -0.07
C THR A 111 -18.12 -4.92 -0.62
N LYS A 112 -18.73 -5.94 -0.03
CA LYS A 112 -20.03 -6.38 -0.45
C LYS A 112 -20.92 -5.17 -0.75
N ALA A 113 -21.95 -5.39 -1.56
CA ALA A 113 -22.86 -4.34 -1.92
C ALA A 113 -24.05 -4.92 -2.68
N SER A 114 -24.71 -5.87 -2.02
CA SER A 114 -25.86 -6.53 -2.62
C SER A 114 -25.56 -6.89 -4.07
N GLU A 115 -24.43 -7.56 -4.25
CA GLU A 115 -24.01 -7.97 -5.59
C GLU A 115 -22.79 -8.89 -5.50
N PRO A 116 -22.74 -9.87 -6.44
CA PRO A 116 -21.64 -10.81 -6.48
C PRO A 116 -20.36 -10.15 -7.03
N ASP A 117 -19.43 -10.99 -7.44
CA ASP A 117 -18.17 -10.52 -7.97
C ASP A 117 -17.41 -9.76 -6.88
N LYS A 118 -16.14 -9.48 -7.18
CA LYS A 118 -15.30 -8.76 -6.23
C LYS A 118 -14.72 -7.53 -6.91
N ASN A 119 -15.60 -6.56 -7.15
CA ASN A 119 -15.18 -5.32 -7.79
C ASN A 119 -14.86 -5.59 -9.26
N PRO A 120 -15.72 -5.05 -10.15
CA PRO A 120 -15.53 -5.23 -11.58
C PRO A 120 -14.40 -4.35 -12.11
N THR A 121 -13.27 -4.98 -12.33
CA THR A 121 -12.10 -4.27 -12.82
C THR A 121 -11.42 -5.07 -13.95
N SER A 122 -11.03 -4.34 -14.98
CA SER A 122 -10.37 -4.96 -16.13
C SER A 122 -8.97 -5.43 -15.74
N GLY A 123 -8.16 -4.48 -15.32
CA GLY A 123 -6.80 -4.77 -14.92
C GLY A 123 -5.80 -4.29 -15.97
N PRO A 124 -4.53 -4.07 -15.50
CA PRO A 124 -3.48 -3.61 -16.40
C PRO A 124 -2.99 -4.74 -17.30
N SER A 125 -3.80 -5.05 -18.29
CA SER A 125 -3.47 -6.10 -19.24
C SER A 125 -3.07 -7.37 -18.48
N SER A 126 -4.06 -8.24 -18.29
CA SER A 126 -3.83 -9.49 -17.58
C SER A 126 -3.31 -9.21 -16.17
N GLY A 127 -3.52 -10.18 -15.29
CA GLY A 127 -3.09 -10.05 -13.91
C GLY A 127 -3.75 -11.10 -13.02
N GLY A 1 16.84 16.72 -14.77
CA GLY A 1 17.40 18.06 -14.70
C GLY A 1 18.74 18.04 -13.96
N SER A 2 18.81 18.86 -12.92
CA SER A 2 20.02 18.96 -12.12
C SER A 2 20.29 17.64 -11.41
N SER A 3 21.55 17.43 -11.05
CA SER A 3 21.94 16.22 -10.36
C SER A 3 23.44 16.21 -10.10
N GLY A 4 23.89 15.26 -9.30
CA GLY A 4 25.29 15.14 -8.97
C GLY A 4 25.63 13.72 -8.51
N SER A 5 25.88 13.60 -7.22
CA SER A 5 26.22 12.30 -6.64
C SER A 5 27.51 11.77 -7.27
N SER A 6 28.50 11.56 -6.41
CA SER A 6 29.79 11.05 -6.86
C SER A 6 29.80 9.53 -6.80
N GLY A 7 29.19 9.00 -5.75
CA GLY A 7 29.12 7.56 -5.57
C GLY A 7 30.20 7.09 -4.60
N PRO A 8 29.85 7.11 -3.28
CA PRO A 8 30.78 6.68 -2.25
C PRO A 8 30.91 5.16 -2.23
N THR A 9 32.15 4.71 -2.16
CA THR A 9 32.41 3.27 -2.12
C THR A 9 32.08 2.70 -0.74
N PRO A 10 32.65 3.36 0.31
CA PRO A 10 32.42 2.92 1.68
C PRO A 10 31.02 3.31 2.15
N ALA A 11 30.84 4.60 2.37
CA ALA A 11 29.57 5.13 2.82
C ALA A 11 28.44 4.41 2.07
N PRO A 12 27.33 4.15 2.82
CA PRO A 12 26.18 3.48 2.24
C PRO A 12 25.39 4.41 1.33
N VAL A 13 24.35 3.86 0.72
CA VAL A 13 23.51 4.63 -0.18
C VAL A 13 22.04 4.34 0.12
N TYR A 14 21.51 5.06 1.09
CA TYR A 14 20.12 4.88 1.48
C TYR A 14 19.18 5.39 0.40
N ASP A 15 17.90 5.43 0.73
CA ASP A 15 16.88 5.89 -0.20
C ASP A 15 15.53 5.34 0.22
N VAL A 16 15.21 5.55 1.50
CA VAL A 16 13.95 5.10 2.04
C VAL A 16 13.73 3.63 1.65
N PRO A 17 12.78 2.98 2.39
CA PRO A 17 12.47 1.58 2.13
C PRO A 17 11.64 1.43 0.86
N ASN A 18 12.20 0.70 -0.10
CA ASN A 18 11.53 0.47 -1.36
C ASN A 18 10.04 0.22 -1.09
N PRO A 19 9.22 0.42 -2.16
CA PRO A 19 7.79 0.22 -2.06
C PRO A 19 7.45 -1.27 -2.04
N PRO A 20 6.33 -1.60 -1.34
CA PRO A 20 5.88 -2.97 -1.23
C PRO A 20 5.23 -3.45 -2.54
N PHE A 21 5.11 -4.76 -2.66
CA PHE A 21 4.52 -5.34 -3.84
C PHE A 21 3.71 -6.60 -3.49
N ASP A 22 3.16 -7.22 -4.52
CA ASP A 22 2.37 -8.43 -4.34
C ASP A 22 1.15 -8.10 -3.48
N LEU A 23 0.90 -6.81 -3.33
CA LEU A 23 -0.23 -6.36 -2.53
C LEU A 23 -1.43 -7.28 -2.78
N GLU A 24 -1.94 -7.84 -1.69
CA GLU A 24 -3.09 -8.73 -1.78
C GLU A 24 -4.09 -8.43 -0.66
N LEU A 25 -5.27 -9.00 -0.80
CA LEU A 25 -6.32 -8.79 0.18
C LEU A 25 -6.93 -10.15 0.56
N THR A 26 -6.72 -10.52 1.82
CA THR A 26 -7.24 -11.79 2.32
C THR A 26 -7.66 -11.65 3.78
N ASP A 27 -8.87 -12.09 4.05
CA ASP A 27 -9.41 -12.03 5.41
C ASP A 27 -10.28 -13.25 5.67
N GLN A 28 -11.02 -13.20 6.77
CA GLN A 28 -11.90 -14.30 7.14
C GLN A 28 -12.67 -13.94 8.41
N LEU A 29 -13.10 -12.68 8.49
CA LEU A 29 -13.85 -12.20 9.63
C LEU A 29 -14.91 -11.21 9.16
N ASP A 30 -15.97 -11.11 9.95
CA ASP A 30 -17.06 -10.19 9.63
C ASP A 30 -16.89 -8.91 10.43
N LYS A 31 -15.65 -8.43 10.48
CA LYS A 31 -15.34 -7.21 11.20
C LYS A 31 -14.54 -6.28 10.30
N SER A 32 -13.46 -6.81 9.75
CA SER A 32 -12.61 -6.04 8.86
C SER A 32 -11.79 -6.97 7.97
N VAL A 33 -11.08 -6.38 7.03
CA VAL A 33 -10.26 -7.14 6.10
C VAL A 33 -8.78 -6.90 6.44
N GLN A 34 -7.99 -7.93 6.18
CA GLN A 34 -6.56 -7.86 6.44
C GLN A 34 -5.79 -7.61 5.14
N LEU A 35 -5.04 -6.52 5.14
CA LEU A 35 -4.25 -6.16 3.97
C LEU A 35 -2.81 -6.66 4.15
N SER A 36 -2.48 -7.66 3.33
CA SER A 36 -1.15 -8.24 3.38
C SER A 36 -0.26 -7.62 2.30
N TRP A 37 0.78 -6.92 2.76
CA TRP A 37 1.71 -6.28 1.85
C TRP A 37 3.07 -6.95 2.01
N THR A 38 3.93 -6.71 1.03
CA THR A 38 5.28 -7.29 1.06
C THR A 38 6.32 -6.17 1.03
N PRO A 39 7.01 -6.00 2.19
CA PRO A 39 8.05 -4.98 2.30
C PRO A 39 9.31 -5.40 1.57
N GLY A 40 9.54 -4.75 0.43
CA GLY A 40 10.72 -5.04 -0.38
C GLY A 40 12.00 -4.65 0.37
N ASP A 41 13.01 -4.29 -0.42
CA ASP A 41 14.29 -3.90 0.14
C ASP A 41 14.08 -2.76 1.14
N ASP A 42 15.10 -2.51 1.95
CA ASP A 42 15.04 -1.45 2.94
C ASP A 42 16.03 -0.36 2.56
N ASN A 43 16.96 -0.71 1.69
CA ASN A 43 17.97 0.23 1.25
C ASN A 43 18.79 0.70 2.46
N ASN A 44 19.56 -0.23 3.00
CA ASN A 44 20.39 0.08 4.15
C ASN A 44 19.50 0.35 5.36
N SER A 45 18.68 1.39 5.24
CA SER A 45 17.77 1.76 6.30
C SER A 45 16.63 0.74 6.41
N PRO A 46 16.59 0.04 7.57
CA PRO A 46 15.57 -0.96 7.81
C PRO A 46 14.22 -0.31 8.13
N ILE A 47 13.16 -0.94 7.66
CA ILE A 47 11.82 -0.43 7.89
C ILE A 47 11.56 -0.34 9.39
N THR A 48 10.78 0.66 9.77
CA THR A 48 10.45 0.86 11.17
C THR A 48 8.93 0.93 11.34
N LYS A 49 8.26 1.43 10.31
CA LYS A 49 6.81 1.55 10.35
C LYS A 49 6.26 1.38 8.93
N PHE A 50 4.98 1.04 8.87
CA PHE A 50 4.32 0.85 7.58
C PHE A 50 2.95 1.52 7.57
N ILE A 51 2.88 2.66 6.89
CA ILE A 51 1.65 3.41 6.79
C ILE A 51 0.85 2.91 5.58
N ILE A 52 -0.45 3.14 5.63
CA ILE A 52 -1.32 2.72 4.54
C ILE A 52 -2.23 3.89 4.16
N GLU A 53 -2.42 4.05 2.85
CA GLU A 53 -3.25 5.11 2.34
C GLU A 53 -4.24 4.57 1.29
N TYR A 54 -5.39 5.20 1.23
CA TYR A 54 -6.41 4.79 0.28
C TYR A 54 -7.03 6.00 -0.42
N GLU A 55 -7.57 5.75 -1.61
CA GLU A 55 -8.19 6.80 -2.39
C GLU A 55 -9.58 6.37 -2.85
N ASP A 56 -10.48 7.34 -2.89
CA ASP A 56 -11.85 7.07 -3.32
C ASP A 56 -11.98 7.36 -4.82
N ALA A 57 -12.32 6.33 -5.57
CA ALA A 57 -12.48 6.46 -7.01
C ALA A 57 -13.94 6.79 -7.33
N MET A 58 -14.77 6.69 -6.30
CA MET A 58 -16.19 6.96 -6.45
C MET A 58 -16.50 8.42 -6.15
N HIS A 59 -15.52 9.10 -5.58
CA HIS A 59 -15.67 10.51 -5.23
C HIS A 59 -14.50 11.31 -5.80
N LYS A 60 -13.38 11.22 -5.10
CA LYS A 60 -12.17 11.93 -5.52
C LYS A 60 -11.06 10.92 -5.81
N PRO A 61 -10.96 10.54 -7.11
CA PRO A 61 -9.95 9.58 -7.54
C PRO A 61 -8.56 10.23 -7.57
N GLY A 62 -7.58 9.47 -7.11
CA GLY A 62 -6.21 9.95 -7.09
C GLY A 62 -5.89 10.62 -5.75
N LEU A 63 -6.93 10.80 -4.94
CA LEU A 63 -6.77 11.42 -3.65
C LEU A 63 -6.59 10.33 -2.59
N TRP A 64 -5.34 10.17 -2.16
CA TRP A 64 -5.01 9.16 -1.16
C TRP A 64 -4.99 9.86 0.20
N HIS A 65 -5.54 9.17 1.19
CA HIS A 65 -5.59 9.69 2.54
C HIS A 65 -4.86 8.75 3.50
N HIS A 66 -4.82 9.14 4.76
CA HIS A 66 -4.16 8.35 5.78
C HIS A 66 -5.15 7.32 6.33
N GLN A 67 -4.74 6.06 6.28
CA GLN A 67 -5.57 4.98 6.77
C GLN A 67 -5.08 4.51 8.14
N THR A 68 -3.98 3.79 8.13
CA THR A 68 -3.40 3.28 9.36
C THR A 68 -1.95 2.85 9.13
N GLU A 69 -1.18 2.86 10.21
CA GLU A 69 0.22 2.47 10.15
C GLU A 69 0.56 1.50 11.28
N VAL A 70 1.54 0.66 11.01
CA VAL A 70 1.97 -0.32 12.00
C VAL A 70 3.49 -0.27 12.13
N SER A 71 4.02 -1.18 12.94
CA SER A 71 5.44 -1.26 13.16
C SER A 71 6.16 -1.59 11.85
N GLY A 72 7.48 -1.66 11.93
CA GLY A 72 8.28 -1.96 10.75
C GLY A 72 8.52 -3.46 10.62
N THR A 73 7.85 -4.21 11.48
CA THR A 73 7.97 -5.66 11.48
C THR A 73 6.65 -6.31 11.06
N GLN A 74 5.62 -5.47 10.96
CA GLN A 74 4.30 -5.95 10.59
C GLN A 74 4.17 -6.00 9.06
N THR A 75 3.23 -6.79 8.60
CA THR A 75 2.99 -6.93 7.17
C THR A 75 1.50 -7.16 6.90
N THR A 76 0.70 -6.89 7.92
CA THR A 76 -0.74 -7.05 7.80
C THR A 76 -1.47 -6.11 8.76
N ALA A 77 -2.47 -5.43 8.23
CA ALA A 77 -3.25 -4.50 9.03
C ALA A 77 -4.70 -4.53 8.58
N GLN A 78 -5.60 -4.39 9.54
CA GLN A 78 -7.02 -4.40 9.26
C GLN A 78 -7.44 -3.10 8.57
N LEU A 79 -8.24 -3.25 7.53
CA LEU A 79 -8.72 -2.10 6.78
C LEU A 79 -10.23 -1.98 6.95
N ASN A 80 -10.65 -0.81 7.43
CA ASN A 80 -12.06 -0.55 7.65
C ASN A 80 -12.73 -0.19 6.31
N LEU A 81 -13.53 -1.12 5.82
CA LEU A 81 -14.23 -0.92 4.57
C LEU A 81 -15.71 -0.66 4.84
N SER A 82 -16.32 0.13 3.98
CA SER A 82 -17.73 0.47 4.12
C SER A 82 -18.52 -0.17 2.98
N PRO A 83 -19.86 0.05 3.02
CA PRO A 83 -20.75 -0.49 2.00
C PRO A 83 -20.62 0.31 0.70
N TYR A 84 -21.40 1.37 0.61
CA TYR A 84 -21.39 2.21 -0.57
C TYR A 84 -20.17 3.13 -0.58
N VAL A 85 -19.08 2.61 -1.16
CA VAL A 85 -17.85 3.37 -1.24
C VAL A 85 -16.82 2.56 -2.03
N ASN A 86 -16.08 3.27 -2.86
CA ASN A 86 -15.06 2.64 -3.69
C ASN A 86 -13.71 3.31 -3.43
N TYR A 87 -12.65 2.51 -3.53
CA TYR A 87 -11.31 3.02 -3.30
C TYR A 87 -10.28 1.89 -3.43
N SER A 88 -9.03 2.25 -3.14
CA SER A 88 -7.95 1.28 -3.22
C SER A 88 -7.19 1.23 -1.89
N PHE A 89 -6.15 0.42 -1.87
CA PHE A 89 -5.34 0.28 -0.67
C PHE A 89 -3.85 0.43 -0.99
N ARG A 90 -3.24 1.40 -0.33
CA ARG A 90 -1.82 1.66 -0.53
C ARG A 90 -1.03 1.34 0.73
N VAL A 91 0.27 1.12 0.55
CA VAL A 91 1.14 0.80 1.66
C VAL A 91 2.45 1.57 1.52
N MET A 92 2.89 2.14 2.64
CA MET A 92 4.12 2.92 2.65
C MET A 92 5.08 2.38 3.72
N ALA A 93 6.36 2.63 3.48
CA ALA A 93 7.39 2.20 4.41
C ALA A 93 8.21 3.41 4.87
N VAL A 94 8.42 3.46 6.18
CA VAL A 94 9.18 4.56 6.77
C VAL A 94 10.34 3.99 7.57
N ASN A 95 11.52 4.52 7.31
CA ASN A 95 12.72 4.08 8.01
C ASN A 95 13.50 5.30 8.50
N SER A 96 14.73 5.04 8.93
CA SER A 96 15.58 6.11 9.43
C SER A 96 15.57 7.28 8.45
N ILE A 97 15.59 6.95 7.17
CA ILE A 97 15.59 7.97 6.13
C ILE A 97 14.26 8.72 6.17
N GLY A 98 13.27 8.16 5.49
CA GLY A 98 11.94 8.77 5.45
C GLY A 98 10.90 7.76 4.98
N LYS A 99 9.83 8.30 4.40
CA LYS A 99 8.75 7.47 3.90
C LYS A 99 8.89 7.32 2.38
N SER A 100 9.05 6.08 1.95
CA SER A 100 9.20 5.79 0.53
C SER A 100 7.87 6.06 -0.19
N LEU A 101 7.95 6.07 -1.51
CA LEU A 101 6.77 6.32 -2.33
C LEU A 101 5.67 5.32 -1.94
N PRO A 102 4.42 5.66 -2.35
CA PRO A 102 3.28 4.81 -2.05
C PRO A 102 3.28 3.56 -2.94
N SER A 103 2.83 2.46 -2.37
CA SER A 103 2.76 1.21 -3.09
C SER A 103 1.96 1.38 -4.38
N GLU A 104 2.28 0.55 -5.36
CA GLU A 104 1.59 0.61 -6.64
C GLU A 104 0.10 0.90 -6.43
N ALA A 105 -0.63 -0.15 -6.08
CA ALA A 105 -2.06 -0.01 -5.85
C ALA A 105 -2.72 -1.39 -5.92
N SER A 106 -3.16 -1.86 -4.77
CA SER A 106 -3.82 -3.16 -4.70
C SER A 106 -5.14 -3.14 -5.47
N GLU A 107 -5.69 -4.32 -5.66
CA GLU A 107 -6.95 -4.45 -6.38
C GLU A 107 -8.01 -3.55 -5.75
N GLN A 108 -9.04 -3.26 -6.54
CA GLN A 108 -10.12 -2.40 -6.07
C GLN A 108 -11.13 -3.23 -5.26
N TYR A 109 -10.96 -3.18 -3.94
CA TYR A 109 -11.84 -3.90 -3.06
C TYR A 109 -13.16 -3.16 -2.86
N LEU A 110 -14.25 -3.86 -3.18
CA LEU A 110 -15.57 -3.28 -3.05
C LEU A 110 -16.47 -4.23 -2.25
N THR A 111 -17.08 -3.69 -1.21
CA THR A 111 -17.97 -4.47 -0.37
C THR A 111 -19.35 -4.59 -1.01
N LYS A 112 -20.22 -5.34 -0.34
CA LYS A 112 -21.57 -5.53 -0.82
C LYS A 112 -22.56 -4.78 0.09
N ALA A 113 -23.40 -3.98 -0.53
CA ALA A 113 -24.38 -3.21 0.21
C ALA A 113 -25.77 -3.81 -0.02
N SER A 114 -25.89 -5.09 0.33
CA SER A 114 -27.15 -5.79 0.16
C SER A 114 -27.71 -5.55 -1.24
N GLU A 115 -26.92 -5.93 -2.23
CA GLU A 115 -27.32 -5.76 -3.62
C GLU A 115 -26.17 -6.15 -4.55
N PRO A 116 -26.52 -6.97 -5.57
CA PRO A 116 -25.52 -7.42 -6.54
C PRO A 116 -25.17 -6.30 -7.51
N ASP A 117 -24.09 -6.52 -8.24
CA ASP A 117 -23.62 -5.54 -9.21
C ASP A 117 -22.19 -5.87 -9.63
N LYS A 118 -21.54 -4.89 -10.24
CA LYS A 118 -20.17 -5.07 -10.68
C LYS A 118 -19.21 -4.70 -9.55
N ASN A 119 -19.45 -3.53 -8.97
CA ASN A 119 -18.62 -3.05 -7.88
C ASN A 119 -18.36 -4.19 -6.91
N PRO A 120 -19.48 -4.84 -6.46
CA PRO A 120 -19.38 -5.94 -5.52
C PRO A 120 -18.89 -7.22 -6.22
N THR A 121 -18.88 -8.30 -5.47
CA THR A 121 -18.43 -9.58 -6.01
C THR A 121 -17.17 -9.40 -6.85
N SER A 122 -16.06 -9.22 -6.16
CA SER A 122 -14.79 -9.04 -6.82
C SER A 122 -14.07 -10.38 -6.97
N GLY A 123 -14.27 -10.99 -8.13
CA GLY A 123 -13.66 -12.28 -8.42
C GLY A 123 -12.64 -12.15 -9.55
N PRO A 124 -12.44 -13.30 -10.27
CA PRO A 124 -11.51 -13.33 -11.38
C PRO A 124 -12.07 -12.60 -12.60
N SER A 125 -11.20 -12.38 -13.57
CA SER A 125 -11.61 -11.70 -14.79
C SER A 125 -10.60 -12.01 -15.91
N SER A 126 -11.15 -12.29 -17.09
CA SER A 126 -10.31 -12.59 -18.24
C SER A 126 -9.94 -11.31 -18.97
N GLY A 127 -8.69 -11.23 -19.39
CA GLY A 127 -8.19 -10.07 -20.09
C GLY A 127 -6.98 -9.46 -19.38
N GLY A 1 15.13 3.01 -11.98
CA GLY A 1 16.50 3.27 -12.39
C GLY A 1 16.89 4.72 -12.07
N SER A 2 17.48 4.90 -10.91
CA SER A 2 17.90 6.22 -10.47
C SER A 2 19.37 6.18 -10.04
N SER A 3 20.06 7.29 -10.29
CA SER A 3 21.46 7.40 -9.94
C SER A 3 22.29 6.43 -10.78
N GLY A 4 23.57 6.71 -10.88
CA GLY A 4 24.47 5.88 -11.65
C GLY A 4 25.41 5.09 -10.72
N SER A 5 24.88 4.00 -10.19
CA SER A 5 25.66 3.16 -9.29
C SER A 5 26.47 2.13 -10.10
N SER A 6 27.64 1.80 -9.58
CA SER A 6 28.51 0.85 -10.24
C SER A 6 29.21 -0.02 -9.19
N GLY A 7 29.85 0.66 -8.25
CA GLY A 7 30.57 -0.04 -7.19
C GLY A 7 30.72 0.86 -5.96
N PRO A 8 29.58 1.06 -5.25
CA PRO A 8 29.57 1.90 -4.06
C PRO A 8 30.20 1.15 -2.87
N THR A 9 31.49 0.87 -3.02
CA THR A 9 32.22 0.16 -1.98
C THR A 9 32.45 1.09 -0.78
N PRO A 10 33.00 2.29 -1.08
CA PRO A 10 33.27 3.27 -0.04
C PRO A 10 31.98 3.93 0.45
N ALA A 11 31.64 3.65 1.70
CA ALA A 11 30.43 4.21 2.30
C ALA A 11 29.21 3.57 1.64
N PRO A 12 28.20 3.28 2.49
CA PRO A 12 26.96 2.67 2.01
C PRO A 12 26.09 3.70 1.27
N VAL A 13 24.86 3.30 1.01
CA VAL A 13 23.93 4.17 0.31
C VAL A 13 22.50 3.82 0.72
N TYR A 14 21.72 4.85 0.97
CA TYR A 14 20.33 4.65 1.37
C TYR A 14 19.37 5.26 0.35
N ASP A 15 18.11 5.35 0.74
CA ASP A 15 17.09 5.90 -0.14
C ASP A 15 15.71 5.38 0.30
N VAL A 16 15.45 5.51 1.58
CA VAL A 16 14.18 5.06 2.13
C VAL A 16 13.91 3.62 1.68
N PRO A 17 12.98 2.95 2.41
CA PRO A 17 12.64 1.58 2.09
C PRO A 17 11.76 1.50 0.84
N ASN A 18 12.26 0.80 -0.16
CA ASN A 18 11.54 0.65 -1.41
C ASN A 18 10.06 0.34 -1.11
N PRO A 19 9.21 0.55 -2.14
CA PRO A 19 7.78 0.30 -2.00
C PRO A 19 7.49 -1.20 -2.01
N PRO A 20 6.39 -1.58 -1.31
CA PRO A 20 5.99 -2.98 -1.24
C PRO A 20 5.34 -3.42 -2.55
N PHE A 21 5.10 -4.72 -2.64
CA PHE A 21 4.49 -5.29 -3.83
C PHE A 21 3.71 -6.56 -3.49
N ASP A 22 3.21 -7.21 -4.53
CA ASP A 22 2.44 -8.43 -4.36
C ASP A 22 1.28 -8.17 -3.40
N LEU A 23 0.95 -6.89 -3.25
CA LEU A 23 -0.13 -6.50 -2.38
C LEU A 23 -1.31 -7.46 -2.57
N GLU A 24 -2.11 -7.57 -1.51
CA GLU A 24 -3.27 -8.45 -1.55
C GLU A 24 -4.25 -8.09 -0.43
N LEU A 25 -5.46 -8.60 -0.56
CA LEU A 25 -6.49 -8.34 0.43
C LEU A 25 -7.27 -9.63 0.71
N THR A 26 -7.05 -10.17 1.90
CA THR A 26 -7.72 -11.39 2.30
C THR A 26 -7.89 -11.43 3.81
N ASP A 27 -9.12 -11.69 4.23
CA ASP A 27 -9.44 -11.75 5.66
C ASP A 27 -10.41 -12.91 5.90
N GLN A 28 -10.53 -13.28 7.17
CA GLN A 28 -11.42 -14.36 7.56
C GLN A 28 -12.25 -13.96 8.78
N LEU A 29 -12.88 -12.81 8.66
CA LEU A 29 -13.71 -12.30 9.75
C LEU A 29 -14.57 -11.15 9.24
N ASP A 30 -15.88 -11.37 9.25
CA ASP A 30 -16.81 -10.36 8.78
C ASP A 30 -16.86 -9.21 9.80
N LYS A 31 -15.83 -8.37 9.74
CA LYS A 31 -15.75 -7.23 10.65
C LYS A 31 -14.78 -6.20 10.06
N SER A 32 -13.57 -6.65 9.79
CA SER A 32 -12.55 -5.79 9.24
C SER A 32 -11.58 -6.59 8.37
N VAL A 33 -11.57 -6.25 7.09
CA VAL A 33 -10.70 -6.95 6.14
C VAL A 33 -9.25 -6.84 6.63
N GLN A 34 -8.37 -7.54 5.92
CA GLN A 34 -6.97 -7.54 6.26
C GLN A 34 -6.13 -7.21 5.02
N LEU A 35 -5.18 -6.30 5.21
CA LEU A 35 -4.30 -5.90 4.13
C LEU A 35 -2.93 -6.57 4.29
N SER A 36 -2.57 -7.33 3.27
CA SER A 36 -1.29 -8.03 3.29
C SER A 36 -0.35 -7.46 2.24
N TRP A 37 0.59 -6.65 2.70
CA TRP A 37 1.55 -6.02 1.82
C TRP A 37 2.90 -6.71 2.02
N THR A 38 3.79 -6.50 1.06
CA THR A 38 5.12 -7.09 1.12
C THR A 38 6.18 -6.02 0.93
N PRO A 39 6.95 -5.78 2.03
CA PRO A 39 8.02 -4.79 2.00
C PRO A 39 9.23 -5.30 1.22
N GLY A 40 9.59 -4.55 0.20
CA GLY A 40 10.73 -4.92 -0.64
C GLY A 40 12.06 -4.59 0.06
N ASP A 41 13.01 -4.15 -0.74
CA ASP A 41 14.32 -3.79 -0.21
C ASP A 41 14.16 -2.70 0.85
N ASP A 42 15.17 -2.59 1.70
CA ASP A 42 15.16 -1.60 2.76
C ASP A 42 16.20 -0.51 2.45
N ASN A 43 17.11 -0.86 1.57
CA ASN A 43 18.17 0.07 1.17
C ASN A 43 19.00 0.43 2.40
N ASN A 44 19.74 -0.55 2.89
CA ASN A 44 20.59 -0.35 4.05
C ASN A 44 19.70 -0.10 5.28
N SER A 45 18.94 0.98 5.21
CA SER A 45 18.05 1.34 6.30
C SER A 45 16.86 0.39 6.34
N PRO A 46 16.76 -0.37 7.48
CA PRO A 46 15.68 -1.32 7.65
C PRO A 46 14.37 -0.60 7.97
N ILE A 47 13.27 -1.23 7.55
CA ILE A 47 11.95 -0.66 7.79
C ILE A 47 11.68 -0.58 9.29
N THR A 48 10.99 0.47 9.69
CA THR A 48 10.67 0.67 11.09
C THR A 48 9.15 0.78 11.27
N LYS A 49 8.51 1.39 10.28
CA LYS A 49 7.07 1.57 10.32
C LYS A 49 6.50 1.43 8.91
N PHE A 50 5.21 1.14 8.84
CA PHE A 50 4.54 0.97 7.57
C PHE A 50 3.19 1.71 7.57
N ILE A 51 3.16 2.80 6.82
CA ILE A 51 1.95 3.60 6.73
C ILE A 51 1.10 3.08 5.56
N ILE A 52 -0.20 3.27 5.68
CA ILE A 52 -1.13 2.84 4.65
C ILE A 52 -2.03 4.01 4.24
N GLU A 53 -2.58 3.90 3.05
CA GLU A 53 -3.46 4.94 2.53
C GLU A 53 -4.41 4.36 1.48
N TYR A 54 -5.53 5.04 1.31
CA TYR A 54 -6.53 4.60 0.35
C TYR A 54 -7.17 5.80 -0.36
N GLU A 55 -7.72 5.52 -1.53
CA GLU A 55 -8.37 6.56 -2.31
C GLU A 55 -9.81 6.18 -2.63
N ASP A 56 -10.69 7.16 -2.53
CA ASP A 56 -12.10 6.94 -2.80
C ASP A 56 -12.38 7.18 -4.28
N ALA A 57 -12.28 6.11 -5.05
CA ALA A 57 -12.51 6.19 -6.48
C ALA A 57 -13.99 6.47 -6.73
N MET A 58 -14.82 6.02 -5.79
CA MET A 58 -16.25 6.22 -5.90
C MET A 58 -16.62 7.69 -5.68
N HIS A 59 -15.83 8.35 -4.84
CA HIS A 59 -16.08 9.74 -4.53
C HIS A 59 -15.07 10.61 -5.30
N LYS A 60 -13.81 10.49 -4.90
CA LYS A 60 -12.76 11.26 -5.54
C LYS A 60 -11.53 10.36 -5.73
N PRO A 61 -11.33 9.92 -7.00
CA PRO A 61 -10.21 9.05 -7.33
C PRO A 61 -8.91 9.85 -7.38
N GLY A 62 -7.91 9.34 -6.66
CA GLY A 62 -6.62 10.00 -6.61
C GLY A 62 -6.39 10.66 -5.25
N LEU A 63 -7.48 10.86 -4.53
CA LEU A 63 -7.41 11.48 -3.22
C LEU A 63 -7.11 10.41 -2.17
N TRP A 64 -5.85 10.38 -1.75
CA TRP A 64 -5.41 9.42 -0.76
C TRP A 64 -5.55 10.06 0.62
N HIS A 65 -5.91 9.25 1.60
CA HIS A 65 -6.07 9.73 2.95
C HIS A 65 -5.29 8.83 3.92
N HIS A 66 -4.90 9.41 5.04
CA HIS A 66 -4.15 8.67 6.04
C HIS A 66 -5.04 7.60 6.67
N GLN A 67 -4.76 6.36 6.30
CA GLN A 67 -5.53 5.24 6.81
C GLN A 67 -5.00 4.82 8.19
N THR A 68 -3.88 4.11 8.16
CA THR A 68 -3.25 3.65 9.39
C THR A 68 -1.84 3.12 9.11
N GLU A 69 -1.05 3.04 10.17
CA GLU A 69 0.31 2.56 10.05
C GLU A 69 0.57 1.44 11.06
N VAL A 70 1.68 0.76 10.88
CA VAL A 70 2.06 -0.33 11.76
C VAL A 70 3.58 -0.34 11.94
N SER A 71 4.04 -1.31 12.71
CA SER A 71 5.47 -1.44 12.98
C SER A 71 6.19 -1.91 11.71
N GLY A 72 7.51 -1.86 11.77
CA GLY A 72 8.33 -2.27 10.66
C GLY A 72 8.65 -3.77 10.73
N THR A 73 7.84 -4.48 11.50
CA THR A 73 8.02 -5.91 11.65
C THR A 73 6.82 -6.67 11.08
N GLN A 74 5.65 -6.07 11.27
CA GLN A 74 4.42 -6.68 10.78
C GLN A 74 4.20 -6.32 9.32
N THR A 75 3.21 -6.97 8.73
CA THR A 75 2.88 -6.73 7.33
C THR A 75 1.39 -7.02 7.07
N THR A 76 0.63 -7.00 8.15
CA THR A 76 -0.80 -7.26 8.05
C THR A 76 -1.57 -6.34 9.01
N ALA A 77 -2.46 -5.55 8.43
CA ALA A 77 -3.25 -4.63 9.21
C ALA A 77 -4.72 -4.72 8.76
N GLN A 78 -5.61 -4.71 9.74
CA GLN A 78 -7.03 -4.79 9.46
C GLN A 78 -7.54 -3.45 8.91
N LEU A 79 -8.25 -3.55 7.80
CA LEU A 79 -8.80 -2.36 7.16
C LEU A 79 -10.32 -2.34 7.34
N ASN A 80 -10.85 -1.15 7.55
CA ASN A 80 -12.27 -0.98 7.74
C ASN A 80 -12.92 -0.57 6.42
N LEU A 81 -13.65 -1.51 5.84
CA LEU A 81 -14.33 -1.25 4.57
C LEU A 81 -15.83 -1.12 4.82
N SER A 82 -16.48 -0.40 3.91
CA SER A 82 -17.91 -0.19 4.02
C SER A 82 -18.60 -0.57 2.70
N PRO A 83 -19.95 -0.75 2.79
CA PRO A 83 -20.73 -1.12 1.62
C PRO A 83 -20.91 0.08 0.68
N TYR A 84 -20.74 -0.19 -0.60
CA TYR A 84 -20.88 0.86 -1.61
C TYR A 84 -19.81 1.93 -1.44
N VAL A 85 -18.57 1.49 -1.47
CA VAL A 85 -17.45 2.40 -1.31
C VAL A 85 -16.23 1.83 -2.05
N ASN A 86 -16.06 2.28 -3.28
CA ASN A 86 -14.95 1.83 -4.10
C ASN A 86 -13.69 2.64 -3.73
N TYR A 87 -12.56 1.94 -3.74
CA TYR A 87 -11.30 2.57 -3.42
C TYR A 87 -10.14 1.58 -3.51
N SER A 88 -8.94 2.10 -3.34
CA SER A 88 -7.75 1.26 -3.40
C SER A 88 -7.04 1.27 -2.04
N PHE A 89 -5.93 0.53 -1.99
CA PHE A 89 -5.16 0.43 -0.77
C PHE A 89 -3.67 0.33 -1.07
N ARG A 90 -2.91 1.27 -0.53
CA ARG A 90 -1.48 1.30 -0.73
C ARG A 90 -0.75 1.04 0.58
N VAL A 91 0.58 1.12 0.52
CA VAL A 91 1.40 0.90 1.70
C VAL A 91 2.72 1.64 1.54
N MET A 92 3.11 2.33 2.59
CA MET A 92 4.34 3.09 2.59
C MET A 92 5.30 2.58 3.66
N ALA A 93 6.59 2.65 3.35
CA ALA A 93 7.61 2.20 4.28
C ALA A 93 8.41 3.41 4.77
N VAL A 94 8.65 3.43 6.08
CA VAL A 94 9.40 4.51 6.68
C VAL A 94 10.50 3.94 7.57
N ASN A 95 11.71 4.45 7.35
CA ASN A 95 12.85 3.99 8.12
C ASN A 95 13.65 5.20 8.62
N SER A 96 14.85 4.93 9.10
CA SER A 96 15.71 5.98 9.60
C SER A 96 15.74 7.15 8.62
N ILE A 97 15.85 6.81 7.34
CA ILE A 97 15.88 7.82 6.30
C ILE A 97 14.58 8.62 6.33
N GLY A 98 13.60 8.12 5.61
CA GLY A 98 12.30 8.77 5.54
C GLY A 98 11.22 7.82 5.03
N LYS A 99 10.17 8.40 4.48
CA LYS A 99 9.07 7.61 3.96
C LYS A 99 9.25 7.43 2.45
N SER A 100 9.07 6.19 2.02
CA SER A 100 9.22 5.87 0.60
C SER A 100 7.90 6.12 -0.12
N LEU A 101 7.94 5.97 -1.45
CA LEU A 101 6.76 6.17 -2.27
C LEU A 101 5.69 5.15 -1.87
N PRO A 102 4.42 5.49 -2.22
CA PRO A 102 3.30 4.61 -1.91
C PRO A 102 3.27 3.40 -2.85
N SER A 103 2.91 2.26 -2.27
CA SER A 103 2.84 1.03 -3.05
C SER A 103 2.04 1.26 -4.33
N GLU A 104 2.38 0.48 -5.35
CA GLU A 104 1.70 0.59 -6.63
C GLU A 104 0.21 0.91 -6.42
N ALA A 105 -0.54 -0.13 -6.12
CA ALA A 105 -1.98 0.02 -5.89
C ALA A 105 -2.65 -1.35 -5.98
N SER A 106 -3.08 -1.84 -4.83
CA SER A 106 -3.75 -3.13 -4.77
C SER A 106 -4.99 -3.13 -5.66
N GLU A 107 -5.55 -4.31 -5.84
CA GLU A 107 -6.74 -4.46 -6.67
C GLU A 107 -7.88 -3.60 -6.12
N GLN A 108 -8.88 -3.38 -6.96
CA GLN A 108 -10.03 -2.58 -6.57
C GLN A 108 -11.02 -3.43 -5.79
N TYR A 109 -10.95 -3.33 -4.47
CA TYR A 109 -11.83 -4.08 -3.61
C TYR A 109 -13.19 -3.38 -3.48
N LEU A 110 -14.22 -4.08 -3.94
CA LEU A 110 -15.57 -3.54 -3.88
C LEU A 110 -16.45 -4.48 -3.06
N THR A 111 -16.75 -4.04 -1.84
CA THR A 111 -17.58 -4.84 -0.94
C THR A 111 -18.95 -5.10 -1.58
N LYS A 112 -19.72 -5.95 -0.91
CA LYS A 112 -21.04 -6.29 -1.40
C LYS A 112 -21.86 -5.01 -1.60
N ALA A 113 -22.54 -4.94 -2.72
CA ALA A 113 -23.36 -3.78 -3.05
C ALA A 113 -24.60 -4.23 -3.82
N SER A 114 -25.31 -5.19 -3.24
CA SER A 114 -26.51 -5.72 -3.86
C SER A 114 -26.24 -6.01 -5.34
N GLU A 115 -25.25 -6.85 -5.57
CA GLU A 115 -24.89 -7.22 -6.93
C GLU A 115 -23.92 -8.41 -6.92
N PRO A 116 -23.96 -9.19 -8.03
CA PRO A 116 -23.11 -10.36 -8.15
C PRO A 116 -21.66 -9.95 -8.46
N ASP A 117 -21.49 -9.32 -9.60
CA ASP A 117 -20.17 -8.86 -10.02
C ASP A 117 -19.46 -8.23 -8.84
N LYS A 118 -18.14 -8.11 -8.97
CA LYS A 118 -17.33 -7.52 -7.92
C LYS A 118 -17.38 -6.00 -8.03
N ASN A 119 -16.67 -5.48 -9.01
CA ASN A 119 -16.63 -4.04 -9.23
C ASN A 119 -16.81 -3.76 -10.73
N PRO A 120 -17.55 -2.66 -11.02
CA PRO A 120 -17.81 -2.27 -12.39
C PRO A 120 -16.56 -1.64 -13.03
N THR A 121 -15.87 -2.43 -13.82
CA THR A 121 -14.67 -1.97 -14.48
C THR A 121 -15.02 -1.26 -15.79
N SER A 122 -15.04 0.06 -15.73
CA SER A 122 -15.36 0.86 -16.90
C SER A 122 -14.09 1.47 -17.48
N GLY A 123 -14.10 1.64 -18.79
CA GLY A 123 -12.95 2.21 -19.48
C GLY A 123 -12.04 1.12 -20.02
N PRO A 124 -11.20 1.50 -21.03
CA PRO A 124 -10.27 0.56 -21.63
C PRO A 124 -9.09 0.28 -20.71
N SER A 125 -8.84 -1.00 -20.47
CA SER A 125 -7.75 -1.42 -19.61
C SER A 125 -6.62 -2.00 -20.45
N SER A 126 -5.60 -1.18 -20.68
CA SER A 126 -4.46 -1.60 -21.46
C SER A 126 -3.38 -2.20 -20.54
N GLY A 127 -2.68 -3.19 -21.07
CA GLY A 127 -1.64 -3.86 -20.31
C GLY A 127 -0.68 -2.83 -19.70
#